data_3W2Z
# 
_entry.id   3W2Z 
# 
_audit_conform.dict_name       mmcif_pdbx.dic 
_audit_conform.dict_version    5.388 
_audit_conform.dict_location   http://mmcif.pdb.org/dictionaries/ascii/mmcif_pdbx.dic 
# 
loop_
_database_2.database_id 
_database_2.database_code 
_database_2.pdbx_database_accession 
_database_2.pdbx_DOI 
PDB   3W2Z         pdb_00003w2z 10.2210/pdb3w2z/pdb 
RCSB  RCSB095820   ?            ?                   
WWPDB D_1000095820 ?            ?                   
# 
loop_
_pdbx_audit_revision_history.ordinal 
_pdbx_audit_revision_history.data_content_type 
_pdbx_audit_revision_history.major_revision 
_pdbx_audit_revision_history.minor_revision 
_pdbx_audit_revision_history.revision_date 
1 'Structure model' 1 0 2013-01-30 
2 'Structure model' 1 1 2024-03-20 
# 
_pdbx_audit_revision_details.ordinal             1 
_pdbx_audit_revision_details.revision_ordinal    1 
_pdbx_audit_revision_details.data_content_type   'Structure model' 
_pdbx_audit_revision_details.provider            repository 
_pdbx_audit_revision_details.type                'Initial release' 
_pdbx_audit_revision_details.description         ? 
_pdbx_audit_revision_details.details             ? 
# 
loop_
_pdbx_audit_revision_group.ordinal 
_pdbx_audit_revision_group.revision_ordinal 
_pdbx_audit_revision_group.data_content_type 
_pdbx_audit_revision_group.group 
1 2 'Structure model' 'Data collection'      
2 2 'Structure model' 'Database references'  
3 2 'Structure model' 'Derived calculations' 
# 
loop_
_pdbx_audit_revision_category.ordinal 
_pdbx_audit_revision_category.revision_ordinal 
_pdbx_audit_revision_category.data_content_type 
_pdbx_audit_revision_category.category 
1 2 'Structure model' chem_comp_atom     
2 2 'Structure model' chem_comp_bond     
3 2 'Structure model' database_2         
4 2 'Structure model' struct_ref_seq_dif 
5 2 'Structure model' struct_site        
# 
loop_
_pdbx_audit_revision_item.ordinal 
_pdbx_audit_revision_item.revision_ordinal 
_pdbx_audit_revision_item.data_content_type 
_pdbx_audit_revision_item.item 
1 2 'Structure model' '_database_2.pdbx_DOI'                
2 2 'Structure model' '_database_2.pdbx_database_accession' 
3 2 'Structure model' '_struct_ref_seq_dif.details'         
4 2 'Structure model' '_struct_site.pdbx_auth_asym_id'      
5 2 'Structure model' '_struct_site.pdbx_auth_comp_id'      
6 2 'Structure model' '_struct_site.pdbx_auth_seq_id'       
# 
_pdbx_database_status.status_code                     REL 
_pdbx_database_status.entry_id                        3W2Z 
_pdbx_database_status.recvd_initial_deposition_date   2012-12-06 
_pdbx_database_status.deposit_site                    PDBJ 
_pdbx_database_status.process_site                    PDBJ 
_pdbx_database_status.methods_development_category    ? 
_pdbx_database_status.status_code_sf                  REL 
_pdbx_database_status.status_code_mr                  ? 
_pdbx_database_status.SG_entry                        ? 
_pdbx_database_status.status_code_cs                  ? 
_pdbx_database_status.pdb_format_compatible           Y 
_pdbx_database_status.status_code_nmr_data            ? 
# 
_pdbx_database_related.db_name        PDB 
_pdbx_database_related.db_id          3VV4 
_pdbx_database_related.details        . 
_pdbx_database_related.content_type   unspecified 
# 
loop_
_audit_author.name 
_audit_author.pdbx_ordinal 
'Narikawa, R.' 1 
'Muraki, N.'   2 
'Shiba, T.'    3 
'Kurisu, G.'   4 
'Ikeuchi, M.'  5 
# 
_citation.id                        primary 
_citation.title                     
;Structures of cyanobacteriochromes from phototaxis regulators AnPixJ and TePixJ reveal general and specific photoconversion mechanism
;
_citation.journal_abbrev            Proc.Natl.Acad.Sci.USA 
_citation.journal_volume            110 
_citation.page_first                918 
_citation.page_last                 923 
_citation.year                      2013 
_citation.journal_id_ASTM           PNASA6 
_citation.country                   US 
_citation.journal_id_ISSN           0027-8424 
_citation.journal_id_CSD            0040 
_citation.book_publisher            ? 
_citation.pdbx_database_id_PubMed   23256156 
_citation.pdbx_database_id_DOI      10.1073/pnas.1212098110 
# 
loop_
_citation_author.citation_id 
_citation_author.name 
_citation_author.ordinal 
_citation_author.identifier_ORCID 
primary 'Narikawa, R.' 1 ? 
primary 'Ishizuka, T.' 2 ? 
primary 'Muraki, N.'   3 ? 
primary 'Shiba, T.'    4 ? 
primary 'Kurisu, G.'   5 ? 
primary 'Ikeuchi, M.'  6 ? 
# 
loop_
_entity.id 
_entity.type 
_entity.src_method 
_entity.pdbx_description 
_entity.formula_weight 
_entity.pdbx_number_of_molecules 
_entity.pdbx_ec 
_entity.pdbx_mutation 
_entity.pdbx_fragment 
_entity.details 
1 polymer     man 'Methyl-accepting chemotaxis protein' 22782.717 1   ? ? 'UNP RESIDUES 221-397' ? 
2 non-polymer syn PHYCOCYANOBILIN                       588.694   1   ? ? ?                      ? 
3 non-polymer syn 'IODIDE ION'                          126.904   1   ? ? ?                      ? 
4 water       nat water                                 18.015    185 ? ? ?                      ? 
# 
_entity_poly.entity_id                      1 
_entity_poly.type                           'polypeptide(L)' 
_entity_poly.nstd_linkage                   no 
_entity_poly.nstd_monomer                   no 
_entity_poly.pdbx_seq_one_letter_code       
;MGSSHHHHHHSSGLVPRGSHMAVSKVMEKILRVSNIDKIFQTTTQEIRQLLKCDRVAVYRFNPDWSGEFVAESVGSGWVK
LVGPDIKTVWEDTHLQETQGGRYRHQESFVVNDIYEAGHFSCHLEILEQFEIKAYIIVPVFAAEKLWGLLAAYQNSGTRE
WVEWESSFLTQVGLQFGIAISHAEYLEQTRLQSEQMIR
;
_entity_poly.pdbx_seq_one_letter_code_can   
;MGSSHHHHHHSSGLVPRGSHMAVSKVMEKILRVSNIDKIFQTTTQEIRQLLKCDRVAVYRFNPDWSGEFVAESVGSGWVK
LVGPDIKTVWEDTHLQETQGGRYRHQESFVVNDIYEAGHFSCHLEILEQFEIKAYIIVPVFAAEKLWGLLAAYQNSGTRE
WVEWESSFLTQVGLQFGIAISHAEYLEQTRLQSEQMIR
;
_entity_poly.pdbx_strand_id                 A 
_entity_poly.pdbx_target_identifier         ? 
# 
loop_
_pdbx_entity_nonpoly.entity_id 
_pdbx_entity_nonpoly.name 
_pdbx_entity_nonpoly.comp_id 
2 PHYCOCYANOBILIN CYC 
3 'IODIDE ION'    IOD 
4 water           HOH 
# 
loop_
_entity_poly_seq.entity_id 
_entity_poly_seq.num 
_entity_poly_seq.mon_id 
_entity_poly_seq.hetero 
1 1   MET n 
1 2   GLY n 
1 3   SER n 
1 4   SER n 
1 5   HIS n 
1 6   HIS n 
1 7   HIS n 
1 8   HIS n 
1 9   HIS n 
1 10  HIS n 
1 11  SER n 
1 12  SER n 
1 13  GLY n 
1 14  LEU n 
1 15  VAL n 
1 16  PRO n 
1 17  ARG n 
1 18  GLY n 
1 19  SER n 
1 20  HIS n 
1 21  MET n 
1 22  ALA n 
1 23  VAL n 
1 24  SER n 
1 25  LYS n 
1 26  VAL n 
1 27  MET n 
1 28  GLU n 
1 29  LYS n 
1 30  ILE n 
1 31  LEU n 
1 32  ARG n 
1 33  VAL n 
1 34  SER n 
1 35  ASN n 
1 36  ILE n 
1 37  ASP n 
1 38  LYS n 
1 39  ILE n 
1 40  PHE n 
1 41  GLN n 
1 42  THR n 
1 43  THR n 
1 44  THR n 
1 45  GLN n 
1 46  GLU n 
1 47  ILE n 
1 48  ARG n 
1 49  GLN n 
1 50  LEU n 
1 51  LEU n 
1 52  LYS n 
1 53  CYS n 
1 54  ASP n 
1 55  ARG n 
1 56  VAL n 
1 57  ALA n 
1 58  VAL n 
1 59  TYR n 
1 60  ARG n 
1 61  PHE n 
1 62  ASN n 
1 63  PRO n 
1 64  ASP n 
1 65  TRP n 
1 66  SER n 
1 67  GLY n 
1 68  GLU n 
1 69  PHE n 
1 70  VAL n 
1 71  ALA n 
1 72  GLU n 
1 73  SER n 
1 74  VAL n 
1 75  GLY n 
1 76  SER n 
1 77  GLY n 
1 78  TRP n 
1 79  VAL n 
1 80  LYS n 
1 81  LEU n 
1 82  VAL n 
1 83  GLY n 
1 84  PRO n 
1 85  ASP n 
1 86  ILE n 
1 87  LYS n 
1 88  THR n 
1 89  VAL n 
1 90  TRP n 
1 91  GLU n 
1 92  ASP n 
1 93  THR n 
1 94  HIS n 
1 95  LEU n 
1 96  GLN n 
1 97  GLU n 
1 98  THR n 
1 99  GLN n 
1 100 GLY n 
1 101 GLY n 
1 102 ARG n 
1 103 TYR n 
1 104 ARG n 
1 105 HIS n 
1 106 GLN n 
1 107 GLU n 
1 108 SER n 
1 109 PHE n 
1 110 VAL n 
1 111 VAL n 
1 112 ASN n 
1 113 ASP n 
1 114 ILE n 
1 115 TYR n 
1 116 GLU n 
1 117 ALA n 
1 118 GLY n 
1 119 HIS n 
1 120 PHE n 
1 121 SER n 
1 122 CYS n 
1 123 HIS n 
1 124 LEU n 
1 125 GLU n 
1 126 ILE n 
1 127 LEU n 
1 128 GLU n 
1 129 GLN n 
1 130 PHE n 
1 131 GLU n 
1 132 ILE n 
1 133 LYS n 
1 134 ALA n 
1 135 TYR n 
1 136 ILE n 
1 137 ILE n 
1 138 VAL n 
1 139 PRO n 
1 140 VAL n 
1 141 PHE n 
1 142 ALA n 
1 143 ALA n 
1 144 GLU n 
1 145 LYS n 
1 146 LEU n 
1 147 TRP n 
1 148 GLY n 
1 149 LEU n 
1 150 LEU n 
1 151 ALA n 
1 152 ALA n 
1 153 TYR n 
1 154 GLN n 
1 155 ASN n 
1 156 SER n 
1 157 GLY n 
1 158 THR n 
1 159 ARG n 
1 160 GLU n 
1 161 TRP n 
1 162 VAL n 
1 163 GLU n 
1 164 TRP n 
1 165 GLU n 
1 166 SER n 
1 167 SER n 
1 168 PHE n 
1 169 LEU n 
1 170 THR n 
1 171 GLN n 
1 172 VAL n 
1 173 GLY n 
1 174 LEU n 
1 175 GLN n 
1 176 PHE n 
1 177 GLY n 
1 178 ILE n 
1 179 ALA n 
1 180 ILE n 
1 181 SER n 
1 182 HIS n 
1 183 ALA n 
1 184 GLU n 
1 185 TYR n 
1 186 LEU n 
1 187 GLU n 
1 188 GLN n 
1 189 THR n 
1 190 ARG n 
1 191 LEU n 
1 192 GLN n 
1 193 SER n 
1 194 GLU n 
1 195 GLN n 
1 196 MET n 
1 197 ILE n 
1 198 ARG n 
# 
_entity_src_gen.entity_id                          1 
_entity_src_gen.pdbx_src_id                        1 
_entity_src_gen.pdbx_alt_source_flag               sample 
_entity_src_gen.pdbx_seq_type                      ? 
_entity_src_gen.pdbx_beg_seq_num                   ? 
_entity_src_gen.pdbx_end_seq_num                   ? 
_entity_src_gen.gene_src_common_name               ? 
_entity_src_gen.gene_src_genus                     ? 
_entity_src_gen.pdbx_gene_src_gene                 all1069 
_entity_src_gen.gene_src_species                   ? 
_entity_src_gen.gene_src_strain                    'PCC 7120' 
_entity_src_gen.gene_src_tissue                    ? 
_entity_src_gen.gene_src_tissue_fraction           ? 
_entity_src_gen.gene_src_details                   ? 
_entity_src_gen.pdbx_gene_src_fragment             ? 
_entity_src_gen.pdbx_gene_src_scientific_name      Nostoc 
_entity_src_gen.pdbx_gene_src_ncbi_taxonomy_id     103690 
_entity_src_gen.pdbx_gene_src_variant              ? 
_entity_src_gen.pdbx_gene_src_cell_line            ? 
_entity_src_gen.pdbx_gene_src_atcc                 ? 
_entity_src_gen.pdbx_gene_src_organ                ? 
_entity_src_gen.pdbx_gene_src_organelle            ? 
_entity_src_gen.pdbx_gene_src_cell                 ? 
_entity_src_gen.pdbx_gene_src_cellular_location    ? 
_entity_src_gen.host_org_common_name               ? 
_entity_src_gen.pdbx_host_org_scientific_name      'ESCHERICHIA COLI' 
_entity_src_gen.pdbx_host_org_ncbi_taxonomy_id     562 
_entity_src_gen.host_org_genus                     ? 
_entity_src_gen.pdbx_host_org_gene                 ? 
_entity_src_gen.pdbx_host_org_organ                ? 
_entity_src_gen.host_org_species                   ? 
_entity_src_gen.pdbx_host_org_tissue               ? 
_entity_src_gen.pdbx_host_org_tissue_fraction      ? 
_entity_src_gen.pdbx_host_org_strain               'BL21 (DE3) PKT271' 
_entity_src_gen.pdbx_host_org_variant              ? 
_entity_src_gen.pdbx_host_org_cell_line            ? 
_entity_src_gen.pdbx_host_org_atcc                 ? 
_entity_src_gen.pdbx_host_org_culture_collection   ? 
_entity_src_gen.pdbx_host_org_cell                 ? 
_entity_src_gen.pdbx_host_org_organelle            ? 
_entity_src_gen.pdbx_host_org_cellular_location    ? 
_entity_src_gen.pdbx_host_org_vector_type          PLASMID 
_entity_src_gen.pdbx_host_org_vector               ? 
_entity_src_gen.host_org_details                   ? 
_entity_src_gen.expression_system_id               ? 
_entity_src_gen.plasmid_name                       PET28A 
_entity_src_gen.plasmid_details                    ? 
_entity_src_gen.pdbx_description                   ? 
# 
loop_
_chem_comp.id 
_chem_comp.type 
_chem_comp.mon_nstd_flag 
_chem_comp.name 
_chem_comp.pdbx_synonyms 
_chem_comp.formula 
_chem_comp.formula_weight 
ALA 'L-peptide linking' y ALANINE         ? 'C3 H7 N O2'     89.093  
ARG 'L-peptide linking' y ARGININE        ? 'C6 H15 N4 O2 1' 175.209 
ASN 'L-peptide linking' y ASPARAGINE      ? 'C4 H8 N2 O3'    132.118 
ASP 'L-peptide linking' y 'ASPARTIC ACID' ? 'C4 H7 N O4'     133.103 
CYC non-polymer         . PHYCOCYANOBILIN ? 'C33 H40 N4 O6'  588.694 
CYS 'L-peptide linking' y CYSTEINE        ? 'C3 H7 N O2 S'   121.158 
GLN 'L-peptide linking' y GLUTAMINE       ? 'C5 H10 N2 O3'   146.144 
GLU 'L-peptide linking' y 'GLUTAMIC ACID' ? 'C5 H9 N O4'     147.129 
GLY 'peptide linking'   y GLYCINE         ? 'C2 H5 N O2'     75.067  
HIS 'L-peptide linking' y HISTIDINE       ? 'C6 H10 N3 O2 1' 156.162 
HOH non-polymer         . WATER           ? 'H2 O'           18.015  
ILE 'L-peptide linking' y ISOLEUCINE      ? 'C6 H13 N O2'    131.173 
IOD non-polymer         . 'IODIDE ION'    ? 'I -1'           126.904 
LEU 'L-peptide linking' y LEUCINE         ? 'C6 H13 N O2'    131.173 
LYS 'L-peptide linking' y LYSINE          ? 'C6 H15 N2 O2 1' 147.195 
MET 'L-peptide linking' y METHIONINE      ? 'C5 H11 N O2 S'  149.211 
PHE 'L-peptide linking' y PHENYLALANINE   ? 'C9 H11 N O2'    165.189 
PRO 'L-peptide linking' y PROLINE         ? 'C5 H9 N O2'     115.130 
SER 'L-peptide linking' y SERINE          ? 'C3 H7 N O3'     105.093 
THR 'L-peptide linking' y THREONINE       ? 'C4 H9 N O3'     119.119 
TRP 'L-peptide linking' y TRYPTOPHAN      ? 'C11 H12 N2 O2'  204.225 
TYR 'L-peptide linking' y TYROSINE        ? 'C9 H11 N O3'    181.189 
VAL 'L-peptide linking' y VALINE          ? 'C5 H11 N O2'    117.146 
# 
loop_
_pdbx_poly_seq_scheme.asym_id 
_pdbx_poly_seq_scheme.entity_id 
_pdbx_poly_seq_scheme.seq_id 
_pdbx_poly_seq_scheme.mon_id 
_pdbx_poly_seq_scheme.ndb_seq_num 
_pdbx_poly_seq_scheme.pdb_seq_num 
_pdbx_poly_seq_scheme.auth_seq_num 
_pdbx_poly_seq_scheme.pdb_mon_id 
_pdbx_poly_seq_scheme.auth_mon_id 
_pdbx_poly_seq_scheme.pdb_strand_id 
_pdbx_poly_seq_scheme.pdb_ins_code 
_pdbx_poly_seq_scheme.hetero 
A 1 1   MET 1   1   ?   ?   ?   A . n 
A 1 2   GLY 2   2   ?   ?   ?   A . n 
A 1 3   SER 3   3   ?   ?   ?   A . n 
A 1 4   SER 4   4   ?   ?   ?   A . n 
A 1 5   HIS 5   5   ?   ?   ?   A . n 
A 1 6   HIS 6   6   ?   ?   ?   A . n 
A 1 7   HIS 7   7   ?   ?   ?   A . n 
A 1 8   HIS 8   8   ?   ?   ?   A . n 
A 1 9   HIS 9   9   ?   ?   ?   A . n 
A 1 10  HIS 10  10  ?   ?   ?   A . n 
A 1 11  SER 11  11  ?   ?   ?   A . n 
A 1 12  SER 12  12  12  SER SER A . n 
A 1 13  GLY 13  13  13  GLY GLY A . n 
A 1 14  LEU 14  14  14  LEU LEU A . n 
A 1 15  VAL 15  15  15  VAL VAL A . n 
A 1 16  PRO 16  16  16  PRO PRO A . n 
A 1 17  ARG 17  17  17  ARG ARG A . n 
A 1 18  GLY 18  18  18  GLY GLY A . n 
A 1 19  SER 19  19  19  SER SER A . n 
A 1 20  HIS 20  20  20  HIS HIS A . n 
A 1 21  MET 21  21  21  MET MET A . n 
A 1 22  ALA 22  22  22  ALA ALA A . n 
A 1 23  VAL 23  23  23  VAL VAL A . n 
A 1 24  SER 24  24  24  SER SER A . n 
A 1 25  LYS 25  25  25  LYS LYS A . n 
A 1 26  VAL 26  26  26  VAL VAL A . n 
A 1 27  MET 27  27  27  MET MET A . n 
A 1 28  GLU 28  28  28  GLU GLU A . n 
A 1 29  LYS 29  29  29  LYS LYS A . n 
A 1 30  ILE 30  30  30  ILE ILE A . n 
A 1 31  LEU 31  31  31  LEU LEU A . n 
A 1 32  ARG 32  32  32  ARG ARG A . n 
A 1 33  VAL 33  33  33  VAL VAL A . n 
A 1 34  SER 34  34  34  SER SER A . n 
A 1 35  ASN 35  35  35  ASN ASN A . n 
A 1 36  ILE 36  36  36  ILE ILE A . n 
A 1 37  ASP 37  37  37  ASP ASP A . n 
A 1 38  LYS 38  38  38  LYS LYS A . n 
A 1 39  ILE 39  39  39  ILE ILE A . n 
A 1 40  PHE 40  40  40  PHE PHE A . n 
A 1 41  GLN 41  41  41  GLN GLN A . n 
A 1 42  THR 42  42  42  THR THR A . n 
A 1 43  THR 43  43  43  THR THR A . n 
A 1 44  THR 44  44  44  THR THR A . n 
A 1 45  GLN 45  45  45  GLN GLN A . n 
A 1 46  GLU 46  46  46  GLU GLU A . n 
A 1 47  ILE 47  47  47  ILE ILE A . n 
A 1 48  ARG 48  48  48  ARG ARG A . n 
A 1 49  GLN 49  49  49  GLN GLN A . n 
A 1 50  LEU 50  50  50  LEU LEU A . n 
A 1 51  LEU 51  51  51  LEU LEU A . n 
A 1 52  LYS 52  52  52  LYS LYS A . n 
A 1 53  CYS 53  53  53  CYS CYS A . n 
A 1 54  ASP 54  54  54  ASP ASP A . n 
A 1 55  ARG 55  55  55  ARG ARG A . n 
A 1 56  VAL 56  56  56  VAL VAL A . n 
A 1 57  ALA 57  57  57  ALA ALA A . n 
A 1 58  VAL 58  58  58  VAL VAL A . n 
A 1 59  TYR 59  59  59  TYR TYR A . n 
A 1 60  ARG 60  60  60  ARG ARG A . n 
A 1 61  PHE 61  61  61  PHE PHE A . n 
A 1 62  ASN 62  62  62  ASN ASN A . n 
A 1 63  PRO 63  63  63  PRO PRO A . n 
A 1 64  ASP 64  64  64  ASP ASP A . n 
A 1 65  TRP 65  65  65  TRP TRP A . n 
A 1 66  SER 66  66  66  SER SER A . n 
A 1 67  GLY 67  67  67  GLY GLY A . n 
A 1 68  GLU 68  68  68  GLU GLU A . n 
A 1 69  PHE 69  69  69  PHE PHE A . n 
A 1 70  VAL 70  70  70  VAL VAL A . n 
A 1 71  ALA 71  71  71  ALA ALA A . n 
A 1 72  GLU 72  72  72  GLU GLU A . n 
A 1 73  SER 73  73  73  SER SER A . n 
A 1 74  VAL 74  74  74  VAL VAL A . n 
A 1 75  GLY 75  75  75  GLY GLY A . n 
A 1 76  SER 76  76  76  SER SER A . n 
A 1 77  GLY 77  77  77  GLY GLY A . n 
A 1 78  TRP 78  78  78  TRP TRP A . n 
A 1 79  VAL 79  79  79  VAL VAL A . n 
A 1 80  LYS 80  80  80  LYS LYS A . n 
A 1 81  LEU 81  81  81  LEU LEU A . n 
A 1 82  VAL 82  82  82  VAL VAL A . n 
A 1 83  GLY 83  83  83  GLY GLY A . n 
A 1 84  PRO 84  84  84  PRO PRO A . n 
A 1 85  ASP 85  85  85  ASP ASP A . n 
A 1 86  ILE 86  86  86  ILE ILE A . n 
A 1 87  LYS 87  87  87  LYS LYS A . n 
A 1 88  THR 88  88  88  THR THR A . n 
A 1 89  VAL 89  89  89  VAL VAL A . n 
A 1 90  TRP 90  90  90  TRP TRP A . n 
A 1 91  GLU 91  91  91  GLU GLU A . n 
A 1 92  ASP 92  92  92  ASP ASP A . n 
A 1 93  THR 93  93  93  THR THR A . n 
A 1 94  HIS 94  94  94  HIS HIS A . n 
A 1 95  LEU 95  95  95  LEU LEU A . n 
A 1 96  GLN 96  96  96  GLN GLN A . n 
A 1 97  GLU 97  97  97  GLU GLU A . n 
A 1 98  THR 98  98  98  THR THR A . n 
A 1 99  GLN 99  99  99  GLN GLN A . n 
A 1 100 GLY 100 100 100 GLY GLY A . n 
A 1 101 GLY 101 101 101 GLY GLY A . n 
A 1 102 ARG 102 102 102 ARG ARG A . n 
A 1 103 TYR 103 103 103 TYR TYR A . n 
A 1 104 ARG 104 104 104 ARG ARG A . n 
A 1 105 HIS 105 105 105 HIS HIS A . n 
A 1 106 GLN 106 106 106 GLN GLN A . n 
A 1 107 GLU 107 107 107 GLU GLU A . n 
A 1 108 SER 108 108 108 SER SER A . n 
A 1 109 PHE 109 109 109 PHE PHE A . n 
A 1 110 VAL 110 110 110 VAL VAL A . n 
A 1 111 VAL 111 111 111 VAL VAL A . n 
A 1 112 ASN 112 112 112 ASN ASN A . n 
A 1 113 ASP 113 113 113 ASP ASP A . n 
A 1 114 ILE 114 114 114 ILE ILE A . n 
A 1 115 TYR 115 115 115 TYR TYR A . n 
A 1 116 GLU 116 116 116 GLU GLU A . n 
A 1 117 ALA 117 117 117 ALA ALA A . n 
A 1 118 GLY 118 118 118 GLY GLY A . n 
A 1 119 HIS 119 119 119 HIS HIS A . n 
A 1 120 PHE 120 120 120 PHE PHE A . n 
A 1 121 SER 121 121 121 SER SER A . n 
A 1 122 CYS 122 122 122 CYS CYS A . n 
A 1 123 HIS 123 123 123 HIS HIS A . n 
A 1 124 LEU 124 124 124 LEU LEU A . n 
A 1 125 GLU 125 125 125 GLU GLU A . n 
A 1 126 ILE 126 126 126 ILE ILE A . n 
A 1 127 LEU 127 127 127 LEU LEU A . n 
A 1 128 GLU 128 128 128 GLU GLU A . n 
A 1 129 GLN 129 129 129 GLN GLN A . n 
A 1 130 PHE 130 130 130 PHE PHE A . n 
A 1 131 GLU 131 131 131 GLU GLU A . n 
A 1 132 ILE 132 132 132 ILE ILE A . n 
A 1 133 LYS 133 133 133 LYS LYS A . n 
A 1 134 ALA 134 134 134 ALA ALA A . n 
A 1 135 TYR 135 135 135 TYR TYR A . n 
A 1 136 ILE 136 136 136 ILE ILE A . n 
A 1 137 ILE 137 137 137 ILE ILE A . n 
A 1 138 VAL 138 138 138 VAL VAL A . n 
A 1 139 PRO 139 139 139 PRO PRO A . n 
A 1 140 VAL 140 140 140 VAL VAL A . n 
A 1 141 PHE 141 141 141 PHE PHE A . n 
A 1 142 ALA 142 142 142 ALA ALA A . n 
A 1 143 ALA 143 143 143 ALA ALA A . n 
A 1 144 GLU 144 144 144 GLU GLU A . n 
A 1 145 LYS 145 145 145 LYS LYS A . n 
A 1 146 LEU 146 146 146 LEU LEU A . n 
A 1 147 TRP 147 147 147 TRP TRP A . n 
A 1 148 GLY 148 148 148 GLY GLY A . n 
A 1 149 LEU 149 149 149 LEU LEU A . n 
A 1 150 LEU 150 150 150 LEU LEU A . n 
A 1 151 ALA 151 151 151 ALA ALA A . n 
A 1 152 ALA 152 152 152 ALA ALA A . n 
A 1 153 TYR 153 153 153 TYR TYR A . n 
A 1 154 GLN 154 154 154 GLN GLN A . n 
A 1 155 ASN 155 155 155 ASN ASN A . n 
A 1 156 SER 156 156 156 SER SER A . n 
A 1 157 GLY 157 157 157 GLY GLY A . n 
A 1 158 THR 158 158 158 THR THR A . n 
A 1 159 ARG 159 159 159 ARG ARG A . n 
A 1 160 GLU 160 160 160 GLU GLU A . n 
A 1 161 TRP 161 161 161 TRP TRP A . n 
A 1 162 VAL 162 162 162 VAL VAL A . n 
A 1 163 GLU 163 163 163 GLU GLU A . n 
A 1 164 TRP 164 164 164 TRP TRP A . n 
A 1 165 GLU 165 165 165 GLU GLU A . n 
A 1 166 SER 166 166 166 SER SER A . n 
A 1 167 SER 167 167 167 SER SER A . n 
A 1 168 PHE 168 168 168 PHE PHE A . n 
A 1 169 LEU 169 169 169 LEU LEU A . n 
A 1 170 THR 170 170 170 THR THR A . n 
A 1 171 GLN 171 171 171 GLN GLN A . n 
A 1 172 VAL 172 172 172 VAL VAL A . n 
A 1 173 GLY 173 173 173 GLY GLY A . n 
A 1 174 LEU 174 174 174 LEU LEU A . n 
A 1 175 GLN 175 175 175 GLN GLN A . n 
A 1 176 PHE 176 176 176 PHE PHE A . n 
A 1 177 GLY 177 177 177 GLY GLY A . n 
A 1 178 ILE 178 178 178 ILE ILE A . n 
A 1 179 ALA 179 179 179 ALA ALA A . n 
A 1 180 ILE 180 180 180 ILE ILE A . n 
A 1 181 SER 181 181 181 SER SER A . n 
A 1 182 HIS 182 182 182 HIS HIS A . n 
A 1 183 ALA 183 183 183 ALA ALA A . n 
A 1 184 GLU 184 184 184 GLU GLU A . n 
A 1 185 TYR 185 185 185 TYR TYR A . n 
A 1 186 LEU 186 186 186 LEU LEU A . n 
A 1 187 GLU 187 187 187 GLU GLU A . n 
A 1 188 GLN 188 188 188 GLN GLN A . n 
A 1 189 THR 189 189 189 THR THR A . n 
A 1 190 ARG 190 190 ?   ?   ?   A . n 
A 1 191 LEU 191 191 ?   ?   ?   A . n 
A 1 192 GLN 192 192 ?   ?   ?   A . n 
A 1 193 SER 193 193 ?   ?   ?   A . n 
A 1 194 GLU 194 194 ?   ?   ?   A . n 
A 1 195 GLN 195 195 ?   ?   ?   A . n 
A 1 196 MET 196 196 ?   ?   ?   A . n 
A 1 197 ILE 197 197 ?   ?   ?   A . n 
A 1 198 ARG 198 198 ?   ?   ?   A . n 
# 
loop_
_pdbx_nonpoly_scheme.asym_id 
_pdbx_nonpoly_scheme.entity_id 
_pdbx_nonpoly_scheme.mon_id 
_pdbx_nonpoly_scheme.ndb_seq_num 
_pdbx_nonpoly_scheme.pdb_seq_num 
_pdbx_nonpoly_scheme.auth_seq_num 
_pdbx_nonpoly_scheme.pdb_mon_id 
_pdbx_nonpoly_scheme.auth_mon_id 
_pdbx_nonpoly_scheme.pdb_strand_id 
_pdbx_nonpoly_scheme.pdb_ins_code 
B 2 CYC 1   201 199 CYC CYC A . 
C 3 IOD 1   202 200 IOD IOD A . 
D 4 HOH 1   301 201 HOH HOH A . 
D 4 HOH 2   302 202 HOH HOH A . 
D 4 HOH 3   303 203 HOH HOH A . 
D 4 HOH 4   304 204 HOH HOH A . 
D 4 HOH 5   305 205 HOH HOH A . 
D 4 HOH 6   306 206 HOH HOH A . 
D 4 HOH 7   307 207 HOH HOH A . 
D 4 HOH 8   308 208 HOH HOH A . 
D 4 HOH 9   309 209 HOH HOH A . 
D 4 HOH 10  310 210 HOH HOH A . 
D 4 HOH 11  311 211 HOH HOH A . 
D 4 HOH 12  312 212 HOH HOH A . 
D 4 HOH 13  313 213 HOH HOH A . 
D 4 HOH 14  314 214 HOH HOH A . 
D 4 HOH 15  315 215 HOH HOH A . 
D 4 HOH 16  316 216 HOH HOH A . 
D 4 HOH 17  317 217 HOH HOH A . 
D 4 HOH 18  318 218 HOH HOH A . 
D 4 HOH 19  319 219 HOH HOH A . 
D 4 HOH 20  320 220 HOH HOH A . 
D 4 HOH 21  321 221 HOH HOH A . 
D 4 HOH 22  322 222 HOH HOH A . 
D 4 HOH 23  323 223 HOH HOH A . 
D 4 HOH 24  324 224 HOH HOH A . 
D 4 HOH 25  325 225 HOH HOH A . 
D 4 HOH 26  326 226 HOH HOH A . 
D 4 HOH 27  327 227 HOH HOH A . 
D 4 HOH 28  328 228 HOH HOH A . 
D 4 HOH 29  329 229 HOH HOH A . 
D 4 HOH 30  330 230 HOH HOH A . 
D 4 HOH 31  331 231 HOH HOH A . 
D 4 HOH 32  332 232 HOH HOH A . 
D 4 HOH 33  333 233 HOH HOH A . 
D 4 HOH 34  334 234 HOH HOH A . 
D 4 HOH 35  335 235 HOH HOH A . 
D 4 HOH 36  336 236 HOH HOH A . 
D 4 HOH 37  337 237 HOH HOH A . 
D 4 HOH 38  338 238 HOH HOH A . 
D 4 HOH 39  339 239 HOH HOH A . 
D 4 HOH 40  340 240 HOH HOH A . 
D 4 HOH 41  341 241 HOH HOH A . 
D 4 HOH 42  342 242 HOH HOH A . 
D 4 HOH 43  343 243 HOH HOH A . 
D 4 HOH 44  344 244 HOH HOH A . 
D 4 HOH 45  345 245 HOH HOH A . 
D 4 HOH 46  346 246 HOH HOH A . 
D 4 HOH 47  347 247 HOH HOH A . 
D 4 HOH 48  348 248 HOH HOH A . 
D 4 HOH 49  349 249 HOH HOH A . 
D 4 HOH 50  350 250 HOH HOH A . 
D 4 HOH 51  351 251 HOH HOH A . 
D 4 HOH 52  352 252 HOH HOH A . 
D 4 HOH 53  353 253 HOH HOH A . 
D 4 HOH 54  354 254 HOH HOH A . 
D 4 HOH 55  355 255 HOH HOH A . 
D 4 HOH 56  356 256 HOH HOH A . 
D 4 HOH 57  357 257 HOH HOH A . 
D 4 HOH 58  358 258 HOH HOH A . 
D 4 HOH 59  359 259 HOH HOH A . 
D 4 HOH 60  360 260 HOH HOH A . 
D 4 HOH 61  361 261 HOH HOH A . 
D 4 HOH 62  362 262 HOH HOH A . 
D 4 HOH 63  363 263 HOH HOH A . 
D 4 HOH 64  364 264 HOH HOH A . 
D 4 HOH 65  365 265 HOH HOH A . 
D 4 HOH 66  366 266 HOH HOH A . 
D 4 HOH 67  367 267 HOH HOH A . 
D 4 HOH 68  368 268 HOH HOH A . 
D 4 HOH 69  369 269 HOH HOH A . 
D 4 HOH 70  370 270 HOH HOH A . 
D 4 HOH 71  371 271 HOH HOH A . 
D 4 HOH 72  372 272 HOH HOH A . 
D 4 HOH 73  373 273 HOH HOH A . 
D 4 HOH 74  374 274 HOH HOH A . 
D 4 HOH 75  375 275 HOH HOH A . 
D 4 HOH 76  376 276 HOH HOH A . 
D 4 HOH 77  377 277 HOH HOH A . 
D 4 HOH 78  378 278 HOH HOH A . 
D 4 HOH 79  379 279 HOH HOH A . 
D 4 HOH 80  380 280 HOH HOH A . 
D 4 HOH 81  381 281 HOH HOH A . 
D 4 HOH 82  382 282 HOH HOH A . 
D 4 HOH 83  383 283 HOH HOH A . 
D 4 HOH 84  384 284 HOH HOH A . 
D 4 HOH 85  385 285 HOH HOH A . 
D 4 HOH 86  386 286 HOH HOH A . 
D 4 HOH 87  387 287 HOH HOH A . 
D 4 HOH 88  388 288 HOH HOH A . 
D 4 HOH 89  389 289 HOH HOH A . 
D 4 HOH 90  390 290 HOH HOH A . 
D 4 HOH 91  391 291 HOH HOH A . 
D 4 HOH 92  392 292 HOH HOH A . 
D 4 HOH 93  393 293 HOH HOH A . 
D 4 HOH 94  394 294 HOH HOH A . 
D 4 HOH 95  395 295 HOH HOH A . 
D 4 HOH 96  396 296 HOH HOH A . 
D 4 HOH 97  397 297 HOH HOH A . 
D 4 HOH 98  398 298 HOH HOH A . 
D 4 HOH 99  399 299 HOH HOH A . 
D 4 HOH 100 400 300 HOH HOH A . 
D 4 HOH 101 401 301 HOH HOH A . 
D 4 HOH 102 402 302 HOH HOH A . 
D 4 HOH 103 403 303 HOH HOH A . 
D 4 HOH 104 404 304 HOH HOH A . 
D 4 HOH 105 405 305 HOH HOH A . 
D 4 HOH 106 406 306 HOH HOH A . 
D 4 HOH 107 407 307 HOH HOH A . 
D 4 HOH 108 408 308 HOH HOH A . 
D 4 HOH 109 409 309 HOH HOH A . 
D 4 HOH 110 410 310 HOH HOH A . 
D 4 HOH 111 411 311 HOH HOH A . 
D 4 HOH 112 412 312 HOH HOH A . 
D 4 HOH 113 413 313 HOH HOH A . 
D 4 HOH 114 414 314 HOH HOH A . 
D 4 HOH 115 415 315 HOH HOH A . 
D 4 HOH 116 416 316 HOH HOH A . 
D 4 HOH 117 417 317 HOH HOH A . 
D 4 HOH 118 418 318 HOH HOH A . 
D 4 HOH 119 419 319 HOH HOH A . 
D 4 HOH 120 420 320 HOH HOH A . 
D 4 HOH 121 421 321 HOH HOH A . 
D 4 HOH 122 422 322 HOH HOH A . 
D 4 HOH 123 423 323 HOH HOH A . 
D 4 HOH 124 424 324 HOH HOH A . 
D 4 HOH 125 425 325 HOH HOH A . 
D 4 HOH 126 426 326 HOH HOH A . 
D 4 HOH 127 427 327 HOH HOH A . 
D 4 HOH 128 428 328 HOH HOH A . 
D 4 HOH 129 429 329 HOH HOH A . 
D 4 HOH 130 430 330 HOH HOH A . 
D 4 HOH 131 431 331 HOH HOH A . 
D 4 HOH 132 432 332 HOH HOH A . 
D 4 HOH 133 433 333 HOH HOH A . 
D 4 HOH 134 434 334 HOH HOH A . 
D 4 HOH 135 435 335 HOH HOH A . 
D 4 HOH 136 436 336 HOH HOH A . 
D 4 HOH 137 437 337 HOH HOH A . 
D 4 HOH 138 438 338 HOH HOH A . 
D 4 HOH 139 439 339 HOH HOH A . 
D 4 HOH 140 440 340 HOH HOH A . 
D 4 HOH 141 441 341 HOH HOH A . 
D 4 HOH 142 442 342 HOH HOH A . 
D 4 HOH 143 443 343 HOH HOH A . 
D 4 HOH 144 444 344 HOH HOH A . 
D 4 HOH 145 445 345 HOH HOH A . 
D 4 HOH 146 446 346 HOH HOH A . 
D 4 HOH 147 447 347 HOH HOH A . 
D 4 HOH 148 448 348 HOH HOH A . 
D 4 HOH 149 449 349 HOH HOH A . 
D 4 HOH 150 450 350 HOH HOH A . 
D 4 HOH 151 451 351 HOH HOH A . 
D 4 HOH 152 452 352 HOH HOH A . 
D 4 HOH 153 453 353 HOH HOH A . 
D 4 HOH 154 454 354 HOH HOH A . 
D 4 HOH 155 455 355 HOH HOH A . 
D 4 HOH 156 456 356 HOH HOH A . 
D 4 HOH 157 457 357 HOH HOH A . 
D 4 HOH 158 458 358 HOH HOH A . 
D 4 HOH 159 459 359 HOH HOH A . 
D 4 HOH 160 460 360 HOH HOH A . 
D 4 HOH 161 461 361 HOH HOH A . 
D 4 HOH 162 462 362 HOH HOH A . 
D 4 HOH 163 463 363 HOH HOH A . 
D 4 HOH 164 464 364 HOH HOH A . 
D 4 HOH 165 465 365 HOH HOH A . 
D 4 HOH 166 466 366 HOH HOH A . 
D 4 HOH 167 467 367 HOH HOH A . 
D 4 HOH 168 468 368 HOH HOH A . 
D 4 HOH 169 469 369 HOH HOH A . 
D 4 HOH 170 470 370 HOH HOH A . 
D 4 HOH 171 471 371 HOH HOH A . 
D 4 HOH 172 472 372 HOH HOH A . 
D 4 HOH 173 473 373 HOH HOH A . 
D 4 HOH 174 474 374 HOH HOH A . 
D 4 HOH 175 475 375 HOH HOH A . 
D 4 HOH 176 476 376 HOH HOH A . 
D 4 HOH 177 477 377 HOH HOH A . 
D 4 HOH 178 478 378 HOH HOH A . 
D 4 HOH 179 479 379 HOH HOH A . 
D 4 HOH 180 480 380 HOH HOH A . 
D 4 HOH 181 481 381 HOH HOH A . 
D 4 HOH 182 482 382 HOH HOH A . 
D 4 HOH 183 483 383 HOH HOH A . 
D 4 HOH 184 484 384 HOH HOH A . 
D 4 HOH 185 485 385 HOH HOH A . 
# 
loop_
_software.name 
_software.classification 
_software.version 
_software.citation_id 
_software.pdbx_ordinal 
SOLVE    phasing          .        ? 1 
REFMAC   refinement       5.2.0019 ? 2 
HKL-2000 'data reduction' .        ? 3 
HKL-2000 'data scaling'   .        ? 4 
# 
_cell.entry_id           3W2Z 
_cell.length_a           69.133 
_cell.length_b           69.133 
_cell.length_c           124.110 
_cell.angle_alpha        90.00 
_cell.angle_beta         90.00 
_cell.angle_gamma        90.00 
_cell.Z_PDB              8 
_cell.pdbx_unique_axis   ? 
_cell.length_a_esd       ? 
_cell.length_b_esd       ? 
_cell.length_c_esd       ? 
_cell.angle_alpha_esd    ? 
_cell.angle_beta_esd     ? 
_cell.angle_gamma_esd    ? 
# 
_symmetry.entry_id                         3W2Z 
_symmetry.space_group_name_H-M             'P 43 21 2' 
_symmetry.pdbx_full_space_group_name_H-M   ? 
_symmetry.cell_setting                     ? 
_symmetry.Int_Tables_number                96 
_symmetry.space_group_name_Hall            ? 
# 
_exptl.entry_id          3W2Z 
_exptl.method            'X-RAY DIFFRACTION' 
_exptl.crystals_number   1 
# 
_exptl_crystal.id                    1 
_exptl_crystal.density_meas          ? 
_exptl_crystal.density_Matthews      3.25 
_exptl_crystal.density_percent_sol   62.21 
_exptl_crystal.description           ? 
_exptl_crystal.F_000                 ? 
_exptl_crystal.preparation           ? 
# 
_exptl_crystal_grow.crystal_id      1 
_exptl_crystal_grow.method          'VAPOR DIFFUSION' 
_exptl_crystal_grow.temp            277 
_exptl_crystal_grow.temp_details    ? 
_exptl_crystal_grow.pH              7.5 
_exptl_crystal_grow.pdbx_details    '20% PEG8000, 0.2M POTASSIUM IODIDE, pH 7.5, VAPOR DIFFUSION, temperature 277K' 
_exptl_crystal_grow.pdbx_pH_range   . 
# 
_diffrn.id                     1 
_diffrn.ambient_temp           100 
_diffrn.ambient_temp_details   ? 
_diffrn.crystal_id             1 
# 
_diffrn_detector.diffrn_id              1 
_diffrn_detector.detector               CCD 
_diffrn_detector.type                   'ADSC QUANTUM 315' 
_diffrn_detector.pdbx_collection_date   2007-10-10 
_diffrn_detector.details                ? 
# 
_diffrn_radiation.diffrn_id                        1 
_diffrn_radiation.wavelength_id                    1 
_diffrn_radiation.pdbx_monochromatic_or_laue_m_l   M 
_diffrn_radiation.monochromator                    'SI 111 CHANNEL' 
_diffrn_radiation.pdbx_diffrn_protocol             'SINGLE WAVELENGTH' 
_diffrn_radiation.pdbx_scattering_type             x-ray 
# 
_diffrn_radiation_wavelength.id           1 
_diffrn_radiation_wavelength.wavelength   1.0 
_diffrn_radiation_wavelength.wt           1.0 
# 
_diffrn_source.diffrn_id                   1 
_diffrn_source.source                      SYNCHROTRON 
_diffrn_source.type                        'PHOTON FACTORY BEAMLINE BL-5A' 
_diffrn_source.pdbx_synchrotron_site       'Photon Factory' 
_diffrn_source.pdbx_synchrotron_beamline   BL-5A 
_diffrn_source.pdbx_wavelength             1.0 
_diffrn_source.pdbx_wavelength_list        ? 
# 
_reflns.entry_id                     3W2Z 
_reflns.observed_criterion_sigma_I   ? 
_reflns.observed_criterion_sigma_F   ? 
_reflns.d_resolution_low             50.000 
_reflns.d_resolution_high            1.800 
_reflns.number_obs                   28763 
_reflns.number_all                   ? 
_reflns.percent_possible_obs         99.7 
_reflns.pdbx_Rmerge_I_obs            0.05700 
_reflns.pdbx_Rsym_value              ? 
_reflns.pdbx_netI_over_sigmaI        ? 
_reflns.B_iso_Wilson_estimate        ? 
_reflns.pdbx_redundancy              13.500 
_reflns.R_free_details               ? 
_reflns.limit_h_max                  ? 
_reflns.limit_h_min                  ? 
_reflns.limit_k_max                  ? 
_reflns.limit_k_min                  ? 
_reflns.limit_l_max                  ? 
_reflns.limit_l_min                  ? 
_reflns.observed_criterion_F_max     ? 
_reflns.observed_criterion_F_min     ? 
_reflns.pdbx_chi_squared             ? 
_reflns.pdbx_scaling_rejects         ? 
_reflns.pdbx_ordinal                 1 
_reflns.pdbx_diffrn_id               1 
# 
_reflns_shell.d_res_high                  1.80 
_reflns_shell.d_res_low                   1.86 
_reflns_shell.percent_possible_all        98.9 
_reflns_shell.Rmerge_I_obs                0.39900 
_reflns_shell.pdbx_Rsym_value             ? 
_reflns_shell.meanI_over_sigI_obs         ? 
_reflns_shell.pdbx_redundancy             13.30 
_reflns_shell.percent_possible_obs        ? 
_reflns_shell.number_unique_all           ? 
_reflns_shell.number_measured_all         ? 
_reflns_shell.number_measured_obs         ? 
_reflns_shell.number_unique_obs           ? 
_reflns_shell.pdbx_chi_squared            ? 
_reflns_shell.pdbx_rejects                ? 
_reflns_shell.pdbx_netI_over_sigmaI_obs   ? 
_reflns_shell.number_possible             ? 
_reflns_shell.Rmerge_F_all                ? 
_reflns_shell.Rmerge_F_obs                ? 
_reflns_shell.Rmerge_I_all                ? 
_reflns_shell.meanI_over_sigI_all         ? 
_reflns_shell.pdbx_Rrim_I_all             ? 
_reflns_shell.pdbx_Rpim_I_all             ? 
_reflns_shell.pdbx_ordinal                1 
_reflns_shell.pdbx_diffrn_id              1 
# 
_refine.entry_id                                 3W2Z 
_refine.ls_number_reflns_obs                     27175 
_refine.ls_number_reflns_all                     ? 
_refine.pdbx_ls_sigma_I                          ? 
_refine.pdbx_ls_sigma_F                          ? 
_refine.pdbx_data_cutoff_high_absF               ? 
_refine.pdbx_data_cutoff_low_absF                ? 
_refine.pdbx_data_cutoff_high_rms_absF           ? 
_refine.ls_d_res_low                             28.31 
_refine.ls_d_res_high                            1.80 
_refine.ls_percent_reflns_obs                    99.4 
_refine.ls_R_factor_obs                          0.199 
_refine.ls_R_factor_all                          ? 
_refine.ls_R_factor_R_work                       0.197 
_refine.ls_R_factor_R_free                       0.224 
_refine.ls_R_factor_R_free_error                 ? 
_refine.ls_R_factor_R_free_error_details         ? 
_refine.ls_percent_reflns_R_free                 5.100 
_refine.ls_number_reflns_R_free                  1448 
_refine.ls_number_parameters                     ? 
_refine.ls_number_restraints                     ? 
_refine.occupancy_min                            ? 
_refine.occupancy_max                            ? 
_refine.correlation_coeff_Fo_to_Fc               0.956 
_refine.correlation_coeff_Fo_to_Fc_free          0.944 
_refine.B_iso_mean                               29.47 
_refine.aniso_B[1][1]                            0.32000 
_refine.aniso_B[2][2]                            0.32000 
_refine.aniso_B[3][3]                            -0.64000 
_refine.aniso_B[1][2]                            0.00000 
_refine.aniso_B[1][3]                            0.00000 
_refine.aniso_B[2][3]                            0.00000 
_refine.solvent_model_details                    MASK 
_refine.solvent_model_param_ksol                 ? 
_refine.solvent_model_param_bsol                 ? 
_refine.pdbx_solvent_vdw_probe_radii             1.20 
_refine.pdbx_solvent_ion_probe_radii             0.80 
_refine.pdbx_solvent_shrinkage_radii             0.80 
_refine.pdbx_ls_cross_valid_method               THROUGHOUT 
_refine.details                                  'HYDROGENS HAVE BEEN ADDED IN THE RIDING POSITIONS' 
_refine.pdbx_starting_model                      ? 
_refine.pdbx_method_to_determine_struct          SAD 
_refine.pdbx_isotropic_thermal_model             ? 
_refine.pdbx_stereochemistry_target_values       'MAXIMUM LIKELIHOOD' 
_refine.pdbx_stereochem_target_val_spec_case     ? 
_refine.pdbx_R_Free_selection_details            RANDOM 
_refine.pdbx_overall_ESU_R                       0.104 
_refine.pdbx_overall_ESU_R_Free                  0.102 
_refine.overall_SU_ML                            0.075 
_refine.pdbx_overall_phase_error                 ? 
_refine.overall_SU_B                             2.395 
_refine.overall_SU_R_Cruickshank_DPI             ? 
_refine.ls_redundancy_reflns_obs                 ? 
_refine.B_iso_min                                ? 
_refine.B_iso_max                                ? 
_refine.overall_SU_R_free                        ? 
_refine.ls_wR_factor_R_free                      ? 
_refine.ls_wR_factor_R_work                      ? 
_refine.overall_FOM_free_R_set                   ? 
_refine.overall_FOM_work_R_set                   ? 
_refine.pdbx_diffrn_id                           1 
_refine.pdbx_refine_id                           'X-RAY DIFFRACTION' 
_refine.pdbx_TLS_residual_ADP_flag               ? 
_refine.pdbx_overall_SU_R_free_Cruickshank_DPI   ? 
_refine.pdbx_overall_SU_R_Blow_DPI               ? 
_refine.pdbx_overall_SU_R_free_Blow_DPI          ? 
# 
_refine_hist.pdbx_refine_id                   'X-RAY DIFFRACTION' 
_refine_hist.cycle_id                         LAST 
_refine_hist.pdbx_number_atoms_protein        1438 
_refine_hist.pdbx_number_atoms_nucleic_acid   0 
_refine_hist.pdbx_number_atoms_ligand         44 
_refine_hist.number_atoms_solvent             185 
_refine_hist.number_atoms_total               1667 
_refine_hist.d_res_high                       1.80 
_refine_hist.d_res_low                        28.31 
# 
loop_
_refine_ls_restr.type 
_refine_ls_restr.dev_ideal 
_refine_ls_restr.dev_ideal_target 
_refine_ls_restr.weight 
_refine_ls_restr.number 
_refine_ls_restr.pdbx_restraint_function 
_refine_ls_restr.pdbx_refine_id 
r_bond_refined_d             0.015  0.022  ? 1557 ? 'X-RAY DIFFRACTION' 
r_bond_other_d               ?      ?      ? ?    ? 'X-RAY DIFFRACTION' 
r_angle_refined_deg          1.519  1.952  ? 2121 ? 'X-RAY DIFFRACTION' 
r_angle_other_deg            ?      ?      ? ?    ? 'X-RAY DIFFRACTION' 
r_dihedral_angle_1_deg       5.567  5.000  ? 185  ? 'X-RAY DIFFRACTION' 
r_dihedral_angle_2_deg       40.622 24.267 ? 75   ? 'X-RAY DIFFRACTION' 
r_dihedral_angle_3_deg       14.693 15.000 ? 257  ? 'X-RAY DIFFRACTION' 
r_dihedral_angle_4_deg       18.183 15.000 ? 8    ? 'X-RAY DIFFRACTION' 
r_chiral_restr               0.121  0.200  ? 223  ? 'X-RAY DIFFRACTION' 
r_gen_planes_refined         0.007  0.020  ? 1206 ? 'X-RAY DIFFRACTION' 
r_gen_planes_other           ?      ?      ? ?    ? 'X-RAY DIFFRACTION' 
r_nbd_refined                0.227  0.200  ? 734  ? 'X-RAY DIFFRACTION' 
r_nbd_other                  ?      ?      ? ?    ? 'X-RAY DIFFRACTION' 
r_nbtor_refined              0.307  0.200  ? 1076 ? 'X-RAY DIFFRACTION' 
r_nbtor_other                ?      ?      ? ?    ? 'X-RAY DIFFRACTION' 
r_xyhbond_nbd_refined        0.203  0.200  ? 137  ? 'X-RAY DIFFRACTION' 
r_xyhbond_nbd_other          ?      ?      ? ?    ? 'X-RAY DIFFRACTION' 
r_metal_ion_refined          ?      ?      ? ?    ? 'X-RAY DIFFRACTION' 
r_metal_ion_other            ?      ?      ? ?    ? 'X-RAY DIFFRACTION' 
r_symmetry_vdw_refined       0.261  0.200  ? 37   ? 'X-RAY DIFFRACTION' 
r_symmetry_vdw_other         ?      ?      ? ?    ? 'X-RAY DIFFRACTION' 
r_symmetry_hbond_refined     0.503  0.200  ? 21   ? 'X-RAY DIFFRACTION' 
r_symmetry_hbond_other       ?      ?      ? ?    ? 'X-RAY DIFFRACTION' 
r_symmetry_metal_ion_refined ?      ?      ? ?    ? 'X-RAY DIFFRACTION' 
r_symmetry_metal_ion_other   ?      ?      ? ?    ? 'X-RAY DIFFRACTION' 
r_mcbond_it                  1.010  1.500  ? 909  ? 'X-RAY DIFFRACTION' 
r_mcbond_other               ?      ?      ? ?    ? 'X-RAY DIFFRACTION' 
r_mcangle_it                 1.812  2.000  ? 1465 ? 'X-RAY DIFFRACTION' 
r_scbond_it                  2.600  3.000  ? 734  ? 'X-RAY DIFFRACTION' 
r_scangle_it                 4.314  4.500  ? 656  ? 'X-RAY DIFFRACTION' 
r_rigid_bond_restr           ?      ?      ? ?    ? 'X-RAY DIFFRACTION' 
r_sphericity_free            ?      ?      ? ?    ? 'X-RAY DIFFRACTION' 
r_sphericity_bonded          ?      ?      ? ?    ? 'X-RAY DIFFRACTION' 
# 
_refine_ls_shell.pdbx_refine_id                   'X-RAY DIFFRACTION' 
_refine_ls_shell.pdbx_total_number_of_bins_used   20 
_refine_ls_shell.d_res_high                       1.80 
_refine_ls_shell.d_res_low                        1.84 
_refine_ls_shell.number_reflns_R_work             1925 
_refine_ls_shell.R_factor_R_work                  0.2720 
_refine_ls_shell.percent_reflns_obs               97.96 
_refine_ls_shell.R_factor_R_free                  0.3040 
_refine_ls_shell.R_factor_R_free_error            ? 
_refine_ls_shell.percent_reflns_R_free            ? 
_refine_ls_shell.number_reflns_R_free             96 
_refine_ls_shell.number_reflns_all                ? 
_refine_ls_shell.R_factor_all                     ? 
_refine_ls_shell.number_reflns_obs                ? 
_refine_ls_shell.redundancy_reflns_obs            ? 
# 
_struct.entry_id                  3W2Z 
_struct.title                     'Crystal structure of the cyanobacterial protein' 
_struct.pdbx_model_details        ? 
_struct.pdbx_CASP_flag            ? 
_struct.pdbx_model_type_details   ? 
# 
_struct_keywords.entry_id        3W2Z 
_struct_keywords.pdbx_keywords   'SIGNALING PROTEIN' 
_struct_keywords.text            'PHOTORECEPTOR, CYANOBACTERIOCHROME, GAF DOMAIN, SIGNALING PROTEIN' 
# 
loop_
_struct_asym.id 
_struct_asym.pdbx_blank_PDB_chainid_flag 
_struct_asym.pdbx_modified 
_struct_asym.entity_id 
_struct_asym.details 
A N N 1 ? 
B N N 2 ? 
C N N 3 ? 
D N N 4 ? 
# 
_struct_ref.id                         1 
_struct_ref.db_name                    UNP 
_struct_ref.db_code                    Q8YXY7_NOSS1 
_struct_ref.pdbx_db_accession          Q8YXY7 
_struct_ref.entity_id                  1 
_struct_ref.pdbx_seq_one_letter_code   
;AVSKVMEKILRVSNIDKIFQTTTQEIRQLLKCDRVAVYRFNPDWSGEFVAESVGSGWVKLVGPDIKTVWEDTHLQETQGG
RYRHQESFVVNDIYEAGHFSCHLEILEQFEIKAYIIVPVFAAEKLWGLLAAYQNSGTREWVEWESSFLTQVGLQFGIAIS
HAEYLEQTRLQSEQMIR
;
_struct_ref.pdbx_align_begin           221 
_struct_ref.pdbx_db_isoform            ? 
# 
_struct_ref_seq.align_id                      1 
_struct_ref_seq.ref_id                        1 
_struct_ref_seq.pdbx_PDB_id_code              3W2Z 
_struct_ref_seq.pdbx_strand_id                A 
_struct_ref_seq.seq_align_beg                 22 
_struct_ref_seq.pdbx_seq_align_beg_ins_code   ? 
_struct_ref_seq.seq_align_end                 198 
_struct_ref_seq.pdbx_seq_align_end_ins_code   ? 
_struct_ref_seq.pdbx_db_accession             Q8YXY7 
_struct_ref_seq.db_align_beg                  221 
_struct_ref_seq.pdbx_db_align_beg_ins_code    ? 
_struct_ref_seq.db_align_end                  397 
_struct_ref_seq.pdbx_db_align_end_ins_code    ? 
_struct_ref_seq.pdbx_auth_seq_align_beg       22 
_struct_ref_seq.pdbx_auth_seq_align_end       198 
# 
loop_
_struct_ref_seq_dif.align_id 
_struct_ref_seq_dif.pdbx_pdb_id_code 
_struct_ref_seq_dif.mon_id 
_struct_ref_seq_dif.pdbx_pdb_strand_id 
_struct_ref_seq_dif.seq_num 
_struct_ref_seq_dif.pdbx_pdb_ins_code 
_struct_ref_seq_dif.pdbx_seq_db_name 
_struct_ref_seq_dif.pdbx_seq_db_accession_code 
_struct_ref_seq_dif.db_mon_id 
_struct_ref_seq_dif.pdbx_seq_db_seq_num 
_struct_ref_seq_dif.details 
_struct_ref_seq_dif.pdbx_auth_seq_num 
_struct_ref_seq_dif.pdbx_ordinal 
1 3W2Z MET A 1  ? UNP Q8YXY7 ? ? 'expression tag' 1  1  
1 3W2Z GLY A 2  ? UNP Q8YXY7 ? ? 'expression tag' 2  2  
1 3W2Z SER A 3  ? UNP Q8YXY7 ? ? 'expression tag' 3  3  
1 3W2Z SER A 4  ? UNP Q8YXY7 ? ? 'expression tag' 4  4  
1 3W2Z HIS A 5  ? UNP Q8YXY7 ? ? 'expression tag' 5  5  
1 3W2Z HIS A 6  ? UNP Q8YXY7 ? ? 'expression tag' 6  6  
1 3W2Z HIS A 7  ? UNP Q8YXY7 ? ? 'expression tag' 7  7  
1 3W2Z HIS A 8  ? UNP Q8YXY7 ? ? 'expression tag' 8  8  
1 3W2Z HIS A 9  ? UNP Q8YXY7 ? ? 'expression tag' 9  9  
1 3W2Z HIS A 10 ? UNP Q8YXY7 ? ? 'expression tag' 10 10 
1 3W2Z SER A 11 ? UNP Q8YXY7 ? ? 'expression tag' 11 11 
1 3W2Z SER A 12 ? UNP Q8YXY7 ? ? 'expression tag' 12 12 
1 3W2Z GLY A 13 ? UNP Q8YXY7 ? ? 'expression tag' 13 13 
1 3W2Z LEU A 14 ? UNP Q8YXY7 ? ? 'expression tag' 14 14 
1 3W2Z VAL A 15 ? UNP Q8YXY7 ? ? 'expression tag' 15 15 
1 3W2Z PRO A 16 ? UNP Q8YXY7 ? ? 'expression tag' 16 16 
1 3W2Z ARG A 17 ? UNP Q8YXY7 ? ? 'expression tag' 17 17 
1 3W2Z GLY A 18 ? UNP Q8YXY7 ? ? 'expression tag' 18 18 
1 3W2Z SER A 19 ? UNP Q8YXY7 ? ? 'expression tag' 19 19 
1 3W2Z HIS A 20 ? UNP Q8YXY7 ? ? 'expression tag' 20 20 
1 3W2Z MET A 21 ? UNP Q8YXY7 ? ? 'expression tag' 21 21 
# 
_pdbx_struct_assembly.id                   1 
_pdbx_struct_assembly.details              author_and_software_defined_assembly 
_pdbx_struct_assembly.method_details       PISA 
_pdbx_struct_assembly.oligomeric_details   dimeric 
_pdbx_struct_assembly.oligomeric_count     2 
# 
loop_
_pdbx_struct_assembly_prop.biol_id 
_pdbx_struct_assembly_prop.type 
_pdbx_struct_assembly_prop.value 
_pdbx_struct_assembly_prop.details 
1 'ABSA (A^2)' 5630  ? 
1 MORE         -51   ? 
1 'SSA (A^2)'  16540 ? 
# 
_pdbx_struct_assembly_gen.assembly_id       1 
_pdbx_struct_assembly_gen.oper_expression   1,2 
_pdbx_struct_assembly_gen.asym_id_list      A,B,C,D 
# 
loop_
_pdbx_struct_oper_list.id 
_pdbx_struct_oper_list.type 
_pdbx_struct_oper_list.name 
_pdbx_struct_oper_list.symmetry_operation 
_pdbx_struct_oper_list.matrix[1][1] 
_pdbx_struct_oper_list.matrix[1][2] 
_pdbx_struct_oper_list.matrix[1][3] 
_pdbx_struct_oper_list.vector[1] 
_pdbx_struct_oper_list.matrix[2][1] 
_pdbx_struct_oper_list.matrix[2][2] 
_pdbx_struct_oper_list.matrix[2][3] 
_pdbx_struct_oper_list.vector[2] 
_pdbx_struct_oper_list.matrix[3][1] 
_pdbx_struct_oper_list.matrix[3][2] 
_pdbx_struct_oper_list.matrix[3][3] 
_pdbx_struct_oper_list.vector[3] 
1 'identity operation'         1_555 x,y,z  1.0000000000  0.0000000000 0.0000000000 0.0000000000  0.0000000000 1.0000000000  0.0000000000 0.0000000000 0.0000000000 0.0000000000 1.0000000000 0.0000000000   
2 'crystal symmetry operation' 7_555 y,x,-z -0.7658266469 0.2656899091 0.5855923660 27.9164112698 0.2656899091 -0.6985518341 0.6644051529 4.5646447945 0.5855923660 0.6644051529 0.4643784810 -13.2345640833 
# 
_struct_biol.id        1 
_struct_biol.details   ? 
# 
loop_
_struct_conf.conf_type_id 
_struct_conf.id 
_struct_conf.pdbx_PDB_helix_id 
_struct_conf.beg_label_comp_id 
_struct_conf.beg_label_asym_id 
_struct_conf.beg_label_seq_id 
_struct_conf.pdbx_beg_PDB_ins_code 
_struct_conf.end_label_comp_id 
_struct_conf.end_label_asym_id 
_struct_conf.end_label_seq_id 
_struct_conf.pdbx_end_PDB_ins_code 
_struct_conf.beg_auth_comp_id 
_struct_conf.beg_auth_asym_id 
_struct_conf.beg_auth_seq_id 
_struct_conf.end_auth_comp_id 
_struct_conf.end_auth_asym_id 
_struct_conf.end_auth_seq_id 
_struct_conf.pdbx_PDB_helix_class 
_struct_conf.details 
_struct_conf.pdbx_PDB_helix_length 
HELX_P HELX_P1 1 ARG A 17  ? VAL A 33  ? ARG A 17  VAL A 33  1 ? 17 
HELX_P HELX_P2 2 ASN A 35  ? LYS A 52  ? ASN A 35  LYS A 52  1 ? 18 
HELX_P HELX_P3 3 ASP A 92  ? THR A 98  ? ASP A 92  THR A 98  1 ? 7  
HELX_P HELX_P4 4 GLY A 100 ? GLN A 106 ? GLY A 100 GLN A 106 5 ? 7  
HELX_P HELX_P5 5 ASP A 113 ? ALA A 117 ? ASP A 113 ALA A 117 5 ? 5  
HELX_P HELX_P6 6 PHE A 120 ? PHE A 130 ? PHE A 120 PHE A 130 1 ? 11 
HELX_P HELX_P7 7 VAL A 162 ? GLU A 187 ? VAL A 162 GLU A 187 1 ? 26 
# 
_struct_conf_type.id          HELX_P 
_struct_conf_type.criteria    ? 
_struct_conf_type.reference   ? 
# 
_struct_mon_prot_cis.pdbx_id                1 
_struct_mon_prot_cis.label_comp_id          GLU 
_struct_mon_prot_cis.label_seq_id           187 
_struct_mon_prot_cis.label_asym_id          A 
_struct_mon_prot_cis.label_alt_id           . 
_struct_mon_prot_cis.pdbx_PDB_ins_code      ? 
_struct_mon_prot_cis.auth_comp_id           GLU 
_struct_mon_prot_cis.auth_seq_id            187 
_struct_mon_prot_cis.auth_asym_id           A 
_struct_mon_prot_cis.pdbx_label_comp_id_2   GLN 
_struct_mon_prot_cis.pdbx_label_seq_id_2    188 
_struct_mon_prot_cis.pdbx_label_asym_id_2   A 
_struct_mon_prot_cis.pdbx_PDB_ins_code_2    ? 
_struct_mon_prot_cis.pdbx_auth_comp_id_2    GLN 
_struct_mon_prot_cis.pdbx_auth_seq_id_2     188 
_struct_mon_prot_cis.pdbx_auth_asym_id_2    A 
_struct_mon_prot_cis.pdbx_PDB_model_num     1 
_struct_mon_prot_cis.pdbx_omega_angle       0.49 
# 
_struct_sheet.id               A 
_struct_sheet.type             ? 
_struct_sheet.number_strands   6 
_struct_sheet.details          ? 
# 
loop_
_struct_sheet_order.sheet_id 
_struct_sheet_order.range_id_1 
_struct_sheet_order.range_id_2 
_struct_sheet_order.offset 
_struct_sheet_order.sense 
A 1 2 ? anti-parallel 
A 2 3 ? anti-parallel 
A 3 4 ? anti-parallel 
A 4 5 ? anti-parallel 
A 5 6 ? anti-parallel 
# 
loop_
_struct_sheet_range.sheet_id 
_struct_sheet_range.id 
_struct_sheet_range.beg_label_comp_id 
_struct_sheet_range.beg_label_asym_id 
_struct_sheet_range.beg_label_seq_id 
_struct_sheet_range.pdbx_beg_PDB_ins_code 
_struct_sheet_range.end_label_comp_id 
_struct_sheet_range.end_label_asym_id 
_struct_sheet_range.end_label_seq_id 
_struct_sheet_range.pdbx_end_PDB_ins_code 
_struct_sheet_range.beg_auth_comp_id 
_struct_sheet_range.beg_auth_asym_id 
_struct_sheet_range.beg_auth_seq_id 
_struct_sheet_range.end_auth_comp_id 
_struct_sheet_range.end_auth_asym_id 
_struct_sheet_range.end_auth_seq_id 
A 1 VAL A 89  ? TRP A 90  ? VAL A 89  TRP A 90  
A 2 GLY A 67  ? VAL A 74  ? GLY A 67  VAL A 74  
A 3 ARG A 55  ? PHE A 61  ? ARG A 55  PHE A 61  
A 4 LYS A 145 ? GLN A 154 ? LYS A 145 GLN A 154 
A 5 ALA A 134 ? ALA A 142 ? ALA A 134 ALA A 142 
A 6 PHE A 109 ? VAL A 111 ? PHE A 109 VAL A 111 
# 
loop_
_pdbx_struct_sheet_hbond.sheet_id 
_pdbx_struct_sheet_hbond.range_id_1 
_pdbx_struct_sheet_hbond.range_id_2 
_pdbx_struct_sheet_hbond.range_1_label_atom_id 
_pdbx_struct_sheet_hbond.range_1_label_comp_id 
_pdbx_struct_sheet_hbond.range_1_label_asym_id 
_pdbx_struct_sheet_hbond.range_1_label_seq_id 
_pdbx_struct_sheet_hbond.range_1_PDB_ins_code 
_pdbx_struct_sheet_hbond.range_1_auth_atom_id 
_pdbx_struct_sheet_hbond.range_1_auth_comp_id 
_pdbx_struct_sheet_hbond.range_1_auth_asym_id 
_pdbx_struct_sheet_hbond.range_1_auth_seq_id 
_pdbx_struct_sheet_hbond.range_2_label_atom_id 
_pdbx_struct_sheet_hbond.range_2_label_comp_id 
_pdbx_struct_sheet_hbond.range_2_label_asym_id 
_pdbx_struct_sheet_hbond.range_2_label_seq_id 
_pdbx_struct_sheet_hbond.range_2_PDB_ins_code 
_pdbx_struct_sheet_hbond.range_2_auth_atom_id 
_pdbx_struct_sheet_hbond.range_2_auth_comp_id 
_pdbx_struct_sheet_hbond.range_2_auth_asym_id 
_pdbx_struct_sheet_hbond.range_2_auth_seq_id 
A 1 2 O TRP A 90  ? O TRP A 90  N GLY A 67  ? N GLY A 67  
A 2 3 O VAL A 70  ? O VAL A 70  N VAL A 58  ? N VAL A 58  
A 3 4 N ARG A 55  ? N ARG A 55  O TYR A 153 ? O TYR A 153 
A 4 5 O GLN A 154 ? O GLN A 154 N ALA A 134 ? N ALA A 134 
A 5 6 O TYR A 135 ? O TYR A 135 N VAL A 111 ? N VAL A 111 
# 
loop_
_struct_site.id 
_struct_site.pdbx_evidence_code 
_struct_site.pdbx_auth_asym_id 
_struct_site.pdbx_auth_comp_id 
_struct_site.pdbx_auth_seq_id 
_struct_site.pdbx_auth_ins_code 
_struct_site.pdbx_num_residues 
_struct_site.details 
AC1 Software A CYC 201 ? 20 'BINDING SITE FOR RESIDUE CYC A 201' 
AC2 Software A IOD 202 ? 2  'BINDING SITE FOR RESIDUE IOD A 202' 
# 
loop_
_struct_site_gen.id 
_struct_site_gen.site_id 
_struct_site_gen.pdbx_num_res 
_struct_site_gen.label_comp_id 
_struct_site_gen.label_asym_id 
_struct_site_gen.label_seq_id 
_struct_site_gen.pdbx_auth_ins_code 
_struct_site_gen.auth_comp_id 
_struct_site_gen.auth_asym_id 
_struct_site_gen.auth_seq_id 
_struct_site_gen.label_atom_id 
_struct_site_gen.label_alt_id 
_struct_site_gen.symmetry 
_struct_site_gen.details 
1  AC1 20 TYR A 59  ? TYR A 59  . ? 1_555 ? 
2  AC1 20 PHE A 69  ? PHE A 69  . ? 1_555 ? 
3  AC1 20 TRP A 90  ? TRP A 90  . ? 1_555 ? 
4  AC1 20 GLU A 91  ? GLU A 91  . ? 1_555 ? 
5  AC1 20 ASP A 92  ? ASP A 92  . ? 1_555 ? 
6  AC1 20 THR A 93  ? THR A 93  . ? 1_555 ? 
7  AC1 20 HIS A 94  ? HIS A 94  . ? 1_555 ? 
8  AC1 20 ARG A 102 ? ARG A 102 . ? 1_555 ? 
9  AC1 20 TYR A 103 ? TYR A 103 . ? 1_555 ? 
10 AC1 20 PHE A 109 ? PHE A 109 . ? 1_555 ? 
11 AC1 20 HIS A 119 ? HIS A 119 . ? 1_555 ? 
12 AC1 20 PHE A 120 ? PHE A 120 . ? 1_555 ? 
13 AC1 20 CYS A 122 ? CYS A 122 . ? 1_555 ? 
14 AC1 20 HIS A 123 ? HIS A 123 . ? 1_555 ? 
15 AC1 20 ILE A 126 ? ILE A 126 . ? 1_555 ? 
16 AC1 20 ILE A 137 ? ILE A 137 . ? 1_555 ? 
17 AC1 20 TYR A 153 ? TYR A 153 . ? 1_555 ? 
18 AC1 20 HOH D .   ? HOH A 301 . ? 1_555 ? 
19 AC1 20 HOH D .   ? HOH A 302 . ? 1_555 ? 
20 AC1 20 HOH D .   ? HOH A 392 . ? 1_555 ? 
21 AC2 2  LYS A 38  ? LYS A 38  . ? 1_555 ? 
22 AC2 2  THR A 42  ? THR A 42  . ? 1_555 ? 
# 
loop_
_pdbx_validate_close_contact.id 
_pdbx_validate_close_contact.PDB_model_num 
_pdbx_validate_close_contact.auth_atom_id_1 
_pdbx_validate_close_contact.auth_asym_id_1 
_pdbx_validate_close_contact.auth_comp_id_1 
_pdbx_validate_close_contact.auth_seq_id_1 
_pdbx_validate_close_contact.PDB_ins_code_1 
_pdbx_validate_close_contact.label_alt_id_1 
_pdbx_validate_close_contact.auth_atom_id_2 
_pdbx_validate_close_contact.auth_asym_id_2 
_pdbx_validate_close_contact.auth_comp_id_2 
_pdbx_validate_close_contact.auth_seq_id_2 
_pdbx_validate_close_contact.PDB_ins_code_2 
_pdbx_validate_close_contact.label_alt_id_2 
_pdbx_validate_close_contact.dist 
1 1 O   A HOH 476 ? ? O   A HOH 481 ? ? 1.26 
2 1 O   A HOH 359 ? ? O   A HOH 478 ? ? 1.63 
3 1 O   A HOH 386 ? ? O   A HOH 416 ? ? 1.70 
4 1 O   A HOH 369 ? ? O   A HOH 385 ? ? 1.86 
5 1 OE1 A GLU 46  ? ? O   A HOH 367 ? ? 2.02 
6 1 NH1 A ARG 32  ? ? O   A HOH 481 ? ? 2.08 
7 1 SG  A CYS 122 ? ? CAC A CYC 201 ? ? 2.19 
# 
_pdbx_validate_symm_contact.id                1 
_pdbx_validate_symm_contact.PDB_model_num     1 
_pdbx_validate_symm_contact.auth_atom_id_1    OE1 
_pdbx_validate_symm_contact.auth_asym_id_1    A 
_pdbx_validate_symm_contact.auth_comp_id_1    GLN 
_pdbx_validate_symm_contact.auth_seq_id_1     175 
_pdbx_validate_symm_contact.PDB_ins_code_1    ? 
_pdbx_validate_symm_contact.label_alt_id_1    A 
_pdbx_validate_symm_contact.site_symmetry_1   1_555 
_pdbx_validate_symm_contact.auth_atom_id_2    O 
_pdbx_validate_symm_contact.auth_asym_id_2    A 
_pdbx_validate_symm_contact.auth_comp_id_2    HOH 
_pdbx_validate_symm_contact.auth_seq_id_2     349 
_pdbx_validate_symm_contact.PDB_ins_code_2    ? 
_pdbx_validate_symm_contact.label_alt_id_2    ? 
_pdbx_validate_symm_contact.site_symmetry_2   7_555 
_pdbx_validate_symm_contact.dist              1.93 
# 
loop_
_pdbx_validate_torsion.id 
_pdbx_validate_torsion.PDB_model_num 
_pdbx_validate_torsion.auth_comp_id 
_pdbx_validate_torsion.auth_asym_id 
_pdbx_validate_torsion.auth_seq_id 
_pdbx_validate_torsion.PDB_ins_code 
_pdbx_validate_torsion.label_alt_id 
_pdbx_validate_torsion.phi 
_pdbx_validate_torsion.psi 
1 1 ALA A 143 ? ? 58.35 -126.18 
2 1 GLN A 188 ? ? 43.88 21.13   
# 
loop_
_pdbx_unobs_or_zero_occ_residues.id 
_pdbx_unobs_or_zero_occ_residues.PDB_model_num 
_pdbx_unobs_or_zero_occ_residues.polymer_flag 
_pdbx_unobs_or_zero_occ_residues.occupancy_flag 
_pdbx_unobs_or_zero_occ_residues.auth_asym_id 
_pdbx_unobs_or_zero_occ_residues.auth_comp_id 
_pdbx_unobs_or_zero_occ_residues.auth_seq_id 
_pdbx_unobs_or_zero_occ_residues.PDB_ins_code 
_pdbx_unobs_or_zero_occ_residues.label_asym_id 
_pdbx_unobs_or_zero_occ_residues.label_comp_id 
_pdbx_unobs_or_zero_occ_residues.label_seq_id 
1  1 Y 1 A MET 1   ? A MET 1   
2  1 Y 1 A GLY 2   ? A GLY 2   
3  1 Y 1 A SER 3   ? A SER 3   
4  1 Y 1 A SER 4   ? A SER 4   
5  1 Y 1 A HIS 5   ? A HIS 5   
6  1 Y 1 A HIS 6   ? A HIS 6   
7  1 Y 1 A HIS 7   ? A HIS 7   
8  1 Y 1 A HIS 8   ? A HIS 8   
9  1 Y 1 A HIS 9   ? A HIS 9   
10 1 Y 1 A HIS 10  ? A HIS 10  
11 1 Y 1 A SER 11  ? A SER 11  
12 1 Y 1 A ARG 190 ? A ARG 190 
13 1 Y 1 A LEU 191 ? A LEU 191 
14 1 Y 1 A GLN 192 ? A GLN 192 
15 1 Y 1 A SER 193 ? A SER 193 
16 1 Y 1 A GLU 194 ? A GLU 194 
17 1 Y 1 A GLN 195 ? A GLN 195 
18 1 Y 1 A MET 196 ? A MET 196 
19 1 Y 1 A ILE 197 ? A ILE 197 
20 1 Y 1 A ARG 198 ? A ARG 198 
# 
loop_
_chem_comp_atom.comp_id 
_chem_comp_atom.atom_id 
_chem_comp_atom.type_symbol 
_chem_comp_atom.pdbx_aromatic_flag 
_chem_comp_atom.pdbx_stereo_config 
_chem_comp_atom.pdbx_ordinal 
ALA N    N N N 1   
ALA CA   C N S 2   
ALA C    C N N 3   
ALA O    O N N 4   
ALA CB   C N N 5   
ALA OXT  O N N 6   
ALA H    H N N 7   
ALA H2   H N N 8   
ALA HA   H N N 9   
ALA HB1  H N N 10  
ALA HB2  H N N 11  
ALA HB3  H N N 12  
ALA HXT  H N N 13  
ARG N    N N N 14  
ARG CA   C N S 15  
ARG C    C N N 16  
ARG O    O N N 17  
ARG CB   C N N 18  
ARG CG   C N N 19  
ARG CD   C N N 20  
ARG NE   N N N 21  
ARG CZ   C N N 22  
ARG NH1  N N N 23  
ARG NH2  N N N 24  
ARG OXT  O N N 25  
ARG H    H N N 26  
ARG H2   H N N 27  
ARG HA   H N N 28  
ARG HB2  H N N 29  
ARG HB3  H N N 30  
ARG HG2  H N N 31  
ARG HG3  H N N 32  
ARG HD2  H N N 33  
ARG HD3  H N N 34  
ARG HE   H N N 35  
ARG HH11 H N N 36  
ARG HH12 H N N 37  
ARG HH21 H N N 38  
ARG HH22 H N N 39  
ARG HXT  H N N 40  
ASN N    N N N 41  
ASN CA   C N S 42  
ASN C    C N N 43  
ASN O    O N N 44  
ASN CB   C N N 45  
ASN CG   C N N 46  
ASN OD1  O N N 47  
ASN ND2  N N N 48  
ASN OXT  O N N 49  
ASN H    H N N 50  
ASN H2   H N N 51  
ASN HA   H N N 52  
ASN HB2  H N N 53  
ASN HB3  H N N 54  
ASN HD21 H N N 55  
ASN HD22 H N N 56  
ASN HXT  H N N 57  
ASP N    N N N 58  
ASP CA   C N S 59  
ASP C    C N N 60  
ASP O    O N N 61  
ASP CB   C N N 62  
ASP CG   C N N 63  
ASP OD1  O N N 64  
ASP OD2  O N N 65  
ASP OXT  O N N 66  
ASP H    H N N 67  
ASP H2   H N N 68  
ASP HA   H N N 69  
ASP HB2  H N N 70  
ASP HB3  H N N 71  
ASP HD2  H N N 72  
ASP HXT  H N N 73  
CYC CHA  C N N 74  
CYC NA   N N N 75  
CYC C1A  C N N 76  
CYC C2A  C N N 77  
CYC C3A  C N N 78  
CYC C4A  C N N 79  
CYC CMA  C N N 80  
CYC CAA  C N N 81  
CYC CBA  C N N 82  
CYC CGA  C N N 83  
CYC O1A  O N N 84  
CYC O2A  O N N 85  
CYC CHB  C N N 86  
CYC NB   N N N 87  
CYC C1B  C N N 88  
CYC C2B  C N N 89  
CYC C3B  C N N 90  
CYC C4B  C N N 91  
CYC CMB  C N N 92  
CYC CAB  C N N 93  
CYC CBB  C N N 94  
CYC OB   O N N 95  
CYC NC   N N N 96  
CYC C1C  C N N 97  
CYC C2C  C N R 98  
CYC C3C  C N R 99  
CYC C4C  C N N 100 
CYC CMC  C N N 101 
CYC CAC  C N N 102 
CYC CBC  C N N 103 
CYC OC   O N N 104 
CYC CHD  C N N 105 
CYC ND   N Y N 106 
CYC C1D  C Y N 107 
CYC C2D  C Y N 108 
CYC C3D  C Y N 109 
CYC C4D  C Y N 110 
CYC CMD  C N N 111 
CYC CAD  C N N 112 
CYC CBD  C N N 113 
CYC CGD  C N N 114 
CYC O1D  O N N 115 
CYC O2D  O N N 116 
CYC HHA  H N N 117 
CYC HMA1 H N N 118 
CYC HMA2 H N N 119 
CYC HMA3 H N N 120 
CYC HAA1 H N N 121 
CYC HAA2 H N N 122 
CYC HBA1 H N N 123 
CYC HBA2 H N N 124 
CYC H2A  H N N 125 
CYC HHB  H N N 126 
CYC HB   H N N 127 
CYC HMB1 H N N 128 
CYC HMB2 H N N 129 
CYC HMB3 H N N 130 
CYC HAB1 H N N 131 
CYC HAB2 H N N 132 
CYC HBB1 H N N 133 
CYC HBB2 H N N 134 
CYC HBB3 H N N 135 
CYC HC   H N N 136 
CYC H2C  H N N 137 
CYC H3C  H N N 138 
CYC HMC1 H N N 139 
CYC HMC2 H N N 140 
CYC HMC3 H N N 141 
CYC HAC1 H N N 142 
CYC HAC2 H N N 143 
CYC HBC1 H N N 144 
CYC HBC2 H N N 145 
CYC HBC3 H N N 146 
CYC HHD  H N N 147 
CYC HD   H N N 148 
CYC HMD1 H N N 149 
CYC HMD2 H N N 150 
CYC HMD3 H N N 151 
CYC HAD1 H N N 152 
CYC HAD2 H N N 153 
CYC HBD1 H N N 154 
CYC HBD2 H N N 155 
CYC H2D  H N N 156 
CYS N    N N N 157 
CYS CA   C N R 158 
CYS C    C N N 159 
CYS O    O N N 160 
CYS CB   C N N 161 
CYS SG   S N N 162 
CYS OXT  O N N 163 
CYS H    H N N 164 
CYS H2   H N N 165 
CYS HA   H N N 166 
CYS HB2  H N N 167 
CYS HB3  H N N 168 
CYS HG   H N N 169 
CYS HXT  H N N 170 
GLN N    N N N 171 
GLN CA   C N S 172 
GLN C    C N N 173 
GLN O    O N N 174 
GLN CB   C N N 175 
GLN CG   C N N 176 
GLN CD   C N N 177 
GLN OE1  O N N 178 
GLN NE2  N N N 179 
GLN OXT  O N N 180 
GLN H    H N N 181 
GLN H2   H N N 182 
GLN HA   H N N 183 
GLN HB2  H N N 184 
GLN HB3  H N N 185 
GLN HG2  H N N 186 
GLN HG3  H N N 187 
GLN HE21 H N N 188 
GLN HE22 H N N 189 
GLN HXT  H N N 190 
GLU N    N N N 191 
GLU CA   C N S 192 
GLU C    C N N 193 
GLU O    O N N 194 
GLU CB   C N N 195 
GLU CG   C N N 196 
GLU CD   C N N 197 
GLU OE1  O N N 198 
GLU OE2  O N N 199 
GLU OXT  O N N 200 
GLU H    H N N 201 
GLU H2   H N N 202 
GLU HA   H N N 203 
GLU HB2  H N N 204 
GLU HB3  H N N 205 
GLU HG2  H N N 206 
GLU HG3  H N N 207 
GLU HE2  H N N 208 
GLU HXT  H N N 209 
GLY N    N N N 210 
GLY CA   C N N 211 
GLY C    C N N 212 
GLY O    O N N 213 
GLY OXT  O N N 214 
GLY H    H N N 215 
GLY H2   H N N 216 
GLY HA2  H N N 217 
GLY HA3  H N N 218 
GLY HXT  H N N 219 
HIS N    N N N 220 
HIS CA   C N S 221 
HIS C    C N N 222 
HIS O    O N N 223 
HIS CB   C N N 224 
HIS CG   C Y N 225 
HIS ND1  N Y N 226 
HIS CD2  C Y N 227 
HIS CE1  C Y N 228 
HIS NE2  N Y N 229 
HIS OXT  O N N 230 
HIS H    H N N 231 
HIS H2   H N N 232 
HIS HA   H N N 233 
HIS HB2  H N N 234 
HIS HB3  H N N 235 
HIS HD1  H N N 236 
HIS HD2  H N N 237 
HIS HE1  H N N 238 
HIS HE2  H N N 239 
HIS HXT  H N N 240 
HOH O    O N N 241 
HOH H1   H N N 242 
HOH H2   H N N 243 
ILE N    N N N 244 
ILE CA   C N S 245 
ILE C    C N N 246 
ILE O    O N N 247 
ILE CB   C N S 248 
ILE CG1  C N N 249 
ILE CG2  C N N 250 
ILE CD1  C N N 251 
ILE OXT  O N N 252 
ILE H    H N N 253 
ILE H2   H N N 254 
ILE HA   H N N 255 
ILE HB   H N N 256 
ILE HG12 H N N 257 
ILE HG13 H N N 258 
ILE HG21 H N N 259 
ILE HG22 H N N 260 
ILE HG23 H N N 261 
ILE HD11 H N N 262 
ILE HD12 H N N 263 
ILE HD13 H N N 264 
ILE HXT  H N N 265 
IOD I    I N N 266 
LEU N    N N N 267 
LEU CA   C N S 268 
LEU C    C N N 269 
LEU O    O N N 270 
LEU CB   C N N 271 
LEU CG   C N N 272 
LEU CD1  C N N 273 
LEU CD2  C N N 274 
LEU OXT  O N N 275 
LEU H    H N N 276 
LEU H2   H N N 277 
LEU HA   H N N 278 
LEU HB2  H N N 279 
LEU HB3  H N N 280 
LEU HG   H N N 281 
LEU HD11 H N N 282 
LEU HD12 H N N 283 
LEU HD13 H N N 284 
LEU HD21 H N N 285 
LEU HD22 H N N 286 
LEU HD23 H N N 287 
LEU HXT  H N N 288 
LYS N    N N N 289 
LYS CA   C N S 290 
LYS C    C N N 291 
LYS O    O N N 292 
LYS CB   C N N 293 
LYS CG   C N N 294 
LYS CD   C N N 295 
LYS CE   C N N 296 
LYS NZ   N N N 297 
LYS OXT  O N N 298 
LYS H    H N N 299 
LYS H2   H N N 300 
LYS HA   H N N 301 
LYS HB2  H N N 302 
LYS HB3  H N N 303 
LYS HG2  H N N 304 
LYS HG3  H N N 305 
LYS HD2  H N N 306 
LYS HD3  H N N 307 
LYS HE2  H N N 308 
LYS HE3  H N N 309 
LYS HZ1  H N N 310 
LYS HZ2  H N N 311 
LYS HZ3  H N N 312 
LYS HXT  H N N 313 
MET N    N N N 314 
MET CA   C N S 315 
MET C    C N N 316 
MET O    O N N 317 
MET CB   C N N 318 
MET CG   C N N 319 
MET SD   S N N 320 
MET CE   C N N 321 
MET OXT  O N N 322 
MET H    H N N 323 
MET H2   H N N 324 
MET HA   H N N 325 
MET HB2  H N N 326 
MET HB3  H N N 327 
MET HG2  H N N 328 
MET HG3  H N N 329 
MET HE1  H N N 330 
MET HE2  H N N 331 
MET HE3  H N N 332 
MET HXT  H N N 333 
PHE N    N N N 334 
PHE CA   C N S 335 
PHE C    C N N 336 
PHE O    O N N 337 
PHE CB   C N N 338 
PHE CG   C Y N 339 
PHE CD1  C Y N 340 
PHE CD2  C Y N 341 
PHE CE1  C Y N 342 
PHE CE2  C Y N 343 
PHE CZ   C Y N 344 
PHE OXT  O N N 345 
PHE H    H N N 346 
PHE H2   H N N 347 
PHE HA   H N N 348 
PHE HB2  H N N 349 
PHE HB3  H N N 350 
PHE HD1  H N N 351 
PHE HD2  H N N 352 
PHE HE1  H N N 353 
PHE HE2  H N N 354 
PHE HZ   H N N 355 
PHE HXT  H N N 356 
PRO N    N N N 357 
PRO CA   C N S 358 
PRO C    C N N 359 
PRO O    O N N 360 
PRO CB   C N N 361 
PRO CG   C N N 362 
PRO CD   C N N 363 
PRO OXT  O N N 364 
PRO H    H N N 365 
PRO HA   H N N 366 
PRO HB2  H N N 367 
PRO HB3  H N N 368 
PRO HG2  H N N 369 
PRO HG3  H N N 370 
PRO HD2  H N N 371 
PRO HD3  H N N 372 
PRO HXT  H N N 373 
SER N    N N N 374 
SER CA   C N S 375 
SER C    C N N 376 
SER O    O N N 377 
SER CB   C N N 378 
SER OG   O N N 379 
SER OXT  O N N 380 
SER H    H N N 381 
SER H2   H N N 382 
SER HA   H N N 383 
SER HB2  H N N 384 
SER HB3  H N N 385 
SER HG   H N N 386 
SER HXT  H N N 387 
THR N    N N N 388 
THR CA   C N S 389 
THR C    C N N 390 
THR O    O N N 391 
THR CB   C N R 392 
THR OG1  O N N 393 
THR CG2  C N N 394 
THR OXT  O N N 395 
THR H    H N N 396 
THR H2   H N N 397 
THR HA   H N N 398 
THR HB   H N N 399 
THR HG1  H N N 400 
THR HG21 H N N 401 
THR HG22 H N N 402 
THR HG23 H N N 403 
THR HXT  H N N 404 
TRP N    N N N 405 
TRP CA   C N S 406 
TRP C    C N N 407 
TRP O    O N N 408 
TRP CB   C N N 409 
TRP CG   C Y N 410 
TRP CD1  C Y N 411 
TRP CD2  C Y N 412 
TRP NE1  N Y N 413 
TRP CE2  C Y N 414 
TRP CE3  C Y N 415 
TRP CZ2  C Y N 416 
TRP CZ3  C Y N 417 
TRP CH2  C Y N 418 
TRP OXT  O N N 419 
TRP H    H N N 420 
TRP H2   H N N 421 
TRP HA   H N N 422 
TRP HB2  H N N 423 
TRP HB3  H N N 424 
TRP HD1  H N N 425 
TRP HE1  H N N 426 
TRP HE3  H N N 427 
TRP HZ2  H N N 428 
TRP HZ3  H N N 429 
TRP HH2  H N N 430 
TRP HXT  H N N 431 
TYR N    N N N 432 
TYR CA   C N S 433 
TYR C    C N N 434 
TYR O    O N N 435 
TYR CB   C N N 436 
TYR CG   C Y N 437 
TYR CD1  C Y N 438 
TYR CD2  C Y N 439 
TYR CE1  C Y N 440 
TYR CE2  C Y N 441 
TYR CZ   C Y N 442 
TYR OH   O N N 443 
TYR OXT  O N N 444 
TYR H    H N N 445 
TYR H2   H N N 446 
TYR HA   H N N 447 
TYR HB2  H N N 448 
TYR HB3  H N N 449 
TYR HD1  H N N 450 
TYR HD2  H N N 451 
TYR HE1  H N N 452 
TYR HE2  H N N 453 
TYR HH   H N N 454 
TYR HXT  H N N 455 
VAL N    N N N 456 
VAL CA   C N S 457 
VAL C    C N N 458 
VAL O    O N N 459 
VAL CB   C N N 460 
VAL CG1  C N N 461 
VAL CG2  C N N 462 
VAL OXT  O N N 463 
VAL H    H N N 464 
VAL H2   H N N 465 
VAL HA   H N N 466 
VAL HB   H N N 467 
VAL HG11 H N N 468 
VAL HG12 H N N 469 
VAL HG13 H N N 470 
VAL HG21 H N N 471 
VAL HG22 H N N 472 
VAL HG23 H N N 473 
VAL HXT  H N N 474 
# 
loop_
_chem_comp_bond.comp_id 
_chem_comp_bond.atom_id_1 
_chem_comp_bond.atom_id_2 
_chem_comp_bond.value_order 
_chem_comp_bond.pdbx_aromatic_flag 
_chem_comp_bond.pdbx_stereo_config 
_chem_comp_bond.pdbx_ordinal 
ALA N   CA   sing N N 1   
ALA N   H    sing N N 2   
ALA N   H2   sing N N 3   
ALA CA  C    sing N N 4   
ALA CA  CB   sing N N 5   
ALA CA  HA   sing N N 6   
ALA C   O    doub N N 7   
ALA C   OXT  sing N N 8   
ALA CB  HB1  sing N N 9   
ALA CB  HB2  sing N N 10  
ALA CB  HB3  sing N N 11  
ALA OXT HXT  sing N N 12  
ARG N   CA   sing N N 13  
ARG N   H    sing N N 14  
ARG N   H2   sing N N 15  
ARG CA  C    sing N N 16  
ARG CA  CB   sing N N 17  
ARG CA  HA   sing N N 18  
ARG C   O    doub N N 19  
ARG C   OXT  sing N N 20  
ARG CB  CG   sing N N 21  
ARG CB  HB2  sing N N 22  
ARG CB  HB3  sing N N 23  
ARG CG  CD   sing N N 24  
ARG CG  HG2  sing N N 25  
ARG CG  HG3  sing N N 26  
ARG CD  NE   sing N N 27  
ARG CD  HD2  sing N N 28  
ARG CD  HD3  sing N N 29  
ARG NE  CZ   sing N N 30  
ARG NE  HE   sing N N 31  
ARG CZ  NH1  sing N N 32  
ARG CZ  NH2  doub N N 33  
ARG NH1 HH11 sing N N 34  
ARG NH1 HH12 sing N N 35  
ARG NH2 HH21 sing N N 36  
ARG NH2 HH22 sing N N 37  
ARG OXT HXT  sing N N 38  
ASN N   CA   sing N N 39  
ASN N   H    sing N N 40  
ASN N   H2   sing N N 41  
ASN CA  C    sing N N 42  
ASN CA  CB   sing N N 43  
ASN CA  HA   sing N N 44  
ASN C   O    doub N N 45  
ASN C   OXT  sing N N 46  
ASN CB  CG   sing N N 47  
ASN CB  HB2  sing N N 48  
ASN CB  HB3  sing N N 49  
ASN CG  OD1  doub N N 50  
ASN CG  ND2  sing N N 51  
ASN ND2 HD21 sing N N 52  
ASN ND2 HD22 sing N N 53  
ASN OXT HXT  sing N N 54  
ASP N   CA   sing N N 55  
ASP N   H    sing N N 56  
ASP N   H2   sing N N 57  
ASP CA  C    sing N N 58  
ASP CA  CB   sing N N 59  
ASP CA  HA   sing N N 60  
ASP C   O    doub N N 61  
ASP C   OXT  sing N N 62  
ASP CB  CG   sing N N 63  
ASP CB  HB2  sing N N 64  
ASP CB  HB3  sing N N 65  
ASP CG  OD1  doub N N 66  
ASP CG  OD2  sing N N 67  
ASP OD2 HD2  sing N N 68  
ASP OXT HXT  sing N N 69  
CYC CHA C1A  doub N Z 70  
CYC CHA C4D  sing N N 71  
CYC CHA HHA  sing N N 72  
CYC NA  C1A  sing N N 73  
CYC NA  C4A  doub N N 74  
CYC C1A C2A  sing N N 75  
CYC C2A C3A  doub N N 76  
CYC C2A CAA  sing N N 77  
CYC C3A C4A  sing N N 78  
CYC C3A CMA  sing N N 79  
CYC C4A CHB  sing N N 80  
CYC CMA HMA1 sing N N 81  
CYC CMA HMA2 sing N N 82  
CYC CMA HMA3 sing N N 83  
CYC CAA CBA  sing N N 84  
CYC CAA HAA1 sing N N 85  
CYC CAA HAA2 sing N N 86  
CYC CBA CGA  sing N N 87  
CYC CBA HBA1 sing N N 88  
CYC CBA HBA2 sing N N 89  
CYC CGA O1A  doub N N 90  
CYC CGA O2A  sing N N 91  
CYC O2A H2A  sing N N 92  
CYC CHB C1B  doub N Z 93  
CYC CHB HHB  sing N N 94  
CYC NB  C1B  sing N N 95  
CYC NB  C4B  sing N N 96  
CYC NB  HB   sing N N 97  
CYC C1B C2B  sing N N 98  
CYC C2B C3B  doub N N 99  
CYC C2B CMB  sing N N 100 
CYC C3B C4B  sing N N 101 
CYC C3B CAB  sing N N 102 
CYC C4B OB   doub N N 103 
CYC CMB HMB1 sing N N 104 
CYC CMB HMB2 sing N N 105 
CYC CMB HMB3 sing N N 106 
CYC CAB CBB  sing N N 107 
CYC CAB HAB1 sing N N 108 
CYC CAB HAB2 sing N N 109 
CYC CBB HBB1 sing N N 110 
CYC CBB HBB2 sing N N 111 
CYC CBB HBB3 sing N N 112 
CYC NC  C1C  sing N N 113 
CYC NC  C4C  sing N N 114 
CYC NC  HC   sing N N 115 
CYC C1C C2C  sing N N 116 
CYC C1C OC   doub N N 117 
CYC C2C C3C  sing N N 118 
CYC C2C CMC  sing N N 119 
CYC C2C H2C  sing N N 120 
CYC C3C C4C  sing N N 121 
CYC C3C CAC  sing N N 122 
CYC C3C H3C  sing N N 123 
CYC C4C CHD  doub N Z 124 
CYC CMC HMC1 sing N N 125 
CYC CMC HMC2 sing N N 126 
CYC CMC HMC3 sing N N 127 
CYC CAC CBC  sing N N 128 
CYC CAC HAC1 sing N N 129 
CYC CAC HAC2 sing N N 130 
CYC CBC HBC1 sing N N 131 
CYC CBC HBC2 sing N N 132 
CYC CBC HBC3 sing N N 133 
CYC CHD C1D  sing N N 134 
CYC CHD HHD  sing N N 135 
CYC ND  C1D  sing Y N 136 
CYC ND  C4D  sing Y N 137 
CYC ND  HD   sing N N 138 
CYC C1D C2D  doub Y N 139 
CYC C2D C3D  sing Y N 140 
CYC C2D CMD  sing N N 141 
CYC C3D C4D  doub Y N 142 
CYC C3D CAD  sing N N 143 
CYC CMD HMD1 sing N N 144 
CYC CMD HMD2 sing N N 145 
CYC CMD HMD3 sing N N 146 
CYC CAD CBD  sing N N 147 
CYC CAD HAD1 sing N N 148 
CYC CAD HAD2 sing N N 149 
CYC CBD CGD  sing N N 150 
CYC CBD HBD1 sing N N 151 
CYC CBD HBD2 sing N N 152 
CYC CGD O1D  doub N N 153 
CYC CGD O2D  sing N N 154 
CYC O2D H2D  sing N N 155 
CYS N   CA   sing N N 156 
CYS N   H    sing N N 157 
CYS N   H2   sing N N 158 
CYS CA  C    sing N N 159 
CYS CA  CB   sing N N 160 
CYS CA  HA   sing N N 161 
CYS C   O    doub N N 162 
CYS C   OXT  sing N N 163 
CYS CB  SG   sing N N 164 
CYS CB  HB2  sing N N 165 
CYS CB  HB3  sing N N 166 
CYS SG  HG   sing N N 167 
CYS OXT HXT  sing N N 168 
GLN N   CA   sing N N 169 
GLN N   H    sing N N 170 
GLN N   H2   sing N N 171 
GLN CA  C    sing N N 172 
GLN CA  CB   sing N N 173 
GLN CA  HA   sing N N 174 
GLN C   O    doub N N 175 
GLN C   OXT  sing N N 176 
GLN CB  CG   sing N N 177 
GLN CB  HB2  sing N N 178 
GLN CB  HB3  sing N N 179 
GLN CG  CD   sing N N 180 
GLN CG  HG2  sing N N 181 
GLN CG  HG3  sing N N 182 
GLN CD  OE1  doub N N 183 
GLN CD  NE2  sing N N 184 
GLN NE2 HE21 sing N N 185 
GLN NE2 HE22 sing N N 186 
GLN OXT HXT  sing N N 187 
GLU N   CA   sing N N 188 
GLU N   H    sing N N 189 
GLU N   H2   sing N N 190 
GLU CA  C    sing N N 191 
GLU CA  CB   sing N N 192 
GLU CA  HA   sing N N 193 
GLU C   O    doub N N 194 
GLU C   OXT  sing N N 195 
GLU CB  CG   sing N N 196 
GLU CB  HB2  sing N N 197 
GLU CB  HB3  sing N N 198 
GLU CG  CD   sing N N 199 
GLU CG  HG2  sing N N 200 
GLU CG  HG3  sing N N 201 
GLU CD  OE1  doub N N 202 
GLU CD  OE2  sing N N 203 
GLU OE2 HE2  sing N N 204 
GLU OXT HXT  sing N N 205 
GLY N   CA   sing N N 206 
GLY N   H    sing N N 207 
GLY N   H2   sing N N 208 
GLY CA  C    sing N N 209 
GLY CA  HA2  sing N N 210 
GLY CA  HA3  sing N N 211 
GLY C   O    doub N N 212 
GLY C   OXT  sing N N 213 
GLY OXT HXT  sing N N 214 
HIS N   CA   sing N N 215 
HIS N   H    sing N N 216 
HIS N   H2   sing N N 217 
HIS CA  C    sing N N 218 
HIS CA  CB   sing N N 219 
HIS CA  HA   sing N N 220 
HIS C   O    doub N N 221 
HIS C   OXT  sing N N 222 
HIS CB  CG   sing N N 223 
HIS CB  HB2  sing N N 224 
HIS CB  HB3  sing N N 225 
HIS CG  ND1  sing Y N 226 
HIS CG  CD2  doub Y N 227 
HIS ND1 CE1  doub Y N 228 
HIS ND1 HD1  sing N N 229 
HIS CD2 NE2  sing Y N 230 
HIS CD2 HD2  sing N N 231 
HIS CE1 NE2  sing Y N 232 
HIS CE1 HE1  sing N N 233 
HIS NE2 HE2  sing N N 234 
HIS OXT HXT  sing N N 235 
HOH O   H1   sing N N 236 
HOH O   H2   sing N N 237 
ILE N   CA   sing N N 238 
ILE N   H    sing N N 239 
ILE N   H2   sing N N 240 
ILE CA  C    sing N N 241 
ILE CA  CB   sing N N 242 
ILE CA  HA   sing N N 243 
ILE C   O    doub N N 244 
ILE C   OXT  sing N N 245 
ILE CB  CG1  sing N N 246 
ILE CB  CG2  sing N N 247 
ILE CB  HB   sing N N 248 
ILE CG1 CD1  sing N N 249 
ILE CG1 HG12 sing N N 250 
ILE CG1 HG13 sing N N 251 
ILE CG2 HG21 sing N N 252 
ILE CG2 HG22 sing N N 253 
ILE CG2 HG23 sing N N 254 
ILE CD1 HD11 sing N N 255 
ILE CD1 HD12 sing N N 256 
ILE CD1 HD13 sing N N 257 
ILE OXT HXT  sing N N 258 
LEU N   CA   sing N N 259 
LEU N   H    sing N N 260 
LEU N   H2   sing N N 261 
LEU CA  C    sing N N 262 
LEU CA  CB   sing N N 263 
LEU CA  HA   sing N N 264 
LEU C   O    doub N N 265 
LEU C   OXT  sing N N 266 
LEU CB  CG   sing N N 267 
LEU CB  HB2  sing N N 268 
LEU CB  HB3  sing N N 269 
LEU CG  CD1  sing N N 270 
LEU CG  CD2  sing N N 271 
LEU CG  HG   sing N N 272 
LEU CD1 HD11 sing N N 273 
LEU CD1 HD12 sing N N 274 
LEU CD1 HD13 sing N N 275 
LEU CD2 HD21 sing N N 276 
LEU CD2 HD22 sing N N 277 
LEU CD2 HD23 sing N N 278 
LEU OXT HXT  sing N N 279 
LYS N   CA   sing N N 280 
LYS N   H    sing N N 281 
LYS N   H2   sing N N 282 
LYS CA  C    sing N N 283 
LYS CA  CB   sing N N 284 
LYS CA  HA   sing N N 285 
LYS C   O    doub N N 286 
LYS C   OXT  sing N N 287 
LYS CB  CG   sing N N 288 
LYS CB  HB2  sing N N 289 
LYS CB  HB3  sing N N 290 
LYS CG  CD   sing N N 291 
LYS CG  HG2  sing N N 292 
LYS CG  HG3  sing N N 293 
LYS CD  CE   sing N N 294 
LYS CD  HD2  sing N N 295 
LYS CD  HD3  sing N N 296 
LYS CE  NZ   sing N N 297 
LYS CE  HE2  sing N N 298 
LYS CE  HE3  sing N N 299 
LYS NZ  HZ1  sing N N 300 
LYS NZ  HZ2  sing N N 301 
LYS NZ  HZ3  sing N N 302 
LYS OXT HXT  sing N N 303 
MET N   CA   sing N N 304 
MET N   H    sing N N 305 
MET N   H2   sing N N 306 
MET CA  C    sing N N 307 
MET CA  CB   sing N N 308 
MET CA  HA   sing N N 309 
MET C   O    doub N N 310 
MET C   OXT  sing N N 311 
MET CB  CG   sing N N 312 
MET CB  HB2  sing N N 313 
MET CB  HB3  sing N N 314 
MET CG  SD   sing N N 315 
MET CG  HG2  sing N N 316 
MET CG  HG3  sing N N 317 
MET SD  CE   sing N N 318 
MET CE  HE1  sing N N 319 
MET CE  HE2  sing N N 320 
MET CE  HE3  sing N N 321 
MET OXT HXT  sing N N 322 
PHE N   CA   sing N N 323 
PHE N   H    sing N N 324 
PHE N   H2   sing N N 325 
PHE CA  C    sing N N 326 
PHE CA  CB   sing N N 327 
PHE CA  HA   sing N N 328 
PHE C   O    doub N N 329 
PHE C   OXT  sing N N 330 
PHE CB  CG   sing N N 331 
PHE CB  HB2  sing N N 332 
PHE CB  HB3  sing N N 333 
PHE CG  CD1  doub Y N 334 
PHE CG  CD2  sing Y N 335 
PHE CD1 CE1  sing Y N 336 
PHE CD1 HD1  sing N N 337 
PHE CD2 CE2  doub Y N 338 
PHE CD2 HD2  sing N N 339 
PHE CE1 CZ   doub Y N 340 
PHE CE1 HE1  sing N N 341 
PHE CE2 CZ   sing Y N 342 
PHE CE2 HE2  sing N N 343 
PHE CZ  HZ   sing N N 344 
PHE OXT HXT  sing N N 345 
PRO N   CA   sing N N 346 
PRO N   CD   sing N N 347 
PRO N   H    sing N N 348 
PRO CA  C    sing N N 349 
PRO CA  CB   sing N N 350 
PRO CA  HA   sing N N 351 
PRO C   O    doub N N 352 
PRO C   OXT  sing N N 353 
PRO CB  CG   sing N N 354 
PRO CB  HB2  sing N N 355 
PRO CB  HB3  sing N N 356 
PRO CG  CD   sing N N 357 
PRO CG  HG2  sing N N 358 
PRO CG  HG3  sing N N 359 
PRO CD  HD2  sing N N 360 
PRO CD  HD3  sing N N 361 
PRO OXT HXT  sing N N 362 
SER N   CA   sing N N 363 
SER N   H    sing N N 364 
SER N   H2   sing N N 365 
SER CA  C    sing N N 366 
SER CA  CB   sing N N 367 
SER CA  HA   sing N N 368 
SER C   O    doub N N 369 
SER C   OXT  sing N N 370 
SER CB  OG   sing N N 371 
SER CB  HB2  sing N N 372 
SER CB  HB3  sing N N 373 
SER OG  HG   sing N N 374 
SER OXT HXT  sing N N 375 
THR N   CA   sing N N 376 
THR N   H    sing N N 377 
THR N   H2   sing N N 378 
THR CA  C    sing N N 379 
THR CA  CB   sing N N 380 
THR CA  HA   sing N N 381 
THR C   O    doub N N 382 
THR C   OXT  sing N N 383 
THR CB  OG1  sing N N 384 
THR CB  CG2  sing N N 385 
THR CB  HB   sing N N 386 
THR OG1 HG1  sing N N 387 
THR CG2 HG21 sing N N 388 
THR CG2 HG22 sing N N 389 
THR CG2 HG23 sing N N 390 
THR OXT HXT  sing N N 391 
TRP N   CA   sing N N 392 
TRP N   H    sing N N 393 
TRP N   H2   sing N N 394 
TRP CA  C    sing N N 395 
TRP CA  CB   sing N N 396 
TRP CA  HA   sing N N 397 
TRP C   O    doub N N 398 
TRP C   OXT  sing N N 399 
TRP CB  CG   sing N N 400 
TRP CB  HB2  sing N N 401 
TRP CB  HB3  sing N N 402 
TRP CG  CD1  doub Y N 403 
TRP CG  CD2  sing Y N 404 
TRP CD1 NE1  sing Y N 405 
TRP CD1 HD1  sing N N 406 
TRP CD2 CE2  doub Y N 407 
TRP CD2 CE3  sing Y N 408 
TRP NE1 CE2  sing Y N 409 
TRP NE1 HE1  sing N N 410 
TRP CE2 CZ2  sing Y N 411 
TRP CE3 CZ3  doub Y N 412 
TRP CE3 HE3  sing N N 413 
TRP CZ2 CH2  doub Y N 414 
TRP CZ2 HZ2  sing N N 415 
TRP CZ3 CH2  sing Y N 416 
TRP CZ3 HZ3  sing N N 417 
TRP CH2 HH2  sing N N 418 
TRP OXT HXT  sing N N 419 
TYR N   CA   sing N N 420 
TYR N   H    sing N N 421 
TYR N   H2   sing N N 422 
TYR CA  C    sing N N 423 
TYR CA  CB   sing N N 424 
TYR CA  HA   sing N N 425 
TYR C   O    doub N N 426 
TYR C   OXT  sing N N 427 
TYR CB  CG   sing N N 428 
TYR CB  HB2  sing N N 429 
TYR CB  HB3  sing N N 430 
TYR CG  CD1  doub Y N 431 
TYR CG  CD2  sing Y N 432 
TYR CD1 CE1  sing Y N 433 
TYR CD1 HD1  sing N N 434 
TYR CD2 CE2  doub Y N 435 
TYR CD2 HD2  sing N N 436 
TYR CE1 CZ   doub Y N 437 
TYR CE1 HE1  sing N N 438 
TYR CE2 CZ   sing Y N 439 
TYR CE2 HE2  sing N N 440 
TYR CZ  OH   sing N N 441 
TYR OH  HH   sing N N 442 
TYR OXT HXT  sing N N 443 
VAL N   CA   sing N N 444 
VAL N   H    sing N N 445 
VAL N   H2   sing N N 446 
VAL CA  C    sing N N 447 
VAL CA  CB   sing N N 448 
VAL CA  HA   sing N N 449 
VAL C   O    doub N N 450 
VAL C   OXT  sing N N 451 
VAL CB  CG1  sing N N 452 
VAL CB  CG2  sing N N 453 
VAL CB  HB   sing N N 454 
VAL CG1 HG11 sing N N 455 
VAL CG1 HG12 sing N N 456 
VAL CG1 HG13 sing N N 457 
VAL CG2 HG21 sing N N 458 
VAL CG2 HG22 sing N N 459 
VAL CG2 HG23 sing N N 460 
VAL OXT HXT  sing N N 461 
# 
_atom_sites.entry_id                    3W2Z 
_atom_sites.fract_transf_matrix[1][1]   0.00298726 
_atom_sites.fract_transf_matrix[1][2]   0.00192546 
_atom_sites.fract_transf_matrix[1][3]   -0.01402159 
_atom_sites.fract_transf_matrix[2][1]   -0.00998708 
_atom_sites.fract_transf_matrix[2][2]   -0.00986737 
_atom_sites.fract_transf_matrix[2][3]   -0.00348272 
_atom_sites.fract_transf_matrix[3][1]   -0.00558587 
_atom_sites.fract_transf_matrix[3][2]   0.00579290 
_atom_sites.fract_transf_matrix[3][3]   -0.00039456 
_atom_sites.fract_transf_vector[1]      0.017190 
_atom_sites.fract_transf_vector[2]      0.294943 
_atom_sites.fract_transf_vector[3]      0.062136 
# 
loop_
_atom_type.symbol 
C 
I 
N 
O 
S 
# 
loop_
_atom_site.group_PDB 
_atom_site.id 
_atom_site.type_symbol 
_atom_site.label_atom_id 
_atom_site.label_alt_id 
_atom_site.label_comp_id 
_atom_site.label_asym_id 
_atom_site.label_entity_id 
_atom_site.label_seq_id 
_atom_site.pdbx_PDB_ins_code 
_atom_site.Cartn_x 
_atom_site.Cartn_y 
_atom_site.Cartn_z 
_atom_site.occupancy 
_atom_site.B_iso_or_equiv 
_atom_site.pdbx_formal_charge 
_atom_site.auth_seq_id 
_atom_site.auth_comp_id 
_atom_site.auth_asym_id 
_atom_site.auth_atom_id 
_atom_site.pdbx_PDB_model_num 
ATOM   1    N N   . SER A 1 12  ? 19.179  7.581   -28.655 1.00 37.31  ? 12  SER A N   1 
ATOM   2    C CA  . SER A 1 12  ? 18.626  8.811   -27.992 1.00 36.40  ? 12  SER A CA  1 
ATOM   3    C C   . SER A 1 12  ? 18.458  8.639   -26.477 1.00 35.14  ? 12  SER A C   1 
ATOM   4    O O   . SER A 1 12  ? 18.302  7.522   -25.974 1.00 36.28  ? 12  SER A O   1 
ATOM   5    C CB  . SER A 1 12  ? 17.282  9.187   -28.605 1.00 35.65  ? 12  SER A CB  1 
ATOM   6    O OG  . SER A 1 12  ? 16.376  8.112   -28.499 1.00 37.21  ? 12  SER A OG  1 
ATOM   7    N N   . GLY A 1 13  ? 18.429  9.758   -25.773 1.00 33.35  ? 13  GLY A N   1 
ATOM   8    C CA  . GLY A 1 13  ? 18.385  9.732   -24.321 1.00 31.44  ? 13  GLY A CA  1 
ATOM   9    C C   . GLY A 1 13  ? 17.091  9.195   -23.755 1.00 29.97  ? 13  GLY A C   1 
ATOM   10   O O   . GLY A 1 13  ? 16.025  9.215   -24.419 1.00 30.74  ? 13  GLY A O   1 
ATOM   11   N N   . LEU A 1 14  ? 17.171  8.739   -22.519 1.00 25.99  ? 14  LEU A N   1 
ATOM   12   C CA  . LEU A 1 14  ? 15.991  8.351   -21.760 1.00 23.79  ? 14  LEU A CA  1 
ATOM   13   C C   . LEU A 1 14  ? 15.742  9.446   -20.730 1.00 23.09  ? 14  LEU A C   1 
ATOM   14   O O   . LEU A 1 14  ? 16.533  9.619   -19.797 1.00 21.55  ? 14  LEU A O   1 
ATOM   15   C CB  . LEU A 1 14  ? 16.238  7.007   -21.047 1.00 23.10  ? 14  LEU A CB  1 
ATOM   16   C CG  . LEU A 1 14  ? 16.540  5.819   -21.955 1.00 22.95  ? 14  LEU A CG  1 
ATOM   17   C CD1 . LEU A 1 14  ? 16.859  4.580   -21.074 1.00 21.80  ? 14  LEU A CD1 1 
ATOM   18   C CD2 . LEU A 1 14  ? 15.325  5.516   -22.896 1.00 23.80  ? 14  LEU A CD2 1 
ATOM   19   N N   . VAL A 1 15  ? 14.633  10.187  -20.860 1.00 21.61  ? 15  VAL A N   1 
ATOM   20   C CA  . VAL A 1 15  ? 14.327  11.228  -19.873 1.00 21.08  ? 15  VAL A CA  1 
ATOM   21   C C   . VAL A 1 15  ? 13.927  10.611  -18.509 1.00 20.89  ? 15  VAL A C   1 
ATOM   22   O O   . VAL A 1 15  ? 13.613  9.417   -18.444 1.00 21.05  ? 15  VAL A O   1 
ATOM   23   C CB  . VAL A 1 15  ? 13.185  12.185  -20.365 1.00 21.46  ? 15  VAL A CB  1 
ATOM   24   C CG1 . VAL A 1 15  ? 13.563  12.763  -21.720 1.00 21.14  ? 15  VAL A CG1 1 
ATOM   25   C CG2 . VAL A 1 15  ? 11.847  11.398  -20.469 1.00 21.01  ? 15  VAL A CG2 1 
ATOM   26   N N   . PRO A 1 16  ? 13.948  11.411  -17.429 1.00 21.17  ? 16  PRO A N   1 
ATOM   27   C CA  . PRO A 1 16  ? 13.526  10.926  -16.114 1.00 21.29  ? 16  PRO A CA  1 
ATOM   28   C C   . PRO A 1 16  ? 12.098  10.353  -16.148 1.00 21.83  ? 16  PRO A C   1 
ATOM   29   O O   . PRO A 1 16  ? 11.201  10.921  -16.806 1.00 21.12  ? 16  PRO A O   1 
ATOM   30   C CB  . PRO A 1 16  ? 13.582  12.189  -15.249 1.00 22.17  ? 16  PRO A CB  1 
ATOM   31   C CG  . PRO A 1 16  ? 14.702  12.952  -15.853 1.00 21.56  ? 16  PRO A CG  1 
ATOM   32   C CD  . PRO A 1 16  ? 14.450  12.806  -17.326 1.00 22.07  ? 16  PRO A CD  1 
ATOM   33   N N   . ARG A 1 17  ? 11.920  9.223   -15.476 1.00 20.04  ? 17  ARG A N   1 
ATOM   34   C CA  . ARG A 1 17  ? 10.627  8.592   -15.364 1.00 21.10  ? 17  ARG A CA  1 
ATOM   35   C C   . ARG A 1 17  ? 9.931   8.984   -14.078 1.00 20.37  ? 17  ARG A C   1 
ATOM   36   O O   . ARG A 1 17  ? 10.576  9.189   -13.055 1.00 20.08  ? 17  ARG A O   1 
ATOM   37   C CB  . ARG A 1 17  ? 10.787  7.084   -15.442 1.00 22.03  ? 17  ARG A CB  1 
ATOM   38   C CG  . ARG A 1 17  ? 11.037  6.730   -16.872 1.00 26.22  ? 17  ARG A CG  1 
ATOM   39   C CD  . ARG A 1 17  ? 11.376  5.341   -17.008 1.00 31.63  ? 17  ARG A CD  1 
ATOM   40   N NE  . ARG A 1 17  ? 10.289  4.515   -16.542 1.00 32.77  ? 17  ARG A NE  1 
ATOM   41   C CZ  . ARG A 1 17  ? 10.216  3.224   -16.797 1.00 32.10  ? 17  ARG A CZ  1 
ATOM   42   N NH1 . ARG A 1 17  ? 11.163  2.639   -17.541 1.00 31.24  ? 17  ARG A NH1 1 
ATOM   43   N NH2 . ARG A 1 17  ? 9.194   2.547   -16.341 1.00 30.85  ? 17  ARG A NH2 1 
ATOM   44   N N   . GLY A 1 18  ? 8.603   9.123   -14.125 1.00 19.44  ? 18  GLY A N   1 
ATOM   45   C CA  . GLY A 1 18  ? 7.889   9.560   -12.917 1.00 18.54  ? 18  GLY A CA  1 
ATOM   46   C C   . GLY A 1 18  ? 8.094   8.671   -11.693 1.00 18.51  ? 18  GLY A C   1 
ATOM   47   O O   . GLY A 1 18  ? 8.281   9.164   -10.576 1.00 18.52  ? 18  GLY A O   1 
ATOM   48   N N   . SER A 1 19  ? 8.007   7.359   -11.895 1.00 17.40  ? 19  SER A N   1 
ATOM   49   C CA  . SER A 1 19  ? 8.141   6.405   -10.801 1.00 17.00  ? 19  SER A CA  1 
ATOM   50   C C   . SER A 1 19  ? 9.533   6.512   -10.172 1.00 17.37  ? 19  SER A C   1 
ATOM   51   O O   . SER A 1 19  ? 9.649   6.490   -8.949  1.00 19.01  ? 19  SER A O   1 
ATOM   52   C CB  . SER A 1 19  ? 7.854   4.961   -11.259 1.00 16.59  ? 19  SER A CB  1 
ATOM   53   O OG  . SER A 1 19  ? 8.789   4.480   -12.245 1.00 17.25  ? 19  SER A OG  1 
ATOM   54   N N   . HIS A 1 20  ? 10.568  6.640   -11.002 1.00 17.51  ? 20  HIS A N   1 
ATOM   55   C CA  . HIS A 1 20  ? 11.961  6.705   -10.469 1.00 18.55  ? 20  HIS A CA  1 
ATOM   56   C C   . HIS A 1 20  ? 12.122  7.945   -9.590  1.00 18.84  ? 20  HIS A C   1 
ATOM   57   O O   . HIS A 1 20  ? 12.691  7.867   -8.496  1.00 19.78  ? 20  HIS A O   1 
ATOM   58   C CB  . HIS A 1 20  ? 13.001  6.713   -11.574 1.00 17.93  ? 20  HIS A CB  1 
ATOM   59   C CG  . HIS A 1 20  ? 12.973  5.486   -12.434 1.00 19.39  ? 20  HIS A CG  1 
ATOM   60   N ND1 . HIS A 1 20  ? 13.729  5.370   -13.581 1.00 20.91  ? 20  HIS A ND1 1 
ATOM   61   C CD2 . HIS A 1 20  ? 12.251  4.342   -12.338 1.00 21.04  ? 20  HIS A CD2 1 
ATOM   62   C CE1 . HIS A 1 20  ? 13.468  4.210   -14.162 1.00 20.06  ? 20  HIS A CE1 1 
ATOM   63   N NE2 . HIS A 1 20  ? 12.580  3.565   -13.429 1.00 23.28  ? 20  HIS A NE2 1 
ATOM   64   N N   A MET A 1 21  ? 11.594  9.071   -10.063 0.50 18.84  ? 21  MET A N   1 
ATOM   65   N N   B MET A 1 21  ? 11.604  9.074   -10.064 0.50 20.05  ? 21  MET A N   1 
ATOM   66   C CA  A MET A 1 21  ? 11.716  10.347  -9.347  0.50 19.17  ? 21  MET A CA  1 
ATOM   67   C CA  B MET A 1 21  ? 11.701  10.334  -9.324  0.50 22.09  ? 21  MET A CA  1 
ATOM   68   C C   A MET A 1 21  ? 10.884  10.355  -8.059  0.50 19.36  ? 21  MET A C   1 
ATOM   69   C C   B MET A 1 21  ? 10.947  10.236  -8.011  0.50 20.59  ? 21  MET A C   1 
ATOM   70   O O   A MET A 1 21  ? 11.264  10.993  -7.077  0.50 19.37  ? 21  MET A O   1 
ATOM   71   O O   B MET A 1 21  ? 11.440  10.678  -6.975  0.50 20.34  ? 21  MET A O   1 
ATOM   72   C CB  A MET A 1 21  ? 11.396  11.548  -10.266 0.50 18.88  ? 21  MET A CB  1 
ATOM   73   C CB  B MET A 1 21  ? 11.193  11.508  -10.164 0.50 21.52  ? 21  MET A CB  1 
ATOM   74   C CG  A MET A 1 21  ? 12.374  11.766  -11.474 0.50 18.81  ? 21  MET A CG  1 
ATOM   75   C CG  B MET A 1 21  ? 12.066  11.819  -11.376 0.50 23.79  ? 21  MET A CG  1 
ATOM   76   S SD  A MET A 1 21  ? 14.126  11.567  -11.050 0.50 17.87  ? 21  MET A SD  1 
ATOM   77   S SD  B MET A 1 21  ? 11.540  13.287  -12.276 0.50 29.07  ? 21  MET A SD  1 
ATOM   78   C CE  A MET A 1 21  ? 14.927  12.896  -11.893 0.50 20.17  ? 21  MET A CE  1 
ATOM   79   C CE  B MET A 1 21  ? 9.986   12.755  -12.992 0.50 23.41  ? 21  MET A CE  1 
ATOM   80   N N   . ALA A 1 22  ? 9.760   9.627   -8.052  1.00 19.67  ? 22  ALA A N   1 
ATOM   81   C CA  . ALA A 1 22  ? 8.925   9.508   -6.853  1.00 19.56  ? 22  ALA A CA  1 
ATOM   82   C C   . ALA A 1 22  ? 9.572   8.630   -5.782  1.00 19.89  ? 22  ALA A C   1 
ATOM   83   O O   . ALA A 1 22  ? 9.505   8.928   -4.593  1.00 19.82  ? 22  ALA A O   1 
ATOM   84   C CB  . ALA A 1 22  ? 7.505   8.949   -7.231  1.00 19.55  ? 22  ALA A CB  1 
ATOM   85   N N   . VAL A 1 23  ? 10.151  7.501   -6.207  1.00 19.72  ? 23  VAL A N   1 
ATOM   86   C CA  . VAL A 1 23  ? 10.895  6.635   -5.282  1.00 20.75  ? 23  VAL A CA  1 
ATOM   87   C C   . VAL A 1 23  ? 12.099  7.374   -4.661  1.00 21.44  ? 23  VAL A C   1 
ATOM   88   O O   . VAL A 1 23  ? 12.380  7.261   -3.457  1.00 20.90  ? 23  VAL A O   1 
ATOM   89   C CB  . VAL A 1 23  ? 11.383  5.339   -6.019  1.00 21.13  ? 23  VAL A CB  1 
ATOM   90   C CG1 . VAL A 1 23  ? 12.423  4.612   -5.146  1.00 22.47  ? 23  VAL A CG1 1 
ATOM   91   C CG2 . VAL A 1 23  ? 10.172  4.413   -6.334  1.00 18.76  ? 23  VAL A CG2 1 
ATOM   92   N N   . SER A 1 24  ? 12.780  8.165   -5.480  1.00 20.56  ? 24  SER A N   1 
ATOM   93   C CA  . SER A 1 24  ? 13.937  8.929   -5.030  1.00 23.69  ? 24  SER A CA  1 
ATOM   94   C C   . SER A 1 24  ? 13.523  9.969   -3.980  1.00 23.36  ? 24  SER A C   1 
ATOM   95   O O   . SER A 1 24  ? 14.167  10.100  -2.931  1.00 22.38  ? 24  SER A O   1 
ATOM   96   C CB  . SER A 1 24  ? 14.577  9.616   -6.222  1.00 24.42  ? 24  SER A CB  1 
ATOM   97   O OG  . SER A 1 24  ? 15.858  10.091  -5.857  1.00 30.28  ? 24  SER A OG  1 
ATOM   98   N N   . LYS A 1 25  ? 12.389  10.628  -4.237  1.00 22.43  ? 25  LYS A N   1 
ATOM   99   C CA  . LYS A 1 25  ? 11.802  11.567  -3.277  1.00 23.13  ? 25  LYS A CA  1 
ATOM   100  C C   . LYS A 1 25  ? 11.458  10.906  -1.945  1.00 23.29  ? 25  LYS A C   1 
ATOM   101  O O   . LYS A 1 25  ? 11.731  11.484  -0.902  1.00 23.59  ? 25  LYS A O   1 
ATOM   102  C CB  . LYS A 1 25  ? 10.588  12.272  -3.891  1.00 24.71  ? 25  LYS A CB  1 
ATOM   103  C CG  . LYS A 1 25  ? 9.914   13.258  -2.936  1.00 28.48  ? 25  LYS A CG  1 
ATOM   104  C CD  . LYS A 1 25  ? 8.568   13.727  -3.463  1.00 35.28  ? 25  LYS A CD  1 
ATOM   105  C CE  . LYS A 1 25  ? 8.720   14.936  -4.367  1.00 38.95  ? 25  LYS A CE  1 
ATOM   106  N NZ  . LYS A 1 25  ? 7.424   15.654  -4.461  1.00 42.00  ? 25  LYS A NZ  1 
ATOM   107  N N   . VAL A 1 26  ? 10.892  9.692   -1.957  1.00 21.64  ? 26  VAL A N   1 
ATOM   108  C CA  . VAL A 1 26  ? 10.645  8.950   -0.722  1.00 21.51  ? 26  VAL A CA  1 
ATOM   109  C C   . VAL A 1 26  ? 11.953  8.723   0.080   1.00 21.42  ? 26  VAL A C   1 
ATOM   110  O O   . VAL A 1 26  ? 11.975  8.875   1.297   1.00 20.45  ? 26  VAL A O   1 
ATOM   111  C CB  . VAL A 1 26  ? 9.950   7.581   -0.970  1.00 20.52  ? 26  VAL A CB  1 
ATOM   112  C CG1 . VAL A 1 26  ? 9.832   6.805   0.315   1.00 22.03  ? 26  VAL A CG1 1 
ATOM   113  C CG2 . VAL A 1 26  ? 8.577   7.760   -1.624  1.00 22.80  ? 26  VAL A CG2 1 
ATOM   114  N N   A MET A 1 27  ? 13.020  8.348   -0.619  0.50 21.11  ? 27  MET A N   1 
ATOM   115  N N   B MET A 1 27  ? 13.030  8.334   -0.605  0.50 21.36  ? 27  MET A N   1 
ATOM   116  C CA  A MET A 1 27  ? 14.317  8.104   0.026   0.50 21.67  ? 27  MET A CA  1 
ATOM   117  C CA  B MET A 1 27  ? 14.317  8.113   0.083   0.50 22.09  ? 27  MET A CA  1 
ATOM   118  C C   A MET A 1 27  ? 14.836  9.354   0.743   0.50 22.06  ? 27  MET A C   1 
ATOM   119  C C   B MET A 1 27  ? 14.773  9.379   0.795   0.50 22.31  ? 27  MET A C   1 
ATOM   120  O O   A MET A 1 27  ? 15.356  9.264   1.859   0.50 23.48  ? 27  MET A O   1 
ATOM   121  O O   B MET A 1 27  ? 15.191  9.327   1.954   0.50 23.64  ? 27  MET A O   1 
ATOM   122  C CB  A MET A 1 27  ? 15.332  7.611   -1.023  0.50 21.15  ? 27  MET A CB  1 
ATOM   123  C CB  B MET A 1 27  ? 15.411  7.646   -0.899  0.50 21.92  ? 27  MET A CB  1 
ATOM   124  C CG  A MET A 1 27  ? 15.074  6.167   -1.506  0.50 20.26  ? 27  MET A CG  1 
ATOM   125  C CG  B MET A 1 27  ? 16.783  7.374   -0.237  0.50 21.77  ? 27  MET A CG  1 
ATOM   126  S SD  A MET A 1 27  ? 16.327  5.611   -2.729  0.50 21.32  ? 27  MET A SD  1 
ATOM   127  S SD  B MET A 1 27  ? 16.738  6.370   1.282   0.50 26.60  ? 27  MET A SD  1 
ATOM   128  C CE  A MET A 1 27  ? 15.414  4.393   -3.672  0.50 21.45  ? 27  MET A CE  1 
ATOM   129  C CE  B MET A 1 27  ? 17.105  4.700   0.751   0.50 25.84  ? 27  MET A CE  1 
ATOM   130  N N   . GLU A 1 28  ? 14.698  10.508  0.105   1.00 23.07  ? 28  GLU A N   1 
ATOM   131  C CA  . GLU A 1 28  ? 15.082  11.791  0.705   1.00 24.40  ? 28  GLU A CA  1 
ATOM   132  C C   . GLU A 1 28  ? 14.264  12.069  1.961   1.00 25.05  ? 28  GLU A C   1 
ATOM   133  O O   . GLU A 1 28  ? 14.812  12.492  2.981   1.00 24.94  ? 28  GLU A O   1 
ATOM   134  C CB  . GLU A 1 28  ? 14.931  12.914  -0.287  1.00 25.50  ? 28  GLU A CB  1 
ATOM   135  C CG  . GLU A 1 28  ? 15.846  12.728  -1.492  1.00 28.50  ? 28  GLU A CG  1 
ATOM   136  C CD  . GLU A 1 28  ? 15.637  13.758  -2.536  1.00 35.01  ? 28  GLU A CD  1 
ATOM   137  O OE1 . GLU A 1 28  ? 16.610  14.080  -3.248  1.00 39.42  ? 28  GLU A OE1 1 
ATOM   138  O OE2 . GLU A 1 28  ? 14.504  14.249  -2.663  1.00 40.25  ? 28  GLU A OE2 1 
ATOM   139  N N   . LYS A 1 29  ? 12.962  11.771  1.917   1.00 24.59  ? 29  LYS A N   1 
ATOM   140  C CA  . LYS A 1 29  ? 12.119  11.975  3.102   1.00 24.02  ? 29  LYS A CA  1 
ATOM   141  C C   . LYS A 1 29  ? 12.556  11.090  4.259   1.00 24.25  ? 29  LYS A C   1 
ATOM   142  O O   . LYS A 1 29  ? 12.655  11.550  5.395   1.00 24.10  ? 29  LYS A O   1 
ATOM   143  C CB  . LYS A 1 29  ? 10.623  11.774  2.779   1.00 23.96  ? 29  LYS A CB  1 
ATOM   144  C CG  . LYS A 1 29  ? 10.086  12.737  1.736   1.00 26.03  ? 29  LYS A CG  1 
ATOM   145  C CD  . LYS A 1 29  ? 8.655   12.381  1.316   1.00 29.58  ? 29  LYS A CD  1 
ATOM   146  C CE  . LYS A 1 29  ? 8.013   13.556  0.570   1.00 29.94  ? 29  LYS A CE  1 
ATOM   147  N NZ  . LYS A 1 29  ? 6.603   13.249  0.284   1.00 32.36  ? 29  LYS A NZ  1 
ATOM   148  N N   . ILE A 1 30  ? 12.872  9.824   3.977   1.00 23.57  ? 30  ILE A N   1 
ATOM   149  C CA  . ILE A 1 30  ? 13.320  8.898   4.998   1.00 24.35  ? 30  ILE A CA  1 
ATOM   150  C C   . ILE A 1 30  ? 14.614  9.398   5.655   1.00 26.05  ? 30  ILE A C   1 
ATOM   151  O O   . ILE A 1 30  ? 14.784  9.282   6.871   1.00 25.87  ? 30  ILE A O   1 
ATOM   152  C CB  . ILE A 1 30  ? 13.483  7.487   4.433   1.00 23.06  ? 30  ILE A CB  1 
ATOM   153  C CG1 . ILE A 1 30  ? 12.086  6.953   4.027   1.00 21.87  ? 30  ILE A CG1 1 
ATOM   154  C CG2 . ILE A 1 30  ? 14.100  6.529   5.488   1.00 25.39  ? 30  ILE A CG2 1 
ATOM   155  C CD1 . ILE A 1 30  ? 12.142  5.640   3.204   1.00 23.61  ? 30  ILE A CD1 1 
ATOM   156  N N   . LEU A 1 31  ? 15.503  9.959   4.847   1.00 27.19  ? 31  LEU A N   1 
ATOM   157  C CA  . LEU A 1 31  ? 16.760  10.538  5.356   1.00 30.31  ? 31  LEU A CA  1 
ATOM   158  C C   . LEU A 1 31  ? 16.590  11.769  6.240   1.00 32.08  ? 31  LEU A C   1 
ATOM   159  O O   . LEU A 1 31  ? 17.437  12.017  7.115   1.00 33.54  ? 31  LEU A O   1 
ATOM   160  C CB  . LEU A 1 31  ? 17.676  10.913  4.184   1.00 29.78  ? 31  LEU A CB  1 
ATOM   161  C CG  . LEU A 1 31  ? 18.449  9.753   3.589   1.00 30.42  ? 31  LEU A CG  1 
ATOM   162  C CD1 . LEU A 1 31  ? 19.045  10.222  2.282   1.00 30.24  ? 31  LEU A CD1 1 
ATOM   163  C CD2 . LEU A 1 31  ? 19.528  9.277   4.542   1.00 29.69  ? 31  LEU A CD2 1 
ATOM   164  N N   . ARG A 1 32  ? 15.528  12.532  6.010   1.00 33.86  ? 32  ARG A N   1 
ATOM   165  C CA  . ARG A 1 32  ? 15.336  13.868  6.599   1.00 36.02  ? 32  ARG A CA  1 
ATOM   166  C C   . ARG A 1 32  ? 14.106  14.037  7.520   1.00 36.73  ? 32  ARG A C   1 
ATOM   167  O O   . ARG A 1 32  ? 14.068  14.965  8.337   1.00 36.77  ? 32  ARG A O   1 
ATOM   168  C CB  . ARG A 1 32  ? 15.240  14.891  5.471   1.00 37.09  ? 32  ARG A CB  1 
ATOM   169  C CG  . ARG A 1 32  ? 16.428  15.860  5.350   1.00 42.41  ? 32  ARG A CG  1 
ATOM   170  C CD  . ARG A 1 32  ? 17.754  15.228  4.985   1.00 47.57  ? 32  ARG A CD  1 
ATOM   171  N NE  . ARG A 1 32  ? 18.419  16.016  3.936   1.00 53.67  ? 32  ARG A NE  1 
ATOM   172  C CZ  . ARG A 1 32  ? 19.374  15.558  3.118   1.00 54.19  ? 32  ARG A CZ  1 
ATOM   173  N NH1 . ARG A 1 32  ? 19.795  14.310  3.213   1.00 55.28  ? 32  ARG A NH1 1 
ATOM   174  N NH2 . ARG A 1 32  ? 19.898  16.345  2.183   1.00 56.09  ? 32  ARG A NH2 1 
ATOM   175  N N   . VAL A 1 33  ? 13.106  13.159  7.389   1.00 36.19  ? 33  VAL A N   1 
ATOM   176  C CA  . VAL A 1 33  ? 11.830  13.288  8.135   1.00 36.06  ? 33  VAL A CA  1 
ATOM   177  C C   . VAL A 1 33  ? 11.644  12.153  9.123   1.00 35.82  ? 33  VAL A C   1 
ATOM   178  O O   . VAL A 1 33  ? 11.512  11.001  8.729   1.00 36.06  ? 33  VAL A O   1 
ATOM   179  C CB  . VAL A 1 33  ? 10.610  13.330  7.163   1.00 35.63  ? 33  VAL A CB  1 
ATOM   180  C CG1 . VAL A 1 33  ? 9.267   13.314  7.939   1.00 35.53  ? 33  VAL A CG1 1 
ATOM   181  C CG2 . VAL A 1 33  ? 10.707  14.522  6.229   1.00 35.24  ? 33  VAL A CG2 1 
ATOM   182  N N   . SER A 1 34  ? 11.613  12.458  10.419  1.00 35.88  ? 34  SER A N   1 
ATOM   183  C CA  . SER A 1 34  ? 11.454  11.402  11.414  1.00 35.93  ? 34  SER A CA  1 
ATOM   184  C C   . SER A 1 34  ? 9.995   10.940  11.564  1.00 35.39  ? 34  SER A C   1 
ATOM   185  O O   . SER A 1 34  ? 9.735   9.825   12.029  1.00 35.99  ? 34  SER A O   1 
ATOM   186  C CB  . SER A 1 34  ? 11.986  11.859  12.780  1.00 36.73  ? 34  SER A CB  1 
ATOM   187  O OG  . SER A 1 34  ? 11.168  12.898  13.283  1.00 37.78  ? 34  SER A OG  1 
ATOM   188  N N   . ASN A 1 35  ? 9.040   11.784  11.177  1.00 34.68  ? 35  ASN A N   1 
ATOM   189  C CA  . ASN A 1 35  ? 7.644   11.420  11.355  1.00 33.42  ? 35  ASN A CA  1 
ATOM   190  C C   . ASN A 1 35  ? 7.150   10.501  10.232  1.00 31.48  ? 35  ASN A C   1 
ATOM   191  O O   . ASN A 1 35  ? 6.804   10.953  9.140   1.00 29.84  ? 35  ASN A O   1 
ATOM   192  C CB  . ASN A 1 35  ? 6.759   12.662  11.481  1.00 33.96  ? 35  ASN A CB  1 
ATOM   193  C CG  . ASN A 1 35  ? 5.321   12.321  11.872  1.00 36.82  ? 35  ASN A CG  1 
ATOM   194  O OD1 . ASN A 1 35  ? 4.775   11.281  11.504  1.00 38.25  ? 35  ASN A OD1 1 
ATOM   195  N ND2 . ASN A 1 35  ? 4.705   13.209  12.649  1.00 40.15  ? 35  ASN A ND2 1 
ATOM   196  N N   . ILE A 1 36  ? 7.097   9.215   10.534  1.00 30.81  ? 36  ILE A N   1 
ATOM   197  C CA  . ILE A 1 36  ? 6.742   8.250   9.505   1.00 30.89  ? 36  ILE A CA  1 
ATOM   198  C C   . ILE A 1 36  ? 5.284   8.324   9.033   1.00 29.03  ? 36  ILE A C   1 
ATOM   199  O O   . ILE A 1 36  ? 5.016   8.096   7.867   1.00 27.78  ? 36  ILE A O   1 
ATOM   200  C CB  . ILE A 1 36  ? 7.379   6.834   9.718   1.00 32.37  ? 36  ILE A CB  1 
ATOM   201  C CG1 . ILE A 1 36  ? 6.450   5.689   9.367   1.00 34.64  ? 36  ILE A CG1 1 
ATOM   202  C CG2 . ILE A 1 36  ? 8.026   6.641   11.066  1.00 35.98  ? 36  ILE A CG2 1 
ATOM   203  C CD1 . ILE A 1 36  ? 7.233   4.617   8.723   1.00 37.70  ? 36  ILE A CD1 1 
ATOM   204  N N   A ASP A 1 37  ? 4.378   8.691   9.940   0.50 28.16  ? 37  ASP A N   1 
ATOM   205  N N   B ASP A 1 37  ? 4.336   8.693   9.889   0.50 28.35  ? 37  ASP A N   1 
ATOM   206  C CA  A ASP A 1 37  ? 3.005   9.008   9.566   0.50 27.94  ? 37  ASP A CA  1 
ATOM   207  C CA  B ASP A 1 37  ? 2.993   8.859   9.335   0.50 28.17  ? 37  ASP A CA  1 
ATOM   208  C C   A ASP A 1 37  ? 2.956   10.003  8.422   0.50 26.72  ? 37  ASP A C   1 
ATOM   209  C C   B ASP A 1 37  ? 2.893   10.050  8.370   0.50 26.96  ? 37  ASP A C   1 
ATOM   210  O O   A ASP A 1 37  ? 2.243   9.805   7.445   0.50 26.74  ? 37  ASP A O   1 
ATOM   211  O O   B ASP A 1 37  ? 2.076   10.038  7.449   0.50 26.91  ? 37  ASP A O   1 
ATOM   212  C CB  A ASP A 1 37  ? 2.228   9.545   10.777  0.50 28.38  ? 37  ASP A CB  1 
ATOM   213  C CB  B ASP A 1 37  ? 1.883   8.854   10.397  0.50 29.03  ? 37  ASP A CB  1 
ATOM   214  C CG  A ASP A 1 37  ? 1.707   8.441   11.657  0.50 29.94  ? 37  ASP A CG  1 
ATOM   215  C CG  B ASP A 1 37  ? 0.515   8.510   9.803   0.50 30.50  ? 37  ASP A CG  1 
ATOM   216  O OD1 A ASP A 1 37  ? 1.897   7.256   11.315  0.50 31.79  ? 37  ASP A OD1 1 
ATOM   217  O OD1 B ASP A 1 37  ? 0.311   7.380   9.275   0.50 33.03  ? 37  ASP A OD1 1 
ATOM   218  O OD2 A ASP A 1 37  ? 1.082   8.749   12.692  0.50 34.27  ? 37  ASP A OD2 1 
ATOM   219  O OD2 B ASP A 1 37  ? -0.362  9.388   9.860   0.50 35.43  ? 37  ASP A OD2 1 
ATOM   220  N N   . LYS A 1 38  ? 3.738   11.066  8.546   1.00 26.32  ? 38  LYS A N   1 
ATOM   221  C CA  . LYS A 1 38  ? 3.766   12.150  7.572   1.00 26.01  ? 38  LYS A CA  1 
ATOM   222  C C   . LYS A 1 38  ? 4.334   11.623  6.238   1.00 24.93  ? 38  LYS A C   1 
ATOM   223  O O   . LYS A 1 38  ? 3.812   11.955  5.172   1.00 23.26  ? 38  LYS A O   1 
ATOM   224  C CB  . LYS A 1 38  ? 4.556   13.343  8.126   1.00 28.51  ? 38  LYS A CB  1 
ATOM   225  C CG  . LYS A 1 38  ? 4.792   14.493  7.154   1.00 32.65  ? 38  LYS A CG  1 
ATOM   226  C CD  . LYS A 1 38  ? 3.607   15.440  6.949   1.00 40.11  ? 38  LYS A CD  1 
ATOM   227  C CE  . LYS A 1 38  ? 4.016   16.604  6.004   1.00 42.61  ? 38  LYS A CE  1 
ATOM   228  N NZ  . LYS A 1 38  ? 2.874   17.232  5.228   1.00 45.17  ? 38  LYS A NZ  1 
ATOM   229  N N   . ILE A 1 39  ? 5.374   10.785  6.321   1.00 22.92  ? 39  ILE A N   1 
ATOM   230  C CA  . ILE A 1 39  ? 5.932   10.167  5.100   1.00 22.44  ? 39  ILE A CA  1 
ATOM   231  C C   . ILE A 1 39  ? 4.832   9.325   4.418   1.00 21.70  ? 39  ILE A C   1 
ATOM   232  O O   . ILE A 1 39  ? 4.637   9.427   3.197   1.00 22.02  ? 39  ILE A O   1 
ATOM   233  C CB  . ILE A 1 39  ? 7.137   9.277   5.409   1.00 22.39  ? 39  ILE A CB  1 
ATOM   234  C CG1 . ILE A 1 39  ? 8.321   10.157  5.823   1.00 22.23  ? 39  ILE A CG1 1 
ATOM   235  C CG2 . ILE A 1 39  ? 7.516   8.427   4.121   1.00 21.99  ? 39  ILE A CG2 1 
ATOM   236  C CD1 . ILE A 1 39  ? 9.504   9.377   6.446   1.00 24.43  ? 39  ILE A CD1 1 
ATOM   237  N N   . PHE A 1 40  ? 4.145   8.485   5.189   1.00 21.59  ? 40  PHE A N   1 
ATOM   238  C CA  . PHE A 1 40  ? 3.011   7.706   4.618   1.00 22.12  ? 40  PHE A CA  1 
ATOM   239  C C   . PHE A 1 40  ? 1.929   8.612   3.979   1.00 22.49  ? 40  PHE A C   1 
ATOM   240  O O   . PHE A 1 40  ? 1.448   8.352   2.864   1.00 21.86  ? 40  PHE A O   1 
ATOM   241  C CB  . PHE A 1 40  ? 2.355   6.842   5.701   1.00 22.98  ? 40  PHE A CB  1 
ATOM   242  C CG  . PHE A 1 40  ? 3.184   5.695   6.188   1.00 24.54  ? 40  PHE A CG  1 
ATOM   243  C CD1 . PHE A 1 40  ? 4.367   5.303   5.544   1.00 28.23  ? 40  PHE A CD1 1 
ATOM   244  C CD2 . PHE A 1 40  ? 2.744   4.953   7.296   1.00 29.10  ? 40  PHE A CD2 1 
ATOM   245  C CE1 . PHE A 1 40  ? 5.110   4.202   6.028   1.00 30.12  ? 40  PHE A CE1 1 
ATOM   246  C CE2 . PHE A 1 40  ? 3.470   3.856   7.761   1.00 28.40  ? 40  PHE A CE2 1 
ATOM   247  C CZ  . PHE A 1 40  ? 4.639   3.468   7.105   1.00 27.59  ? 40  PHE A CZ  1 
ATOM   248  N N   . GLN A 1 41  ? 1.534   9.681   4.674   1.00 22.70  ? 41  GLN A N   1 
ATOM   249  C CA  . GLN A 1 41  ? 0.449   10.514  4.146   1.00 23.56  ? 41  GLN A CA  1 
ATOM   250  C C   . GLN A 1 41  ? 0.835   11.232  2.848   1.00 22.68  ? 41  GLN A C   1 
ATOM   251  O O   . GLN A 1 41  ? 0.090   11.180  1.881   1.00 22.71  ? 41  GLN A O   1 
ATOM   252  C CB  . GLN A 1 41  ? -0.111  11.462  5.225   1.00 25.62  ? 41  GLN A CB  1 
ATOM   253  C CG  . GLN A 1 41  ? -1.046  10.705  6.242   1.00 31.60  ? 41  GLN A CG  1 
ATOM   254  C CD  . GLN A 1 41  ? -2.591  10.534  5.835   1.00 39.04  ? 41  GLN A CD  1 
ATOM   255  O OE1 . GLN A 1 41  ? -3.297  11.523  5.513   1.00 45.53  ? 41  GLN A OE1 1 
ATOM   256  N NE2 . GLN A 1 41  ? -3.106  9.293   5.916   1.00 30.27  ? 41  GLN A NE2 1 
ATOM   257  N N   . THR A 1 42  ? 2.029   11.839  2.789   1.00 21.50  ? 42  THR A N   1 
ATOM   258  C CA  . THR A 1 42  ? 2.429   12.544  1.583   1.00 21.79  ? 42  THR A CA  1 
ATOM   259  C C   . THR A 1 42  ? 2.756   11.565  0.477   1.00 20.49  ? 42  THR A C   1 
ATOM   260  O O   . THR A 1 42  ? 2.500   11.849  -0.689  1.00 20.97  ? 42  THR A O   1 
ATOM   261  C CB  . THR A 1 42  ? 3.638   13.483  1.806   1.00 21.68  ? 42  THR A CB  1 
ATOM   262  O OG1 . THR A 1 42  ? 4.732   12.731  2.318   1.00 23.26  ? 42  THR A OG1 1 
ATOM   263  C CG2 . THR A 1 42  ? 3.273   14.594  2.793   1.00 22.41  ? 42  THR A CG2 1 
ATOM   264  N N   . THR A 1 43  ? 3.301   10.408  0.847   1.00 19.92  ? 43  THR A N   1 
ATOM   265  C CA  . THR A 1 43  ? 3.715   9.456   -0.200  1.00 18.65  ? 43  THR A CA  1 
ATOM   266  C C   . THR A 1 43  ? 2.494   8.764   -0.841  1.00 18.61  ? 43  THR A C   1 
ATOM   267  O O   . THR A 1 43  ? 2.452   8.603   -2.063  1.00 19.07  ? 43  THR A O   1 
ATOM   268  C CB  . THR A 1 43  ? 4.777   8.461   0.281   1.00 19.07  ? 43  THR A CB  1 
ATOM   269  O OG1 . THR A 1 43  ? 5.929   9.204   0.726   1.00 18.15  ? 43  THR A OG1 1 
ATOM   270  C CG2 . THR A 1 43  ? 5.173   7.482   -0.882  1.00 16.64  ? 43  THR A CG2 1 
ATOM   271  N N   . THR A 1 44  ? 1.513   8.359   -0.037  1.00 18.54  ? 44  THR A N   1 
ATOM   272  C CA  . THR A 1 44  ? 0.290   7.792   -0.629  1.00 18.93  ? 44  THR A CA  1 
ATOM   273  C C   . THR A 1 44  ? -0.348  8.794   -1.613  1.00 19.45  ? 44  THR A C   1 
ATOM   274  O O   . THR A 1 44  ? -0.872  8.401   -2.658  1.00 18.63  ? 44  THR A O   1 
ATOM   275  C CB  . THR A 1 44  ? -0.728  7.296   0.420   1.00 20.04  ? 44  THR A CB  1 
ATOM   276  O OG1 . THR A 1 44  ? -1.092  8.348   1.336   1.00 20.31  ? 44  THR A OG1 1 
ATOM   277  C CG2 . THR A 1 44  ? -0.155  6.099   1.183   1.00 18.57  ? 44  THR A CG2 1 
ATOM   278  N N   . GLN A 1 45  ? -0.310  10.083  -1.273  1.00 19.23  ? 45  GLN A N   1 
ATOM   279  C CA  . GLN A 1 45  ? -0.820  11.107  -2.191  1.00 21.05  ? 45  GLN A CA  1 
ATOM   280  C C   . GLN A 1 45  ? -0.053  11.157  -3.517  1.00 20.23  ? 45  GLN A C   1 
ATOM   281  O O   . GLN A 1 45  ? -0.668  11.169  -4.580  1.00 20.39  ? 45  GLN A O   1 
ATOM   282  C CB  . GLN A 1 45  ? -0.817  12.483  -1.513  1.00 21.44  ? 45  GLN A CB  1 
ATOM   283  C CG  . GLN A 1 45  ? -1.467  13.537  -2.373  1.00 26.57  ? 45  GLN A CG  1 
ATOM   284  C CD  . GLN A 1 45  ? -1.713  14.811  -1.605  1.00 33.23  ? 45  GLN A CD  1 
ATOM   285  O OE1 . GLN A 1 45  ? -1.082  15.828  -1.871  1.00 38.86  ? 45  GLN A OE1 1 
ATOM   286  N NE2 . GLN A 1 45  ? -2.619  14.758  -0.632  1.00 31.16  ? 45  GLN A NE2 1 
ATOM   287  N N   . GLU A 1 46  ? 1.282   11.150  -3.440  1.00 20.65  ? 46  GLU A N   1 
ATOM   288  C CA  . GLU A 1 46  ? 2.140   11.168  -4.622  1.00 21.64  ? 46  GLU A CA  1 
ATOM   289  C C   . GLU A 1 46  ? 1.897   9.919   -5.496  1.00 20.34  ? 46  GLU A C   1 
ATOM   290  O O   . GLU A 1 46  ? 1.789   10.028  -6.715  1.00 21.58  ? 46  GLU A O   1 
ATOM   291  C CB  . GLU A 1 46  ? 3.601   11.322  -4.197  1.00 21.90  ? 46  GLU A CB  1 
ATOM   292  C CG  . GLU A 1 46  ? 3.875   12.755  -3.635  1.00 28.88  ? 46  GLU A CG  1 
ATOM   293  C CD  . GLU A 1 46  ? 5.028   12.823  -2.644  1.00 37.98  ? 46  GLU A CD  1 
ATOM   294  O OE1 . GLU A 1 46  ? 5.667   11.767  -2.369  1.00 40.88  ? 46  GLU A OE1 1 
ATOM   295  O OE2 . GLU A 1 46  ? 5.307   13.946  -2.129  1.00 41.93  ? 46  GLU A OE2 1 
ATOM   296  N N   . ILE A 1 47  ? 1.767   8.748   -4.857  1.00 19.52  ? 47  ILE A N   1 
ATOM   297  C CA  . ILE A 1 47  ? 1.519   7.501   -5.574  1.00 18.49  ? 47  ILE A CA  1 
ATOM   298  C C   . ILE A 1 47  ? 0.164   7.590   -6.287  1.00 19.36  ? 47  ILE A C   1 
ATOM   299  O O   . ILE A 1 47  ? 0.050   7.251   -7.466  1.00 18.20  ? 47  ILE A O   1 
ATOM   300  C CB  . ILE A 1 47  ? 1.465   6.287   -4.599  1.00 18.04  ? 47  ILE A CB  1 
ATOM   301  C CG1 . ILE A 1 47  ? 2.848   5.991   -4.027  1.00 17.56  ? 47  ILE A CG1 1 
ATOM   302  C CG2 . ILE A 1 47  ? 1.007   5.021   -5.327  1.00 17.71  ? 47  ILE A CG2 1 
ATOM   303  C CD1 . ILE A 1 47  ? 2.712   5.027   -2.791  1.00 16.28  ? 47  ILE A CD1 1 
ATOM   304  N N   . ARG A 1 48  ? -0.852  8.073   -5.564  1.00 18.32  ? 48  ARG A N   1 
ATOM   305  C CA  . ARG A 1 48  ? -2.203  8.118   -6.144  1.00 20.42  ? 48  ARG A CA  1 
ATOM   306  C C   . ARG A 1 48  ? -2.241  9.039   -7.346  1.00 21.99  ? 48  ARG A C   1 
ATOM   307  O O   . ARG A 1 48  ? -2.913  8.735   -8.326  1.00 21.91  ? 48  ARG A O   1 
ATOM   308  C CB  . ARG A 1 48  ? -3.253  8.581   -5.121  1.00 20.46  ? 48  ARG A CB  1 
ATOM   309  C CG  . ARG A 1 48  ? -4.670  8.289   -5.615  1.00 19.72  ? 48  ARG A CG  1 
ATOM   310  C CD  . ARG A 1 48  ? -5.702  8.609   -4.574  1.00 24.22  ? 48  ARG A CD  1 
ATOM   311  N NE  . ARG A 1 48  ? -5.837  10.049  -4.430  1.00 24.82  ? 48  ARG A NE  1 
ATOM   312  C CZ  . ARG A 1 48  ? -6.525  10.798  -5.290  1.00 28.86  ? 48  ARG A CZ  1 
ATOM   313  N NH1 . ARG A 1 48  ? -7.099  10.240  -6.354  1.00 26.97  ? 48  ARG A NH1 1 
ATOM   314  N NH2 . ARG A 1 48  ? -6.624  12.096  -5.093  1.00 27.64  ? 48  ARG A NH2 1 
ATOM   315  N N   . GLN A 1 49  ? -1.535  10.162  -7.278  1.00 24.27  ? 49  GLN A N   1 
ATOM   316  C CA  . GLN A 1 49  ? -1.450  11.072  -8.442  1.00 26.33  ? 49  GLN A CA  1 
ATOM   317  C C   . GLN A 1 49  ? -0.755  10.433  -9.650  1.00 26.26  ? 49  GLN A C   1 
ATOM   318  O O   . GLN A 1 49  ? -1.236  10.484  -10.786 1.00 26.20  ? 49  GLN A O   1 
ATOM   319  C CB  . GLN A 1 49  ? -0.762  12.375  -8.045  1.00 27.31  ? 49  GLN A CB  1 
ATOM   320  C CG  . GLN A 1 49  ? -1.602  13.245  -7.129  1.00 33.51  ? 49  GLN A CG  1 
ATOM   321  C CD  . GLN A 1 49  ? -0.772  14.324  -6.417  1.00 41.46  ? 49  GLN A CD  1 
ATOM   322  O OE1 . GLN A 1 49  ? 0.454   14.428  -6.620  1.00 47.40  ? 49  GLN A OE1 1 
ATOM   323  N NE2 . GLN A 1 49  ? -1.429  15.109  -5.561  1.00 41.16  ? 49  GLN A NE2 1 
ATOM   324  N N   . LEU A 1 50  ? 0.368   9.781   -9.400  1.00 25.62  ? 50  LEU A N   1 
ATOM   325  C CA  . LEU A 1 50  ? 1.120   9.145   -10.464 1.00 26.04  ? 50  LEU A CA  1 
ATOM   326  C C   . LEU A 1 50  ? 0.382   7.942   -11.100 1.00 26.43  ? 50  LEU A C   1 
ATOM   327  O O   . LEU A 1 50  ? 0.473   7.691   -12.317 1.00 26.75  ? 50  LEU A O   1 
ATOM   328  C CB  . LEU A 1 50  ? 2.486   8.758   -9.883  1.00 26.27  ? 50  LEU A CB  1 
ATOM   329  C CG  . LEU A 1 50  ? 3.720   8.806   -10.753 1.00 28.47  ? 50  LEU A CG  1 
ATOM   330  C CD1 . LEU A 1 50  ? 4.014   10.196  -11.308 1.00 27.98  ? 50  LEU A CD1 1 
ATOM   331  C CD2 . LEU A 1 50  ? 4.906   8.283   -9.920  1.00 29.82  ? 50  LEU A CD2 1 
ATOM   332  N N   . LEU A 1 51  ? -0.343  7.184   -10.291 1.00 24.60  ? 51  LEU A N   1 
ATOM   333  C CA  . LEU A 1 51  ? -1.067  6.030   -10.793 1.00 24.51  ? 51  LEU A CA  1 
ATOM   334  C C   . LEU A 1 51  ? -2.446  6.456   -11.323 1.00 25.56  ? 51  LEU A C   1 
ATOM   335  O O   . LEU A 1 51  ? -3.122  5.659   -11.966 1.00 28.17  ? 51  LEU A O   1 
ATOM   336  C CB  . LEU A 1 51  ? -1.219  4.982   -9.693  1.00 24.85  ? 51  LEU A CB  1 
ATOM   337  C CG  . LEU A 1 51  ? 0.050   4.238   -9.272  1.00 24.16  ? 51  LEU A CG  1 
ATOM   338  C CD1 . LEU A 1 51  ? -0.278  3.171   -8.275  1.00 24.43  ? 51  LEU A CD1 1 
ATOM   339  C CD2 . LEU A 1 51  ? 0.795   3.599   -10.488 1.00 27.31  ? 51  LEU A CD2 1 
ATOM   340  N N   . LYS A 1 52  ? -2.853  7.692   -11.045 1.00 25.30  ? 52  LYS A N   1 
ATOM   341  C CA  . LYS A 1 52  ? -4.228  8.159   -11.407 1.00 25.81  ? 52  LYS A CA  1 
ATOM   342  C C   . LYS A 1 52  ? -5.289  7.147   -10.949 1.00 24.54  ? 52  LYS A C   1 
ATOM   343  O O   . LYS A 1 52  ? -6.212  6.768   -11.705 1.00 25.25  ? 52  LYS A O   1 
ATOM   344  C CB  . LYS A 1 52  ? -4.343  8.391   -12.924 1.00 26.91  ? 52  LYS A CB  1 
ATOM   345  C CG  . LYS A 1 52  ? -3.163  9.106   -13.582 1.00 31.92  ? 52  LYS A CG  1 
ATOM   346  C CD  . LYS A 1 52  ? -2.973  8.552   -15.013 1.00 38.76  ? 52  LYS A CD  1 
ATOM   347  C CE  . LYS A 1 52  ? -2.352  9.548   -16.004 1.00 39.81  ? 52  LYS A CE  1 
ATOM   348  N NZ  . LYS A 1 52  ? -1.151  10.253  -15.493 1.00 42.73  ? 52  LYS A NZ  1 
ATOM   349  N N   . CYS A 1 53  ? -5.160  6.676   -9.715  1.00 22.33  ? 53  CYS A N   1 
ATOM   350  C CA  . CYS A 1 53  ? -6.128  5.726   -9.188  1.00 21.99  ? 53  CYS A CA  1 
ATOM   351  C C   . CYS A 1 53  ? -6.958  6.412   -8.090  1.00 21.72  ? 53  CYS A C   1 
ATOM   352  O O   . CYS A 1 53  ? -6.790  7.607   -7.826  1.00 20.91  ? 53  CYS A O   1 
ATOM   353  C CB  . CYS A 1 53  ? -5.491  4.404   -8.701  1.00 22.26  ? 53  CYS A CB  1 
ATOM   354  S SG  . CYS A 1 53  ? -4.284  4.586   -7.362  1.00 21.62  ? 53  CYS A SG  1 
ATOM   355  N N   . ASP A 1 54  ? -7.893  5.668   -7.517  1.00 21.01  ? 54  ASP A N   1 
ATOM   356  C CA  . ASP A 1 54  ? -8.869  6.277   -6.602  1.00 20.82  ? 54  ASP A CA  1 
ATOM   357  C C   . ASP A 1 54  ? -8.524  6.207   -5.117  1.00 19.79  ? 54  ASP A C   1 
ATOM   358  O O   . ASP A 1 54  ? -8.983  7.040   -4.329  1.00 19.87  ? 54  ASP A O   1 
ATOM   359  C CB  . ASP A 1 54  ? -10.250 5.680   -6.880  1.00 20.34  ? 54  ASP A CB  1 
ATOM   360  C CG  . ASP A 1 54  ? -10.684 5.906   -8.321  1.00 21.66  ? 54  ASP A CG  1 
ATOM   361  O OD1 . ASP A 1 54  ? -10.576 7.058   -8.795  1.00 23.29  ? 54  ASP A OD1 1 
ATOM   362  O OD2 . ASP A 1 54  ? -11.061 4.920   -8.983  1.00 23.24  ? 54  ASP A OD2 1 
ATOM   363  N N   . ARG A 1 55  ? -7.735  5.218   -4.697  1.00 18.38  ? 55  ARG A N   1 
ATOM   364  C CA  . ARG A 1 55  ? -7.304  5.155   -3.307  1.00 17.99  ? 55  ARG A CA  1 
ATOM   365  C C   . ARG A 1 55  ? -5.912  4.484   -3.266  1.00 18.40  ? 55  ARG A C   1 
ATOM   366  O O   . ARG A 1 55  ? -5.672  3.546   -4.027  1.00 17.74  ? 55  ARG A O   1 
ATOM   367  C CB  . ARG A 1 55  ? -8.267  4.330   -2.459  1.00 17.43  ? 55  ARG A CB  1 
ATOM   368  C CG  . ARG A 1 55  ? -7.929  4.313   -0.904  1.00 17.66  ? 55  ARG A CG  1 
ATOM   369  C CD  . ARG A 1 55  ? -8.825  3.317   -0.178  1.00 18.36  ? 55  ARG A CD  1 
ATOM   370  N NE  . ARG A 1 55  ? -10.258 3.514   -0.468  1.00 21.16  ? 55  ARG A NE  1 
ATOM   371  C CZ  . ARG A 1 55  ? -11.031 4.446   0.102   1.00 22.69  ? 55  ARG A CZ  1 
ATOM   372  N NH1 . ARG A 1 55  ? -10.529 5.295   0.995   1.00 19.10  ? 55  ARG A NH1 1 
ATOM   373  N NH2 . ARG A 1 55  ? -12.322 4.546   -0.253  1.00 24.85  ? 55  ARG A NH2 1 
ATOM   374  N N   . VAL A 1 56  ? -5.024  5.011   -2.429  1.00 17.82  ? 56  VAL A N   1 
ATOM   375  C CA  . VAL A 1 56  ? -3.753  4.301   -2.073  1.00 17.38  ? 56  VAL A CA  1 
ATOM   376  C C   . VAL A 1 56  ? -3.661  4.266   -0.565  1.00 17.46  ? 56  VAL A C   1 
ATOM   377  O O   . VAL A 1 56  ? -3.778  5.312   0.077   1.00 17.65  ? 56  VAL A O   1 
ATOM   378  C CB  . VAL A 1 56  ? -2.515  4.997   -2.705  1.00 17.64  ? 56  VAL A CB  1 
ATOM   379  C CG1 . VAL A 1 56  ? -1.182  4.330   -2.272  1.00 18.68  ? 56  VAL A CG1 1 
ATOM   380  C CG2 . VAL A 1 56  ? -2.647  5.077   -4.260  1.00 15.55  ? 56  VAL A CG2 1 
ATOM   381  N N   . ALA A 1 57  ? -3.470  3.071   0.009   1.00 17.17  ? 57  ALA A N   1 
ATOM   382  C CA  . ALA A 1 57  ? -3.557  2.910   1.452   1.00 18.36  ? 57  ALA A CA  1 
ATOM   383  C C   . ALA A 1 57  ? -2.469  2.005   2.003   1.00 18.48  ? 57  ALA A C   1 
ATOM   384  O O   . ALA A 1 57  ? -2.030  1.046   1.330   1.00 18.31  ? 57  ALA A O   1 
ATOM   385  C CB  . ALA A 1 57  ? -4.939  2.351   1.842   1.00 18.39  ? 57  ALA A CB  1 
ATOM   386  N N   . VAL A 1 58  ? -2.069  2.314   3.227   1.00 18.72  ? 58  VAL A N   1 
ATOM   387  C CA  . VAL A 1 58  ? -1.174  1.467   3.987   1.00 18.53  ? 58  VAL A CA  1 
ATOM   388  C C   . VAL A 1 58  ? -1.996  0.779   5.058   1.00 19.87  ? 58  VAL A C   1 
ATOM   389  O O   . VAL A 1 58  ? -2.707  1.442   5.835   1.00 19.66  ? 58  VAL A O   1 
ATOM   390  C CB  . VAL A 1 58  ? -0.086  2.301   4.695   1.00 19.03  ? 58  VAL A CB  1 
ATOM   391  C CG1 . VAL A 1 58  ? 0.756   1.394   5.587   1.00 18.85  ? 58  VAL A CG1 1 
ATOM   392  C CG2 . VAL A 1 58  ? 0.792   3.076   3.692   1.00 20.04  ? 58  VAL A CG2 1 
ATOM   393  N N   . TYR A 1 59  ? -1.852  -0.540  5.114   1.00 19.06  ? 59  TYR A N   1 
ATOM   394  C CA  . TYR A 1 59  ? -2.589  -1.411  6.010   1.00 19.88  ? 59  TYR A CA  1 
ATOM   395  C C   . TYR A 1 59  ? -1.566  -2.072  6.930   1.00 21.13  ? 59  TYR A C   1 
ATOM   396  O O   . TYR A 1 59  ? -0.566  -2.633  6.442   1.00 20.60  ? 59  TYR A O   1 
ATOM   397  C CB  . TYR A 1 59  ? -3.326  -2.433  5.171   1.00 19.49  ? 59  TYR A CB  1 
ATOM   398  C CG  . TYR A 1 59  ? -4.053  -3.538  5.897   1.00 20.53  ? 59  TYR A CG  1 
ATOM   399  C CD1 . TYR A 1 59  ? -5.362  -3.360  6.360   1.00 19.81  ? 59  TYR A CD1 1 
ATOM   400  C CD2 . TYR A 1 59  ? -3.449  -4.783  6.082   1.00 19.54  ? 59  TYR A CD2 1 
ATOM   401  C CE1 . TYR A 1 59  ? -6.048  -4.405  6.986   1.00 21.69  ? 59  TYR A CE1 1 
ATOM   402  C CE2 . TYR A 1 59  ? -4.097  -5.816  6.714   1.00 21.33  ? 59  TYR A CE2 1 
ATOM   403  C CZ  . TYR A 1 59  ? -5.407  -5.622  7.175   1.00 21.81  ? 59  TYR A CZ  1 
ATOM   404  O OH  . TYR A 1 59  ? -6.070  -6.668  7.774   1.00 24.46  ? 59  TYR A OH  1 
ATOM   405  N N   . ARG A 1 60  ? -1.802  -1.999  8.244   1.00 20.31  ? 60  ARG A N   1 
ATOM   406  C CA  . ARG A 1 60  ? -0.843  -2.518  9.235   1.00 21.36  ? 60  ARG A CA  1 
ATOM   407  C C   . ARG A 1 60  ? -1.406  -3.745  9.928   1.00 23.12  ? 60  ARG A C   1 
ATOM   408  O O   . ARG A 1 60  ? -2.538  -3.714  10.447  1.00 21.76  ? 60  ARG A O   1 
ATOM   409  C CB  . ARG A 1 60  ? -0.502  -1.427  10.277  1.00 20.78  ? 60  ARG A CB  1 
ATOM   410  C CG  . ARG A 1 60  ? 0.534   -1.853  11.347  1.00 23.11  ? 60  ARG A CG  1 
ATOM   411  C CD  . ARG A 1 60  ? 0.682   -0.775  12.413  1.00 25.91  ? 60  ARG A CD  1 
ATOM   412  N NE  . ARG A 1 60  ? -0.603  -0.607  13.108  1.00 31.02  ? 60  ARG A NE  1 
ATOM   413  C CZ  . ARG A 1 60  ? -0.979  0.482   13.783  1.00 35.84  ? 60  ARG A CZ  1 
ATOM   414  N NH1 . ARG A 1 60  ? -0.167  1.535   13.889  1.00 33.53  ? 60  ARG A NH1 1 
ATOM   415  N NH2 . ARG A 1 60  ? -2.186  0.515   14.342  1.00 35.79  ? 60  ARG A NH2 1 
ATOM   416  N N   . PHE A 1 61  ? -0.618  -4.820  9.966   1.00 22.80  ? 61  PHE A N   1 
ATOM   417  C CA  . PHE A 1 61  ? -1.050  -6.044  10.658  1.00 22.94  ? 61  PHE A CA  1 
ATOM   418  C C   . PHE A 1 61  ? -0.956  -5.917  12.176  1.00 23.73  ? 61  PHE A C   1 
ATOM   419  O O   . PHE A 1 61  ? -0.027  -5.304  12.718  1.00 23.52  ? 61  PHE A O   1 
ATOM   420  C CB  . PHE A 1 61  ? -0.221  -7.259  10.211  1.00 22.82  ? 61  PHE A CB  1 
ATOM   421  C CG  . PHE A 1 61  ? -0.590  -7.792  8.846   1.00 23.17  ? 61  PHE A CG  1 
ATOM   422  C CD1 . PHE A 1 61  ? -1.833  -8.416  8.626   1.00 21.15  ? 61  PHE A CD1 1 
ATOM   423  C CD2 . PHE A 1 61  ? 0.317   -7.706  7.787   1.00 24.18  ? 61  PHE A CD2 1 
ATOM   424  C CE1 . PHE A 1 61  ? -2.175  -8.920  7.369   1.00 22.01  ? 61  PHE A CE1 1 
ATOM   425  C CE2 . PHE A 1 61  ? -0.020  -8.219  6.507   1.00 19.91  ? 61  PHE A CE2 1 
ATOM   426  C CZ  . PHE A 1 61  ? -1.261  -8.827  6.306   1.00 21.67  ? 61  PHE A CZ  1 
ATOM   427  N N   . ASN A 1 62  ? -1.947  -6.494  12.847  1.00 25.23  ? 62  ASN A N   1 
ATOM   428  C CA  . ASN A 1 62  ? -1.840  -6.763  14.277  1.00 27.25  ? 62  ASN A CA  1 
ATOM   429  C C   . ASN A 1 62  ? -1.162  -8.131  14.489  1.00 28.95  ? 62  ASN A C   1 
ATOM   430  O O   . ASN A 1 62  ? -1.085  -8.930  13.547  1.00 28.40  ? 62  ASN A O   1 
ATOM   431  C CB  . ASN A 1 62  ? -3.244  -6.740  14.879  1.00 27.37  ? 62  ASN A CB  1 
ATOM   432  C CG  . ASN A 1 62  ? -3.905  -5.384  14.729  1.00 24.99  ? 62  ASN A CG  1 
ATOM   433  O OD1 . ASN A 1 62  ? -3.315  -4.359  15.041  1.00 25.32  ? 62  ASN A OD1 1 
ATOM   434  N ND2 . ASN A 1 62  ? -5.117  -5.380  14.229  1.00 26.54  ? 62  ASN A ND2 1 
ATOM   435  N N   . PRO A 1 63  ? -0.664  -8.414  15.722  1.00 30.82  ? 63  PRO A N   1 
ATOM   436  C CA  . PRO A 1 63  ? -0.047  -9.726  16.020  1.00 31.56  ? 63  PRO A CA  1 
ATOM   437  C C   . PRO A 1 63  ? -0.866  -10.952 15.620  1.00 31.94  ? 63  PRO A C   1 
ATOM   438  O O   . PRO A 1 63  ? -0.284  -11.970 15.237  1.00 32.85  ? 63  PRO A O   1 
ATOM   439  C CB  . PRO A 1 63  ? 0.156   -9.682  17.545  1.00 31.70  ? 63  PRO A CB  1 
ATOM   440  C CG  . PRO A 1 63  ? 0.243   -8.276  17.883  1.00 31.58  ? 63  PRO A CG  1 
ATOM   441  C CD  . PRO A 1 63  ? -0.601  -7.510  16.889  1.00 31.39  ? 63  PRO A CD  1 
ATOM   442  N N   . ASP A 1 64  ? -2.191  -10.841 15.641  1.00 32.01  ? 64  ASP A N   1 
ATOM   443  C CA  . ASP A 1 64  ? -3.062  -11.942 15.226  1.00 32.35  ? 64  ASP A CA  1 
ATOM   444  C C   . ASP A 1 64  ? -3.397  -11.951 13.727  1.00 31.41  ? 64  ASP A C   1 
ATOM   445  O O   . ASP A 1 64  ? -4.250  -12.715 13.270  1.00 31.50  ? 64  ASP A O   1 
ATOM   446  C CB  . ASP A 1 64  ? -4.340  -11.964 16.081  1.00 33.02  ? 64  ASP A CB  1 
ATOM   447  C CG  . ASP A 1 64  ? -5.292  -10.808 15.772  1.00 36.48  ? 64  ASP A CG  1 
ATOM   448  O OD1 . ASP A 1 64  ? -4.961  -9.864  14.993  1.00 35.60  ? 64  ASP A OD1 1 
ATOM   449  O OD2 . ASP A 1 64  ? -6.410  -10.843 16.332  1.00 39.73  ? 64  ASP A OD2 1 
ATOM   450  N N   . TRP A 1 65  ? -2.730  -11.083 12.968  1.00 30.13  ? 65  TRP A N   1 
ATOM   451  C CA  . TRP A 1 65  ? -2.886  -11.016 11.508  1.00 28.83  ? 65  TRP A CA  1 
ATOM   452  C C   . TRP A 1 65  ? -4.184  -10.408 11.027  1.00 27.57  ? 65  TRP A C   1 
ATOM   453  O O   . TRP A 1 65  ? -4.450  -10.406 9.851   1.00 26.50  ? 65  TRP A O   1 
ATOM   454  C CB  . TRP A 1 65  ? -2.585  -12.373 10.820  1.00 29.55  ? 65  TRP A CB  1 
ATOM   455  C CG  . TRP A 1 65  ? -1.176  -12.812 11.141  1.00 30.74  ? 65  TRP A CG  1 
ATOM   456  C CD1 . TRP A 1 65  ? -0.799  -13.761 12.052  1.00 31.90  ? 65  TRP A CD1 1 
ATOM   457  C CD2 . TRP A 1 65  ? 0.035   -12.273 10.595  1.00 31.18  ? 65  TRP A CD2 1 
ATOM   458  N NE1 . TRP A 1 65  ? 0.572   -13.854 12.093  1.00 32.05  ? 65  TRP A NE1 1 
ATOM   459  C CE2 . TRP A 1 65  ? 1.108   -12.954 11.208  1.00 32.26  ? 65  TRP A CE2 1 
ATOM   460  C CE3 . TRP A 1 65  ? 0.318   -11.275 9.638   1.00 31.07  ? 65  TRP A CE3 1 
ATOM   461  C CZ2 . TRP A 1 65  ? 2.448   -12.674 10.904  1.00 31.99  ? 65  TRP A CZ2 1 
ATOM   462  C CZ3 . TRP A 1 65  ? 1.653   -10.997 9.331   1.00 30.74  ? 65  TRP A CZ3 1 
ATOM   463  C CH2 . TRP A 1 65  ? 2.700   -11.696 9.963   1.00 31.16  ? 65  TRP A CH2 1 
ATOM   464  N N   . SER A 1 66  ? -4.999  -9.879  11.941  1.00 27.14  ? 66  SER A N   1 
ATOM   465  C CA  . SER A 1 66  ? -6.015  -8.894  11.534  1.00 26.32  ? 66  SER A CA  1 
ATOM   466  C C   . SER A 1 66  ? -5.216  -7.623  11.257  1.00 24.52  ? 66  SER A C   1 
ATOM   467  O O   . SER A 1 66  ? -4.003  -7.621  11.391  1.00 23.45  ? 66  SER A O   1 
ATOM   468  C CB  . SER A 1 66  ? -7.020  -8.619  12.680  1.00 26.21  ? 66  SER A CB  1 
ATOM   469  O OG  . SER A 1 66  ? -6.363  -8.050  13.795  1.00 27.93  ? 66  SER A OG  1 
ATOM   470  N N   . GLY A 1 67  ? -5.898  -6.526  10.919  1.00 24.69  ? 67  GLY A N   1 
ATOM   471  C CA  . GLY A 1 67  ? -5.177  -5.277  10.700  1.00 24.05  ? 67  GLY A CA  1 
ATOM   472  C C   . GLY A 1 67  ? -6.121  -4.146  10.377  1.00 24.08  ? 67  GLY A C   1 
ATOM   473  O O   . GLY A 1 67  ? -7.361  -4.333  10.322  1.00 23.11  ? 67  GLY A O   1 
ATOM   474  N N   . GLU A 1 68  ? -5.535  -2.969  10.192  1.00 23.43  ? 68  GLU A N   1 
ATOM   475  C CA  . GLU A 1 68  ? -6.309  -1.765  9.919   1.00 22.88  ? 68  GLU A CA  1 
ATOM   476  C C   . GLU A 1 68  ? -5.594  -0.826  8.972   1.00 22.49  ? 68  GLU A C   1 
ATOM   477  O O   . GLU A 1 68  ? -4.354  -0.836  8.892   1.00 20.66  ? 68  GLU A O   1 
ATOM   478  C CB  . GLU A 1 68  ? -6.590  -1.027  11.220  1.00 23.96  ? 68  GLU A CB  1 
ATOM   479  C CG  . GLU A 1 68  ? -5.376  -0.526  11.925  1.00 25.62  ? 68  GLU A CG  1 
ATOM   480  C CD  . GLU A 1 68  ? -5.677  -0.114  13.358  1.00 33.55  ? 68  GLU A CD  1 
ATOM   481  O OE1 . GLU A 1 68  ? -5.731  1.093   13.608  1.00 36.55  ? 68  GLU A OE1 1 
ATOM   482  O OE2 . GLU A 1 68  ? -5.880  -0.993  14.225  1.00 36.21  ? 68  GLU A OE2 1 
ATOM   483  N N   . PHE A 1 69  ? -6.378  0.002   8.287   1.00 20.45  ? 69  PHE A N   1 
ATOM   484  C CA  . PHE A 1 69  ? -5.816  1.032   7.429   1.00 20.26  ? 69  PHE A CA  1 
ATOM   485  C C   . PHE A 1 69  ? -5.246  2.143   8.316   1.00 20.18  ? 69  PHE A C   1 
ATOM   486  O O   . PHE A 1 69  ? -5.980  2.675   9.205   1.00 20.50  ? 69  PHE A O   1 
ATOM   487  C CB  . PHE A 1 69  ? -6.875  1.566   6.463   1.00 20.43  ? 69  PHE A CB  1 
ATOM   488  C CG  . PHE A 1 69  ? -7.291  0.572   5.415   1.00 21.17  ? 69  PHE A CG  1 
ATOM   489  C CD1 . PHE A 1 69  ? -6.450  0.269   4.352   1.00 22.37  ? 69  PHE A CD1 1 
ATOM   490  C CD2 . PHE A 1 69  ? -8.516  -0.081  5.517   1.00 26.21  ? 69  PHE A CD2 1 
ATOM   491  C CE1 . PHE A 1 69  ? -6.832  -0.654  3.369   1.00 22.26  ? 69  PHE A CE1 1 
ATOM   492  C CE2 . PHE A 1 69  ? -8.917  -1.018  4.546   1.00 26.72  ? 69  PHE A CE2 1 
ATOM   493  C CZ  . PHE A 1 69  ? -8.083  -1.287  3.463   1.00 24.21  ? 69  PHE A CZ  1 
ATOM   494  N N   . VAL A 1 70  ? -3.962  2.476   8.114   1.00 19.94  ? 70  VAL A N   1 
ATOM   495  C CA  . VAL A 1 70  ? -3.262  3.501   8.937   1.00 19.84  ? 70  VAL A CA  1 
ATOM   496  C C   . VAL A 1 70  ? -2.878  4.799   8.210   1.00 20.71  ? 70  VAL A C   1 
ATOM   497  O O   . VAL A 1 70  ? -2.552  5.785   8.866   1.00 20.67  ? 70  VAL A O   1 
ATOM   498  C CB  . VAL A 1 70  ? -2.022  2.955   9.707   1.00 21.20  ? 70  VAL A CB  1 
ATOM   499  C CG1 . VAL A 1 70  ? -2.411  1.870   10.664  1.00 20.89  ? 70  VAL A CG1 1 
ATOM   500  C CG2 . VAL A 1 70  ? -0.903  2.463   8.722   1.00 18.46  ? 70  VAL A CG2 1 
ATOM   501  N N   . ALA A 1 71  ? -2.888  4.789   6.873   1.00 18.71  ? 71  ALA A N   1 
ATOM   502  C CA  . ALA A 1 71  ? -2.627  5.982   6.092   1.00 18.89  ? 71  ALA A CA  1 
ATOM   503  C C   . ALA A 1 71  ? -3.270  5.788   4.741   1.00 18.71  ? 71  ALA A C   1 
ATOM   504  O O   . ALA A 1 71  ? -3.415  4.657   4.279   1.00 17.98  ? 71  ALA A O   1 
ATOM   505  C CB  . ALA A 1 71  ? -1.096  6.259   5.936   1.00 18.39  ? 71  ALA A CB  1 
ATOM   506  N N   . GLU A 1 72  ? -3.687  6.887   4.115   1.00 19.42  ? 72  GLU A N   1 
ATOM   507  C CA  . GLU A 1 72  ? -4.221  6.778   2.775   1.00 19.55  ? 72  GLU A CA  1 
ATOM   508  C C   . GLU A 1 72  ? -4.295  8.113   2.090   1.00 20.56  ? 72  GLU A C   1 
ATOM   509  O O   . GLU A 1 72  ? -4.211  9.159   2.762   1.00 20.66  ? 72  GLU A O   1 
ATOM   510  C CB  . GLU A 1 72  ? -5.614  6.119   2.793   1.00 21.23  ? 72  GLU A CB  1 
ATOM   511  C CG  . GLU A 1 72  ? -6.732  7.033   3.292   1.00 22.32  ? 72  GLU A CG  1 
ATOM   512  C CD  . GLU A 1 72  ? -8.116  6.409   3.086   1.00 27.09  ? 72  GLU A CD  1 
ATOM   513  O OE1 . GLU A 1 72  ? -9.122  7.087   3.423   1.00 25.48  ? 72  GLU A OE1 1 
ATOM   514  O OE2 . GLU A 1 72  ? -8.198  5.246   2.594   1.00 26.13  ? 72  GLU A OE2 1 
ATOM   515  N N   . SER A 1 73  ? -4.400  8.048   0.764   1.00 19.09  ? 73  SER A N   1 
ATOM   516  C CA  . SER A 1 73  ? -4.851  9.162   -0.069  1.00 19.67  ? 73  SER A CA  1 
ATOM   517  C C   . SER A 1 73  ? -6.048  8.640   -0.843  1.00 20.30  ? 73  SER A C   1 
ATOM   518  O O   . SER A 1 73  ? -6.028  7.501   -1.367  1.00 19.71  ? 73  SER A O   1 
ATOM   519  C CB  . SER A 1 73  ? -3.744  9.600   -1.039  1.00 19.92  ? 73  SER A CB  1 
ATOM   520  O OG  . SER A 1 73  ? -4.209  10.565  -2.005  1.00 20.61  ? 73  SER A OG  1 
ATOM   521  N N   . VAL A 1 74  ? -7.118  9.448   -0.914  1.00 19.20  ? 74  VAL A N   1 
ATOM   522  C CA  . VAL A 1 74  ? -8.361  9.001   -1.565  1.00 20.49  ? 74  VAL A CA  1 
ATOM   523  C C   . VAL A 1 74  ? -8.933  10.164  -2.406  1.00 20.73  ? 74  VAL A C   1 
ATOM   524  O O   . VAL A 1 74  ? -8.878  11.307  -1.947  1.00 19.42  ? 74  VAL A O   1 
ATOM   525  C CB  . VAL A 1 74  ? -9.409  8.445   -0.522  1.00 19.89  ? 74  VAL A CB  1 
ATOM   526  C CG1 . VAL A 1 74  ? -9.773  9.507   0.559   1.00 21.08  ? 74  VAL A CG1 1 
ATOM   527  C CG2 . VAL A 1 74  ? -10.657 7.875   -1.229  1.00 20.99  ? 74  VAL A CG2 1 
ATOM   528  N N   . GLY A 1 75  ? -9.408  9.862   -3.622  1.00 21.77  ? 75  GLY A N   1 
ATOM   529  C CA  . GLY A 1 75  ? -10.004 10.862  -4.504  1.00 23.99  ? 75  GLY A CA  1 
ATOM   530  C C   . GLY A 1 75  ? -11.363 11.351  -3.990  1.00 26.14  ? 75  GLY A C   1 
ATOM   531  O O   . GLY A 1 75  ? -11.963 10.700  -3.143  1.00 25.34  ? 75  GLY A O   1 
ATOM   532  N N   . SER A 1 76  ? -11.830 12.507  -4.489  1.00 28.57  ? 76  SER A N   1 
ATOM   533  C CA  . SER A 1 76  ? -13.196 12.990  -4.170  1.00 29.98  ? 76  SER A CA  1 
ATOM   534  C C   . SER A 1 76  ? -14.245 11.983  -4.553  1.00 29.69  ? 76  SER A C   1 
ATOM   535  O O   . SER A 1 76  ? -14.143 11.275  -5.571  1.00 30.53  ? 76  SER A O   1 
ATOM   536  C CB  . SER A 1 76  ? -13.541 14.310  -4.885  1.00 31.09  ? 76  SER A CB  1 
ATOM   537  O OG  . SER A 1 76  ? -12.431 15.172  -4.892  1.00 35.83  ? 76  SER A OG  1 
ATOM   538  N N   . GLY A 1 77  ? -15.290 11.914  -3.743  1.00 30.09  ? 77  GLY A N   1 
ATOM   539  C CA  . GLY A 1 77  ? -16.389 11.043  -4.094  1.00 29.22  ? 77  GLY A CA  1 
ATOM   540  C C   . GLY A 1 77  ? -16.256 9.630   -3.578  1.00 29.04  ? 77  GLY A C   1 
ATOM   541  O O   . GLY A 1 77  ? -17.182 8.858   -3.729  1.00 29.86  ? 77  GLY A O   1 
ATOM   542  N N   . TRP A 1 78  ? -15.120 9.278   -2.974  1.00 26.94  ? 78  TRP A N   1 
ATOM   543  C CA  . TRP A 1 78  ? -14.937 7.957   -2.383  1.00 26.24  ? 78  TRP A CA  1 
ATOM   544  C C   . TRP A 1 78  ? -14.797 8.114   -0.874  1.00 25.48  ? 78  TRP A C   1 
ATOM   545  O O   . TRP A 1 78  ? -14.296 9.128   -0.379  1.00 26.26  ? 78  TRP A O   1 
ATOM   546  C CB  . TRP A 1 78  ? -13.690 7.251   -2.972  1.00 26.15  ? 78  TRP A CB  1 
ATOM   547  C CG  . TRP A 1 78  ? -13.665 7.275   -4.500  1.00 25.52  ? 78  TRP A CG  1 
ATOM   548  C CD1 . TRP A 1 78  ? -12.848 8.015   -5.295  1.00 25.79  ? 78  TRP A CD1 1 
ATOM   549  C CD2 . TRP A 1 78  ? -14.495 6.513   -5.372  1.00 26.00  ? 78  TRP A CD2 1 
ATOM   550  N NE1 . TRP A 1 78  ? -13.135 7.776   -6.630  1.00 25.59  ? 78  TRP A NE1 1 
ATOM   551  C CE2 . TRP A 1 78  ? -14.134 6.849   -6.701  1.00 26.37  ? 78  TRP A CE2 1 
ATOM   552  C CE3 . TRP A 1 78  ? -15.525 5.581   -5.163  1.00 27.73  ? 78  TRP A CE3 1 
ATOM   553  C CZ2 . TRP A 1 78  ? -14.771 6.300   -7.811  1.00 27.45  ? 78  TRP A CZ2 1 
ATOM   554  C CZ3 . TRP A 1 78  ? -16.157 5.024   -6.275  1.00 27.86  ? 78  TRP A CZ3 1 
ATOM   555  C CH2 . TRP A 1 78  ? -15.765 5.374   -7.584  1.00 28.04  ? 78  TRP A CH2 1 
ATOM   556  N N   . VAL A 1 79  ? -15.228 7.100   -0.151  1.00 26.09  ? 79  VAL A N   1 
ATOM   557  C CA  . VAL A 1 79  ? -15.311 7.159   1.302   1.00 27.15  ? 79  VAL A CA  1 
ATOM   558  C C   . VAL A 1 79  ? -13.933 7.283   1.959   1.00 26.97  ? 79  VAL A C   1 
ATOM   559  O O   . VAL A 1 79  ? -12.991 6.616   1.534   1.00 26.82  ? 79  VAL A O   1 
ATOM   560  C CB  . VAL A 1 79  ? -16.098 5.922   1.844   1.00 28.32  ? 79  VAL A CB  1 
ATOM   561  C CG1 . VAL A 1 79  ? -15.320 4.610   1.685   1.00 28.84  ? 79  VAL A CG1 1 
ATOM   562  C CG2 . VAL A 1 79  ? -16.501 6.132   3.276   1.00 30.10  ? 79  VAL A CG2 1 
ATOM   563  N N   . LYS A 1 80  ? -13.805 8.162   2.947   1.00 26.01  ? 80  LYS A N   1 
ATOM   564  C CA  . LYS A 1 80  ? -12.590 8.214   3.745   1.00 25.97  ? 80  LYS A CA  1 
ATOM   565  C C   . LYS A 1 80  ? -12.560 7.105   4.769   1.00 24.44  ? 80  LYS A C   1 
ATOM   566  O O   . LYS A 1 80  ? -13.489 6.960   5.553   1.00 24.22  ? 80  LYS A O   1 
ATOM   567  C CB  . LYS A 1 80  ? -12.412 9.573   4.397   1.00 26.54  ? 80  LYS A CB  1 
ATOM   568  C CG  . LYS A 1 80  ? -12.255 10.648  3.354   1.00 31.46  ? 80  LYS A CG  1 
ATOM   569  C CD  . LYS A 1 80  ? -11.890 11.989  3.955   1.00 37.57  ? 80  LYS A CD  1 
ATOM   570  C CE  . LYS A 1 80  ? -11.760 13.014  2.828   1.00 41.01  ? 80  LYS A CE  1 
ATOM   571  N NZ  . LYS A 1 80  ? -13.100 13.397  2.279   1.00 43.14  ? 80  LYS A NZ  1 
ATOM   572  N N   . LEU A 1 81  ? -11.481 6.326   4.750   1.00 22.29  ? 81  LEU A N   1 
ATOM   573  C CA  . LEU A 1 81  ? -11.305 5.173   5.632   1.00 20.87  ? 81  LEU A CA  1 
ATOM   574  C C   . LEU A 1 81  ? -10.239 5.381   6.713   1.00 20.24  ? 81  LEU A C   1 
ATOM   575  O O   . LEU A 1 81  ? -10.062 4.543   7.601   1.00 21.24  ? 81  LEU A O   1 
ATOM   576  C CB  . LEU A 1 81  ? -10.959 3.926   4.788   1.00 20.39  ? 81  LEU A CB  1 
ATOM   577  C CG  . LEU A 1 81  ? -12.016 3.454   3.793   1.00 21.93  ? 81  LEU A CG  1 
ATOM   578  C CD1 . LEU A 1 81  ? -11.438 2.262   3.000   1.00 22.64  ? 81  LEU A CD1 1 
ATOM   579  C CD2 . LEU A 1 81  ? -13.345 3.063   4.500   1.00 20.65  ? 81  LEU A CD2 1 
ATOM   580  N N   . VAL A 1 82  ? -9.525  6.500   6.621   1.00 20.16  ? 82  VAL A N   1 
ATOM   581  C CA  . VAL A 1 82  ? -8.520  6.871   7.596   1.00 20.11  ? 82  VAL A CA  1 
ATOM   582  C C   . VAL A 1 82  ? -8.740  8.331   8.013   1.00 19.57  ? 82  VAL A C   1 
ATOM   583  O O   . VAL A 1 82  ? -8.965  9.207   7.166   1.00 20.74  ? 82  VAL A O   1 
ATOM   584  C CB  . VAL A 1 82  ? -7.071  6.717   7.005   1.00 20.44  ? 82  VAL A CB  1 
ATOM   585  C CG1 . VAL A 1 82  ? -6.045  7.201   7.985   1.00 21.81  ? 82  VAL A CG1 1 
ATOM   586  C CG2 . VAL A 1 82  ? -6.830  5.255   6.603   1.00 19.95  ? 82  VAL A CG2 1 
ATOM   587  N N   . GLY A 1 83  ? -8.682  8.583   9.306   1.00 20.15  ? 83  GLY A N   1 
ATOM   588  C CA  . GLY A 1 83  ? -8.814  9.944   9.795   1.00 21.51  ? 83  GLY A CA  1 
ATOM   589  C C   . GLY A 1 83  ? -9.058  9.978   11.290  1.00 22.61  ? 83  GLY A C   1 
ATOM   590  O O   . GLY A 1 83  ? -9.112  8.926   11.959  1.00 22.46  ? 83  GLY A O   1 
ATOM   591  N N   . PRO A 1 84  ? -9.163  11.192  11.837  1.00 22.86  ? 84  PRO A N   1 
ATOM   592  C CA  . PRO A 1 84  ? -9.389  11.278  13.277  1.00 23.10  ? 84  PRO A CA  1 
ATOM   593  C C   . PRO A 1 84  ? -10.719 10.621  13.619  1.00 21.21  ? 84  PRO A C   1 
ATOM   594  O O   . PRO A 1 84  ? -11.728 10.808  12.908  1.00 22.44  ? 84  PRO A O   1 
ATOM   595  C CB  . PRO A 1 84  ? -9.450  12.799  13.555  1.00 22.61  ? 84  PRO A CB  1 
ATOM   596  C CG  . PRO A 1 84  ? -8.746  13.431  12.391  1.00 25.26  ? 84  PRO A CG  1 
ATOM   597  C CD  . PRO A 1 84  ? -9.089  12.517  11.197  1.00 23.88  ? 84  PRO A CD  1 
ATOM   598  N N   . ASP A 1 85  ? -10.681 9.824   14.682  1.00 21.16  ? 85  ASP A N   1 
ATOM   599  C CA  . ASP A 1 85  ? -11.869 9.180   15.251  1.00 20.64  ? 85  ASP A CA  1 
ATOM   600  C C   . ASP A 1 85  ? -12.481 8.152   14.294  1.00 20.65  ? 85  ASP A C   1 
ATOM   601  O O   . ASP A 1 85  ? -13.627 7.769   14.440  1.00 21.13  ? 85  ASP A O   1 
ATOM   602  C CB  . ASP A 1 85  ? -12.891 10.260  15.682  1.00 20.03  ? 85  ASP A CB  1 
ATOM   603  C CG  . ASP A 1 85  ? -13.918 9.751   16.697  1.00 19.91  ? 85  ASP A CG  1 
ATOM   604  O OD1 . ASP A 1 85  ? -13.678 8.711   17.354  1.00 17.13  ? 85  ASP A OD1 1 
ATOM   605  O OD2 . ASP A 1 85  ? -14.954 10.452  16.854  1.00 18.03  ? 85  ASP A OD2 1 
ATOM   606  N N   . ILE A 1 86  ? -11.690 7.685   13.315  1.00 20.45  ? 86  ILE A N   1 
ATOM   607  C CA  . ILE A 1 86  ? -12.108 6.594   12.414  1.00 22.23  ? 86  ILE A CA  1 
ATOM   608  C C   . ILE A 1 86  ? -11.101 5.460   12.578  1.00 21.52  ? 86  ILE A C   1 
ATOM   609  O O   . ILE A 1 86  ? -9.897  5.722   12.721  1.00 22.24  ? 86  ILE A O   1 
ATOM   610  C CB  . ILE A 1 86  ? -12.029 7.063   10.933  1.00 21.09  ? 86  ILE A CB  1 
ATOM   611  C CG1 . ILE A 1 86  ? -13.057 8.160   10.667  1.00 27.16  ? 86  ILE A CG1 1 
ATOM   612  C CG2 . ILE A 1 86  ? -12.232 5.895   9.945   1.00 25.45  ? 86  ILE A CG2 1 
ATOM   613  C CD1 . ILE A 1 86  ? -12.887 8.761   9.244   1.00 31.82  ? 86  ILE A CD1 1 
ATOM   614  N N   . LYS A 1 87  ? -11.574 4.221   12.546  1.00 22.93  ? 87  LYS A N   1 
ATOM   615  C CA  . LYS A 1 87  ? -10.642 3.085   12.515  1.00 23.95  ? 87  LYS A CA  1 
ATOM   616  C C   . LYS A 1 87  ? -11.240 2.021   11.618  1.00 24.23  ? 87  LYS A C   1 
ATOM   617  O O   . LYS A 1 87  ? -12.212 1.362   12.004  1.00 24.03  ? 87  LYS A O   1 
ATOM   618  C CB  . LYS A 1 87  ? -10.406 2.523   13.917  1.00 24.65  ? 87  LYS A CB  1 
ATOM   619  C CG  . LYS A 1 87  ? -9.457  1.321   13.917  1.00 29.23  ? 87  LYS A CG  1 
ATOM   620  C CD  . LYS A 1 87  ? -9.861  0.296   14.978  1.00 36.72  ? 87  LYS A CD  1 
ATOM   621  C CE  . LYS A 1 87  ? -9.083  0.445   16.243  1.00 41.60  ? 87  LYS A CE  1 
ATOM   622  N NZ  . LYS A 1 87  ? -7.691  -0.070  16.067  1.00 45.79  ? 87  LYS A NZ  1 
ATOM   623  N N   . THR A 1 88  ? -10.679 1.856   10.416  1.00 22.80  ? 88  THR A N   1 
ATOM   624  C CA  . THR A 1 88  ? -11.218 0.871   9.476   1.00 22.68  ? 88  THR A CA  1 
ATOM   625  C C   . THR A 1 88  ? -10.418 -0.422  9.608   1.00 23.66  ? 88  THR A C   1 
ATOM   626  O O   . THR A 1 88  ? -9.246  -0.473  9.206   1.00 22.68  ? 88  THR A O   1 
ATOM   627  C CB  . THR A 1 88  ? -11.183 1.358   8.048   1.00 21.48  ? 88  THR A CB  1 
ATOM   628  O OG1 . THR A 1 88  ? -11.968 2.561   7.946   1.00 23.65  ? 88  THR A OG1 1 
ATOM   629  C CG2 . THR A 1 88  ? -11.784 0.288   7.073   1.00 21.28  ? 88  THR A CG2 1 
ATOM   630  N N   . VAL A 1 89  ? -11.052 -1.428  10.208  1.00 24.55  ? 89  VAL A N   1 
ATOM   631  C CA  . VAL A 1 89  ? -10.419 -2.728  10.436  1.00 25.80  ? 89  VAL A CA  1 
ATOM   632  C C   . VAL A 1 89  ? -10.832 -3.695  9.341   1.00 26.24  ? 89  VAL A C   1 
ATOM   633  O O   . VAL A 1 89  ? -11.962 -3.672  8.866   1.00 26.57  ? 89  VAL A O   1 
ATOM   634  C CB  . VAL A 1 89  ? -10.812 -3.328  11.825  1.00 26.63  ? 89  VAL A CB  1 
ATOM   635  C CG1 . VAL A 1 89  ? -10.131 -4.677  12.062  1.00 29.42  ? 89  VAL A CG1 1 
ATOM   636  C CG2 . VAL A 1 89  ? -10.437 -2.394  12.935  1.00 26.41  ? 89  VAL A CG2 1 
ATOM   637  N N   . TRP A 1 90  ? -9.911  -4.545  8.915   1.00 26.30  ? 90  TRP A N   1 
ATOM   638  C CA  . TRP A 1 90  ? -10.284 -5.666  8.073   1.00 27.22  ? 90  TRP A CA  1 
ATOM   639  C C   . TRP A 1 90  ? -9.617  -6.895  8.686   1.00 28.04  ? 90  TRP A C   1 
ATOM   640  O O   . TRP A 1 90  ? -8.384  -6.996  8.726   1.00 27.08  ? 90  TRP A O   1 
ATOM   641  C CB  . TRP A 1 90  ? -9.841  -5.413  6.642   1.00 28.50  ? 90  TRP A CB  1 
ATOM   642  C CG  . TRP A 1 90  ? -10.299 -6.407  5.584   1.00 27.90  ? 90  TRP A CG  1 
ATOM   643  C CD1 . TRP A 1 90  ? -10.741 -7.698  5.766   1.00 30.10  ? 90  TRP A CD1 1 
ATOM   644  C CD2 . TRP A 1 90  ? -10.297 -6.175  4.175   1.00 29.97  ? 90  TRP A CD2 1 
ATOM   645  N NE1 . TRP A 1 90  ? -11.028 -8.272  4.544   1.00 31.09  ? 90  TRP A NE1 1 
ATOM   646  C CE2 . TRP A 1 90  ? -10.746 -7.369  3.550   1.00 30.31  ? 90  TRP A CE2 1 
ATOM   647  C CE3 . TRP A 1 90  ? -9.935  -5.080  3.373   1.00 28.00  ? 90  TRP A CE3 1 
ATOM   648  C CZ2 . TRP A 1 90  ? -10.867 -7.489  2.160   1.00 30.44  ? 90  TRP A CZ2 1 
ATOM   649  C CZ3 . TRP A 1 90  ? -10.061 -5.202  1.973   1.00 30.27  ? 90  TRP A CZ3 1 
ATOM   650  C CH2 . TRP A 1 90  ? -10.526 -6.404  1.388   1.00 29.07  ? 90  TRP A CH2 1 
ATOM   651  N N   . GLU A 1 91  ? -10.442 -7.787  9.243   1.00 28.27  ? 91  GLU A N   1 
ATOM   652  C CA  . GLU A 1 91  ? -9.957  -9.022  9.844   1.00 30.28  ? 91  GLU A CA  1 
ATOM   653  C C   . GLU A 1 91  ? -10.179 -10.135 8.831   1.00 30.42  ? 91  GLU A C   1 
ATOM   654  O O   . GLU A 1 91  ? -11.280 -10.680 8.728   1.00 31.80  ? 91  GLU A O   1 
ATOM   655  C CB  . GLU A 1 91  ? -10.706 -9.333  11.153  1.00 31.06  ? 91  GLU A CB  1 
ATOM   656  C CG  . GLU A 1 91  ? -10.225 -10.597 11.842  1.00 34.32  ? 91  GLU A CG  1 
ATOM   657  C CD  . GLU A 1 91  ? -10.644 -10.677 13.311  1.00 40.27  ? 91  GLU A CD  1 
ATOM   658  O OE1 . GLU A 1 91  ? -11.641 -10.005 13.690  1.00 42.22  ? 91  GLU A OE1 1 
ATOM   659  O OE2 . GLU A 1 91  ? -9.954  -11.391 14.084  1.00 40.82  ? 91  GLU A OE2 1 
ATOM   660  N N   . ASP A 1 92  ? -9.147  -10.442 8.055   1.00 29.48  ? 92  ASP A N   1 
ATOM   661  C CA  . ASP A 1 92  ? -9.330  -11.352 6.933   1.00 29.49  ? 92  ASP A CA  1 
ATOM   662  C C   . ASP A 1 92  ? -8.915  -12.753 7.372   1.00 30.20  ? 92  ASP A C   1 
ATOM   663  O O   . ASP A 1 92  ? -7.779  -12.955 7.810   1.00 29.30  ? 92  ASP A O   1 
ATOM   664  C CB  . ASP A 1 92  ? -8.558  -10.886 5.693   1.00 28.57  ? 92  ASP A CB  1 
ATOM   665  C CG  . ASP A 1 92  ? -8.815  -11.772 4.489   1.00 27.64  ? 92  ASP A CG  1 
ATOM   666  O OD1 . ASP A 1 92  ? -9.654  -11.419 3.633   1.00 27.55  ? 92  ASP A OD1 1 
ATOM   667  O OD2 . ASP A 1 92  ? -8.180  -12.844 4.419   1.00 29.59  ? 92  ASP A OD2 1 
ATOM   668  N N   . THR A 1 93  ? -9.853  -13.703 7.296   1.00 31.52  ? 93  THR A N   1 
ATOM   669  C CA  . THR A 1 93  ? -9.599  -15.027 7.857   1.00 33.22  ? 93  THR A CA  1 
ATOM   670  C C   . THR A 1 93  ? -8.549  -15.815 7.070   1.00 32.90  ? 93  THR A C   1 
ATOM   671  O O   . THR A 1 93  ? -7.792  -16.565 7.674   1.00 33.66  ? 93  THR A O   1 
ATOM   672  C CB  . THR A 1 93  ? -10.894 -15.856 8.122   1.00 33.45  ? 93  THR A CB  1 
ATOM   673  O OG1 . THR A 1 93  ? -11.718 -15.852 6.959   1.00 36.89  ? 93  THR A OG1 1 
ATOM   674  C CG2 . THR A 1 93  ? -11.680 -15.216 9.227   1.00 35.56  ? 93  THR A CG2 1 
ATOM   675  N N   . HIS A 1 94  ? -8.493  -15.638 5.752   1.00 32.94  ? 94  HIS A N   1 
ATOM   676  C CA  . HIS A 1 94  ? -7.410  -16.249 4.945   1.00 33.04  ? 94  HIS A CA  1 
ATOM   677  C C   . HIS A 1 94  ? -6.048  -15.707 5.370   1.00 32.39  ? 94  HIS A C   1 
ATOM   678  O O   . HIS A 1 94  ? -5.135  -16.483 5.678   1.00 31.45  ? 94  HIS A O   1 
ATOM   679  C CB  . HIS A 1 94  ? -7.658  -16.064 3.442   1.00 34.71  ? 94  HIS A CB  1 
ATOM   680  C CG  . HIS A 1 94  ? -6.421  -16.175 2.584   1.00 38.23  ? 94  HIS A CG  1 
ATOM   681  N ND1 . HIS A 1 94  ? -5.847  -17.384 2.245   1.00 42.61  ? 94  HIS A ND1 1 
ATOM   682  C CD2 . HIS A 1 94  ? -5.667  -15.221 1.980   1.00 42.49  ? 94  HIS A CD2 1 
ATOM   683  C CE1 . HIS A 1 94  ? -4.780  -17.171 1.492   1.00 42.36  ? 94  HIS A CE1 1 
ATOM   684  N NE2 . HIS A 1 94  ? -4.650  -15.866 1.314   1.00 44.21  ? 94  HIS A NE2 1 
ATOM   685  N N   . LEU A 1 95  ? -5.902  -14.378 5.420   1.00 31.32  ? 95  LEU A N   1 
ATOM   686  C CA  . LEU A 1 95  ? -4.636  -13.811 5.875   1.00 30.92  ? 95  LEU A CA  1 
ATOM   687  C C   . LEU A 1 95  ? -4.250  -14.245 7.298   1.00 31.50  ? 95  LEU A C   1 
ATOM   688  O O   . LEU A 1 95  ? -3.070  -14.416 7.610   1.00 30.91  ? 95  LEU A O   1 
ATOM   689  C CB  . LEU A 1 95  ? -4.645  -12.276 5.754   1.00 30.21  ? 95  LEU A CB  1 
ATOM   690  C CG  . LEU A 1 95  ? -4.733  -11.730 4.330   1.00 28.98  ? 95  LEU A CG  1 
ATOM   691  C CD1 . LEU A 1 95  ? -4.668  -10.194 4.372   1.00 28.72  ? 95  LEU A CD1 1 
ATOM   692  C CD2 . LEU A 1 95  ? -3.612  -12.314 3.415   1.00 27.67  ? 95  LEU A CD2 1 
ATOM   693  N N   . GLN A 1 96  ? -5.242  -14.402 8.174   1.00 32.12  ? 96  GLN A N   1 
ATOM   694  C CA  . GLN A 1 96  ? -4.962  -14.882 9.541   1.00 32.94  ? 96  GLN A CA  1 
ATOM   695  C C   . GLN A 1 96  ? -4.508  -16.341 9.593   1.00 33.49  ? 96  GLN A C   1 
ATOM   696  O O   . GLN A 1 96  ? -3.482  -16.650 10.197  1.00 33.77  ? 96  GLN A O   1 
ATOM   697  C CB  . GLN A 1 96  ? -6.185  -14.703 10.435  1.00 33.23  ? 96  GLN A CB  1 
ATOM   698  C CG  . GLN A 1 96  ? -6.425  -13.275 10.838  1.00 32.83  ? 96  GLN A CG  1 
ATOM   699  C CD  . GLN A 1 96  ? -7.597  -13.155 11.785  1.00 32.66  ? 96  GLN A CD  1 
ATOM   700  O OE1 . GLN A 1 96  ? -8.705  -13.598 11.465  1.00 33.01  ? 96  GLN A OE1 1 
ATOM   701  N NE2 . GLN A 1 96  ? -7.365  -12.549 12.945  1.00 33.55  ? 96  GLN A NE2 1 
ATOM   702  N N   . GLU A 1 97  ? -5.264  -17.210 8.932   1.00 34.76  ? 97  GLU A N   1 
ATOM   703  C CA  . GLU A 1 97  ? -4.966  -18.648 8.878   1.00 36.05  ? 97  GLU A CA  1 
ATOM   704  C C   . GLU A 1 97  ? -3.612  -18.946 8.263   1.00 36.06  ? 97  GLU A C   1 
ATOM   705  O O   . GLU A 1 97  ? -2.965  -19.916 8.655   1.00 36.07  ? 97  GLU A O   1 
ATOM   706  C CB  . GLU A 1 97  ? -6.010  -19.374 8.047   1.00 36.56  ? 97  GLU A CB  1 
ATOM   707  C CG  . GLU A 1 97  ? -7.378  -19.521 8.719   1.00 41.41  ? 97  GLU A CG  1 
ATOM   708  C CD  . GLU A 1 97  ? -8.449  -19.991 7.741   1.00 47.57  ? 97  GLU A CD  1 
ATOM   709  O OE1 . GLU A 1 97  ? -8.100  -20.312 6.569   1.00 51.53  ? 97  GLU A OE1 1 
ATOM   710  O OE2 . GLU A 1 97  ? -9.639  -20.028 8.137   1.00 49.90  ? 97  GLU A OE2 1 
ATOM   711  N N   . THR A 1 98  ? -3.196  -18.127 7.290   1.00 35.34  ? 98  THR A N   1 
ATOM   712  C CA  . THR A 1 98  ? -1.923  -18.334 6.587   1.00 34.99  ? 98  THR A CA  1 
ATOM   713  C C   . THR A 1 98  ? -0.814  -17.405 7.055   1.00 34.80  ? 98  THR A C   1 
ATOM   714  O O   . THR A 1 98  ? 0.273   -17.401 6.473   1.00 35.02  ? 98  THR A O   1 
ATOM   715  C CB  . THR A 1 98  ? -2.096  -18.168 5.059   1.00 34.85  ? 98  THR A CB  1 
ATOM   716  O OG1 . THR A 1 98  ? -2.536  -16.831 4.761   1.00 35.04  ? 98  THR A OG1 1 
ATOM   717  C CG2 . THR A 1 98  ? -3.129  -19.129 4.524   1.00 34.53  ? 98  THR A CG2 1 
ATOM   718  N N   . GLN A 1 99  ? -1.087  -16.604 8.086   1.00 33.75  ? 99  GLN A N   1 
ATOM   719  C CA  . GLN A 1 99  ? -0.128  -15.627 8.632   1.00 33.33  ? 99  GLN A CA  1 
ATOM   720  C C   . GLN A 1 99  ? 0.444   -14.658 7.587   1.00 32.02  ? 99  GLN A C   1 
ATOM   721  O O   . GLN A 1 99  ? 1.643   -14.380 7.571   1.00 31.07  ? 99  GLN A O   1 
ATOM   722  C CB  . GLN A 1 99  ? 1.002   -16.304 9.392   1.00 34.40  ? 99  GLN A CB  1 
ATOM   723  C CG  . GLN A 1 99  ? 0.513   -17.258 10.472  1.00 39.11  ? 99  GLN A CG  1 
ATOM   724  C CD  . GLN A 1 99  ? 1.612   -17.605 11.450  1.00 44.96  ? 99  GLN A CD  1 
ATOM   725  O OE1 . GLN A 1 99  ? 2.654   -18.154 11.066  1.00 48.22  ? 99  GLN A OE1 1 
ATOM   726  N NE2 . GLN A 1 99  ? 1.395   -17.278 12.722  1.00 48.26  ? 99  GLN A NE2 1 
ATOM   727  N N   . GLY A 1 100 ? -0.439  -14.144 6.736   1.00 30.50  ? 100 GLY A N   1 
ATOM   728  C CA  . GLY A 1 100 ? -0.070  -13.083 5.811   1.00 28.87  ? 100 GLY A CA  1 
ATOM   729  C C   . GLY A 1 100 ? -0.159  -13.469 4.358   1.00 28.21  ? 100 GLY A C   1 
ATOM   730  O O   . GLY A 1 100 ? 0.242   -12.677 3.507   1.00 27.61  ? 100 GLY A O   1 
ATOM   731  N N   . GLY A 1 101 ? -0.683  -14.671 4.060   1.00 28.03  ? 101 GLY A N   1 
ATOM   732  C CA  . GLY A 1 101 ? -0.846  -15.133 2.673   1.00 26.83  ? 101 GLY A CA  1 
ATOM   733  C C   . GLY A 1 101 ? 0.464   -15.131 1.886   1.00 26.64  ? 101 GLY A C   1 
ATOM   734  O O   . GLY A 1 101 ? 1.539   -15.299 2.456   1.00 25.93  ? 101 GLY A O   1 
ATOM   735  N N   . ARG A 1 102 ? 0.360   -14.913 0.575   1.00 26.98  ? 102 ARG A N   1 
ATOM   736  C CA  . ARG A 1 102 ? 1.534   -14.858 -0.323  1.00 27.19  ? 102 ARG A CA  1 
ATOM   737  C C   . ARG A 1 102 ? 2.488   -13.719 0.051   1.00 25.73  ? 102 ARG A C   1 
ATOM   738  O O   . ARG A 1 102 ? 3.690   -13.753 -0.242  1.00 25.12  ? 102 ARG A O   1 
ATOM   739  C CB  . ARG A 1 102 ? 1.079   -14.750 -1.808  1.00 27.83  ? 102 ARG A CB  1 
ATOM   740  C CG  . ARG A 1 102 ? 0.752   -13.274 -2.302  1.00 30.42  ? 102 ARG A CG  1 
ATOM   741  C CD  . ARG A 1 102 ? 0.300   -13.158 -3.793  1.00 30.45  ? 102 ARG A CD  1 
ATOM   742  N NE  . ARG A 1 102 ? -1.033  -13.740 -4.039  1.00 34.88  ? 102 ARG A NE  1 
ATOM   743  C CZ  . ARG A 1 102 ? -1.258  -14.836 -4.773  1.00 38.90  ? 102 ARG A CZ  1 
ATOM   744  N NH1 . ARG A 1 102 ? -0.237  -15.473 -5.350  1.00 40.51  ? 102 ARG A NH1 1 
ATOM   745  N NH2 . ARG A 1 102 ? -2.496  -15.293 -4.953  1.00 37.00  ? 102 ARG A NH2 1 
ATOM   746  N N   . TYR A 1 103 ? 1.958   -12.684 0.722   1.00 25.32  ? 103 TYR A N   1 
ATOM   747  C CA  . TYR A 1 103 ? 2.775   -11.529 1.143   1.00 24.32  ? 103 TYR A CA  1 
ATOM   748  C C   . TYR A 1 103 ? 3.901   -11.898 2.118   1.00 24.62  ? 103 TYR A C   1 
ATOM   749  O O   . TYR A 1 103 ? 4.940   -11.240 2.151   1.00 24.41  ? 103 TYR A O   1 
ATOM   750  C CB  . TYR A 1 103 ? 1.847   -10.385 1.657   1.00 24.34  ? 103 TYR A CB  1 
ATOM   751  C CG  . TYR A 1 103 ? 0.751   -10.177 0.639   1.00 22.37  ? 103 TYR A CG  1 
ATOM   752  C CD1 . TYR A 1 103 ? 1.007   -9.471  -0.534  1.00 21.44  ? 103 TYR A CD1 1 
ATOM   753  C CD2 . TYR A 1 103 ? -0.507  -10.803 0.783   1.00 21.63  ? 103 TYR A CD2 1 
ATOM   754  C CE1 . TYR A 1 103 ? 0.046   -9.342  -1.516  1.00 23.74  ? 103 TYR A CE1 1 
ATOM   755  C CE2 . TYR A 1 103 ? -1.495  -10.688 -0.201  1.00 21.78  ? 103 TYR A CE2 1 
ATOM   756  C CZ  . TYR A 1 103 ? -1.206  -9.961  -1.357  1.00 25.30  ? 103 TYR A CZ  1 
ATOM   757  O OH  . TYR A 1 103 ? -2.137  -9.809  -2.352  1.00 28.25  ? 103 TYR A OH  1 
ATOM   758  N N   . ARG A 1 104 ? 3.701   -12.972 2.877   1.00 26.28  ? 104 ARG A N   1 
ATOM   759  C CA  . ARG A 1 104 ? 4.721   -13.533 3.771   1.00 28.08  ? 104 ARG A CA  1 
ATOM   760  C C   . ARG A 1 104 ? 5.954   -13.983 2.976   1.00 27.09  ? 104 ARG A C   1 
ATOM   761  O O   . ARG A 1 104 ? 7.062   -13.937 3.495   1.00 27.70  ? 104 ARG A O   1 
ATOM   762  C CB  . ARG A 1 104 ? 4.154   -14.754 4.494   1.00 29.21  ? 104 ARG A CB  1 
ATOM   763  C CG  . ARG A 1 104 ? 4.787   -15.060 5.833   1.00 35.71  ? 104 ARG A CG  1 
ATOM   764  C CD  . ARG A 1 104 ? 4.096   -16.297 6.433   1.00 42.32  ? 104 ARG A CD  1 
ATOM   765  N NE  . ARG A 1 104 ? 2.987   -16.689 5.563   1.00 46.13  ? 104 ARG A NE  1 
ATOM   766  C CZ  . ARG A 1 104 ? 2.901   -17.855 4.929   1.00 47.14  ? 104 ARG A CZ  1 
ATOM   767  N NH1 . ARG A 1 104 ? 3.831   -18.792 5.113   1.00 48.87  ? 104 ARG A NH1 1 
ATOM   768  N NH2 . ARG A 1 104 ? 1.865   -18.082 4.127   1.00 47.72  ? 104 ARG A NH2 1 
ATOM   769  N N   . HIS A 1 105 ? 5.741   -14.384 1.729   1.00 27.18  ? 105 HIS A N   1 
ATOM   770  C CA  . HIS A 1 105 ? 6.836   -14.767 0.796   1.00 27.29  ? 105 HIS A CA  1 
ATOM   771  C C   . HIS A 1 105 ? 7.333   -13.624 -0.090  1.00 26.73  ? 105 HIS A C   1 
ATOM   772  O O   . HIS A 1 105 ? 8.051   -13.844 -1.086  1.00 25.75  ? 105 HIS A O   1 
ATOM   773  C CB  . HIS A 1 105 ? 6.368   -15.932 -0.068  1.00 27.74  ? 105 HIS A CB  1 
ATOM   774  C CG  . HIS A 1 105 ? 5.992   -17.139 0.733   1.00 30.94  ? 105 HIS A CG  1 
ATOM   775  N ND1 . HIS A 1 105 ? 4.819   -17.838 0.531   1.00 35.20  ? 105 HIS A ND1 1 
ATOM   776  C CD2 . HIS A 1 105 ? 6.633   -17.761 1.747   1.00 33.45  ? 105 HIS A CD2 1 
ATOM   777  C CE1 . HIS A 1 105 ? 4.757   -18.843 1.387   1.00 33.49  ? 105 HIS A CE1 1 
ATOM   778  N NE2 . HIS A 1 105 ? 5.841   -18.815 2.139   1.00 34.70  ? 105 HIS A NE2 1 
ATOM   779  N N   . GLN A 1 106 ? 6.961   -12.401 0.293   1.00 25.99  ? 106 GLN A N   1 
ATOM   780  C CA  . GLN A 1 106 ? 7.378   -11.169 -0.392  1.00 26.03  ? 106 GLN A CA  1 
ATOM   781  C C   . GLN A 1 106 ? 6.845   -11.055 -1.809  1.00 24.30  ? 106 GLN A C   1 
ATOM   782  O O   . GLN A 1 106 ? 7.452   -10.388 -2.636  1.00 23.88  ? 106 GLN A O   1 
ATOM   783  C CB  . GLN A 1 106 ? 8.902   -10.977 -0.390  1.00 26.61  ? 106 GLN A CB  1 
ATOM   784  C CG  . GLN A 1 106 ? 9.468   -10.532 0.930   1.00 32.28  ? 106 GLN A CG  1 
ATOM   785  C CD  . GLN A 1 106 ? 10.826  -9.873  0.800   1.00 35.01  ? 106 GLN A CD  1 
ATOM   786  O OE1 . GLN A 1 106 ? 10.979  -8.652  0.984   1.00 37.00  ? 106 GLN A OE1 1 
ATOM   787  N NE2 . GLN A 1 106 ? 11.818  -10.678 0.474   1.00 37.78  ? 106 GLN A NE2 1 
ATOM   788  N N   . GLU A 1 107 ? 5.690   -11.657 -2.074  1.00 23.38  ? 107 GLU A N   1 
ATOM   789  C CA  . GLU A 1 107 ? 5.068   -11.538 -3.381  1.00 22.52  ? 107 GLU A CA  1 
ATOM   790  C C   . GLU A 1 107 ? 4.142   -10.325 -3.466  1.00 21.65  ? 107 GLU A C   1 
ATOM   791  O O   . GLU A 1 107 ? 3.411   -10.037 -2.512  1.00 22.00  ? 107 GLU A O   1 
ATOM   792  C CB  . GLU A 1 107 ? 4.259   -12.790 -3.716  1.00 22.76  ? 107 GLU A CB  1 
ATOM   793  C CG  . GLU A 1 107 ? 5.192   -13.989 -4.037  1.00 27.31  ? 107 GLU A CG  1 
ATOM   794  C CD  . GLU A 1 107 ? 4.488   -15.295 -4.124  1.00 30.25  ? 107 GLU A CD  1 
ATOM   795  O OE1 . GLU A 1 107 ? 3.314   -15.319 -4.541  1.00 30.06  ? 107 GLU A OE1 1 
ATOM   796  O OE2 . GLU A 1 107 ? 5.147   -16.311 -3.796  1.00 35.51  ? 107 GLU A OE2 1 
ATOM   797  N N   . SER A 1 108 ? 4.147   -9.677  -4.626  1.00 20.50  ? 108 SER A N   1 
ATOM   798  C CA  . SER A 1 108 ? 3.175   -8.627  -4.935  1.00 19.98  ? 108 SER A CA  1 
ATOM   799  C C   . SER A 1 108 ? 2.042   -9.222  -5.774  1.00 20.72  ? 108 SER A C   1 
ATOM   800  O O   . SER A 1 108 ? 2.184   -10.321 -6.341  1.00 21.52  ? 108 SER A O   1 
ATOM   801  C CB  . SER A 1 108 ? 3.871   -7.448  -5.630  1.00 19.36  ? 108 SER A CB  1 
ATOM   802  O OG  . SER A 1 108 ? 4.793   -6.839  -4.731  1.00 17.78  ? 108 SER A OG  1 
ATOM   803  N N   . PHE A 1 109 ? 0.897   -8.553  -5.845  1.00 20.76  ? 109 PHE A N   1 
ATOM   804  C CA  . PHE A 1 109 ? -0.251  -9.155  -6.513  1.00 21.36  ? 109 PHE A CA  1 
ATOM   805  C C   . PHE A 1 109 ? -0.956  -8.069  -7.340  1.00 21.50  ? 109 PHE A C   1 
ATOM   806  O O   . PHE A 1 109 ? -1.120  -6.943  -6.842  1.00 21.62  ? 109 PHE A O   1 
ATOM   807  C CB  . PHE A 1 109 ? -1.188  -9.663  -5.404  1.00 23.20  ? 109 PHE A CB  1 
ATOM   808  C CG  . PHE A 1 109 ? -2.264  -10.602 -5.871  1.00 27.32  ? 109 PHE A CG  1 
ATOM   809  C CD1 . PHE A 1 109 ? -1.953  -11.710 -6.684  1.00 31.01  ? 109 PHE A CD1 1 
ATOM   810  C CD2 . PHE A 1 109 ? -3.597  -10.418 -5.439  1.00 32.10  ? 109 PHE A CD2 1 
ATOM   811  C CE1 . PHE A 1 109 ? -2.972  -12.599 -7.106  1.00 33.33  ? 109 PHE A CE1 1 
ATOM   812  C CE2 . PHE A 1 109 ? -4.622  -11.288 -5.847  1.00 31.43  ? 109 PHE A CE2 1 
ATOM   813  C CZ  . PHE A 1 109 ? -4.310  -12.390 -6.682  1.00 31.50  ? 109 PHE A CZ  1 
ATOM   814  N N   . VAL A 1 110 ? -1.382  -8.408  -8.562  1.00 21.45  ? 110 VAL A N   1 
ATOM   815  C CA  . VAL A 1 110 ? -2.001  -7.457  -9.491  1.00 21.65  ? 110 VAL A CA  1 
ATOM   816  C C   . VAL A 1 110 ? -3.334  -8.036  -9.969  1.00 22.19  ? 110 VAL A C   1 
ATOM   817  O O   . VAL A 1 110 ? -3.385  -9.132  -10.519 1.00 22.09  ? 110 VAL A O   1 
ATOM   818  C CB  . VAL A 1 110 ? -1.078  -7.141  -10.697 1.00 21.93  ? 110 VAL A CB  1 
ATOM   819  C CG1 . VAL A 1 110 ? -1.753  -6.137  -11.651 1.00 21.34  ? 110 VAL A CG1 1 
ATOM   820  C CG2 . VAL A 1 110 ? 0.284   -6.622  -10.217 1.00 21.03  ? 110 VAL A CG2 1 
ATOM   821  N N   . VAL A 1 111 ? -4.406  -7.288  -9.768  1.00 23.01  ? 111 VAL A N   1 
ATOM   822  C CA  . VAL A 1 111 ? -5.749  -7.742  -10.148 1.00 23.12  ? 111 VAL A CA  1 
ATOM   823  C C   . VAL A 1 111 ? -6.411  -6.650  -10.997 1.00 24.39  ? 111 VAL A C   1 
ATOM   824  O O   . VAL A 1 111 ? -6.680  -5.529  -10.526 1.00 22.89  ? 111 VAL A O   1 
ATOM   825  C CB  . VAL A 1 111 ? -6.563  -8.140  -8.895  1.00 23.44  ? 111 VAL A CB  1 
ATOM   826  C CG1 . VAL A 1 111 ? -8.088  -8.286  -9.207  1.00 24.08  ? 111 VAL A CG1 1 
ATOM   827  C CG2 . VAL A 1 111 ? -5.978  -9.406  -8.262  1.00 22.51  ? 111 VAL A CG2 1 
ATOM   828  N N   . ASN A 1 112 ? -6.613  -6.960  -12.279 1.00 24.04  ? 112 ASN A N   1 
ATOM   829  C CA  . ASN A 1 112 ? -7.191  -5.989  -13.211 1.00 25.12  ? 112 ASN A CA  1 
ATOM   830  C C   . ASN A 1 112 ? -8.701  -5.865  -13.018 1.00 24.48  ? 112 ASN A C   1 
ATOM   831  O O   . ASN A 1 112 ? -9.313  -4.839  -13.367 1.00 24.79  ? 112 ASN A O   1 
ATOM   832  C CB  . ASN A 1 112 ? -6.944  -6.434  -14.659 1.00 25.84  ? 112 ASN A CB  1 
ATOM   833  C CG  . ASN A 1 112 ? -5.473  -6.312  -15.095 1.00 27.43  ? 112 ASN A CG  1 
ATOM   834  O OD1 . ASN A 1 112 ? -4.595  -5.956  -14.317 1.00 26.73  ? 112 ASN A OD1 1 
ATOM   835  N ND2 . ASN A 1 112 ? -5.225  -6.595  -16.380 1.00 28.95  ? 112 ASN A ND2 1 
ATOM   836  N N   . ASP A 1 113 ? -9.297  -6.933  -12.512 1.00 24.86  ? 113 ASP A N   1 
ATOM   837  C CA  . ASP A 1 113 ? -10.770 -7.007  -12.380 1.00 26.54  ? 113 ASP A CA  1 
ATOM   838  C C   . ASP A 1 113 ? -11.065 -7.968  -11.241 1.00 25.72  ? 113 ASP A C   1 
ATOM   839  O O   . ASP A 1 113 ? -10.717 -9.140  -11.325 1.00 25.82  ? 113 ASP A O   1 
ATOM   840  C CB  . ASP A 1 113 ? -11.380 -7.488  -13.717 1.00 26.64  ? 113 ASP A CB  1 
ATOM   841  C CG  . ASP A 1 113 ? -12.902 -7.682  -13.669 1.00 30.03  ? 113 ASP A CG  1 
ATOM   842  O OD1 . ASP A 1 113 ? -13.546 -7.579  -12.592 1.00 29.62  ? 113 ASP A OD1 1 
ATOM   843  O OD2 . ASP A 1 113 ? -13.456 -7.955  -14.757 1.00 33.88  ? 113 ASP A OD2 1 
ATOM   844  N N   . ILE A 1 114 ? -11.675 -7.478  -10.154 1.00 26.24  ? 114 ILE A N   1 
ATOM   845  C CA  . ILE A 1 114 ? -11.895 -8.322  -8.976  1.00 27.22  ? 114 ILE A CA  1 
ATOM   846  C C   . ILE A 1 114 ? -12.771 -9.542  -9.277  1.00 28.95  ? 114 ILE A C   1 
ATOM   847  O O   . ILE A 1 114 ? -12.662 -10.549 -8.594  1.00 29.45  ? 114 ILE A O   1 
ATOM   848  C CB  . ILE A 1 114 ? -12.462 -7.539  -7.735  1.00 27.15  ? 114 ILE A CB  1 
ATOM   849  C CG1 . ILE A 1 114 ? -13.833 -6.900  -8.035  1.00 28.38  ? 114 ILE A CG1 1 
ATOM   850  C CG2 . ILE A 1 114 ? -11.454 -6.468  -7.277  1.00 25.54  ? 114 ILE A CG2 1 
ATOM   851  C CD1 . ILE A 1 114 ? -14.611 -6.488  -6.772  1.00 28.15  ? 114 ILE A CD1 1 
ATOM   852  N N   . TYR A 1 115 ? -13.604 -9.442  -10.310 1.00 31.10  ? 115 TYR A N   1 
ATOM   853  C CA  . TYR A 1 115 ? -14.471 -10.562 -10.714 1.00 33.60  ? 115 TYR A CA  1 
ATOM   854  C C   . TYR A 1 115 ? -13.764 -11.636 -11.526 1.00 35.29  ? 115 TYR A C   1 
ATOM   855  O O   . TYR A 1 115 ? -14.294 -12.736 -11.683 1.00 36.52  ? 115 TYR A O   1 
ATOM   856  C CB  . TYR A 1 115 ? -15.739 -10.047 -11.410 1.00 33.61  ? 115 TYR A CB  1 
ATOM   857  C CG  . TYR A 1 115 ? -16.487 -9.114  -10.489 1.00 33.90  ? 115 TYR A CG  1 
ATOM   858  C CD1 . TYR A 1 115 ? -16.553 -7.752  -10.757 1.00 34.44  ? 115 TYR A CD1 1 
ATOM   859  C CD2 . TYR A 1 115 ? -17.054 -9.591  -9.305  1.00 33.78  ? 115 TYR A CD2 1 
ATOM   860  C CE1 . TYR A 1 115 ? -17.203 -6.889  -9.882  1.00 35.21  ? 115 TYR A CE1 1 
ATOM   861  C CE2 . TYR A 1 115 ? -17.716 -8.733  -8.422  1.00 33.45  ? 115 TYR A CE2 1 
ATOM   862  C CZ  . TYR A 1 115 ? -17.778 -7.396  -8.721  1.00 34.24  ? 115 TYR A CZ  1 
ATOM   863  O OH  . TYR A 1 115 ? -18.409 -6.545  -7.867  1.00 35.32  ? 115 TYR A OH  1 
ATOM   864  N N   . GLU A 1 116 ? -12.553 -11.341 -11.994 1.00 36.89  ? 116 GLU A N   1 
ATOM   865  C CA  . GLU A 1 116 ? -11.765 -12.329 -12.729 1.00 38.25  ? 116 GLU A CA  1 
ATOM   866  C C   . GLU A 1 116 ? -10.690 -13.020 -11.895 1.00 38.39  ? 116 GLU A C   1 
ATOM   867  O O   . GLU A 1 116 ? -9.877  -13.748 -12.457 1.00 39.56  ? 116 GLU A O   1 
ATOM   868  C CB  . GLU A 1 116 ? -11.120 -11.687 -13.964 1.00 38.31  ? 116 GLU A CB  1 
ATOM   869  C CG  . GLU A 1 116 ? -12.110 -11.113 -14.954 1.00 42.22  ? 116 GLU A CG  1 
ATOM   870  C CD  . GLU A 1 116 ? -12.932 -12.193 -15.686 1.00 48.66  ? 116 GLU A CD  1 
ATOM   871  O OE1 . GLU A 1 116 ? -12.380 -13.287 -15.991 1.00 51.28  ? 116 GLU A OE1 1 
ATOM   872  O OE2 . GLU A 1 116 ? -14.131 -11.944 -15.955 1.00 50.00  ? 116 GLU A OE2 1 
ATOM   873  N N   . ALA A 1 117 ? -10.678 -12.812 -10.573 1.00 37.89  ? 117 ALA A N   1 
ATOM   874  C CA  . ALA A 1 117 ? -9.593  -13.329 -9.707  1.00 37.98  ? 117 ALA A CA  1 
ATOM   875  C C   . ALA A 1 117 ? -9.918  -14.611 -8.909  1.00 37.87  ? 117 ALA A C   1 
ATOM   876  O O   . ALA A 1 117 ? -9.041  -15.158 -8.226  1.00 38.39  ? 117 ALA A O   1 
ATOM   877  C CB  . ALA A 1 117 ? -9.099  -12.224 -8.760  1.00 37.66  ? 117 ALA A CB  1 
ATOM   878  N N   . GLY A 1 118 ? -11.164 -15.075 -8.982  1.00 38.10  ? 118 GLY A N   1 
ATOM   879  C CA  . GLY A 1 118 ? -11.612 -16.257 -8.222  1.00 38.02  ? 118 GLY A CA  1 
ATOM   880  C C   . GLY A 1 118 ? -11.705 -16.028 -6.716  1.00 37.91  ? 118 GLY A C   1 
ATOM   881  O O   . GLY A 1 118 ? -11.432 -16.933 -5.920  1.00 38.17  ? 118 GLY A O   1 
ATOM   882  N N   . HIS A 1 119 ? -12.074 -14.810 -6.319  1.00 37.29  ? 119 HIS A N   1 
ATOM   883  C CA  . HIS A 1 119 ? -12.241 -14.505 -4.901  1.00 37.38  ? 119 HIS A CA  1 
ATOM   884  C C   . HIS A 1 119 ? -13.537 -15.139 -4.392  1.00 38.04  ? 119 HIS A C   1 
ATOM   885  O O   . HIS A 1 119 ? -14.499 -15.262 -5.139  1.00 37.65  ? 119 HIS A O   1 
ATOM   886  C CB  . HIS A 1 119 ? -12.284 -12.983 -4.673  1.00 36.52  ? 119 HIS A CB  1 
ATOM   887  C CG  . HIS A 1 119 ? -10.981 -12.286 -4.939  1.00 36.12  ? 119 HIS A CG  1 
ATOM   888  N ND1 . HIS A 1 119 ? -9.768  -12.787 -4.514  1.00 34.91  ? 119 HIS A ND1 1 
ATOM   889  C CD2 . HIS A 1 119 ? -10.707 -11.113 -5.565  1.00 35.37  ? 119 HIS A CD2 1 
ATOM   890  C CE1 . HIS A 1 119 ? -8.801  -11.956 -4.869  1.00 36.33  ? 119 HIS A CE1 1 
ATOM   891  N NE2 . HIS A 1 119 ? -9.343  -10.929 -5.506  1.00 34.83  ? 119 HIS A NE2 1 
ATOM   892  N N   . PHE A 1 120 ? -13.554 -15.517 -3.120  1.00 39.27  ? 120 PHE A N   1 
ATOM   893  C CA  . PHE A 1 120 ? -14.778 -15.971 -2.446  1.00 40.15  ? 120 PHE A CA  1 
ATOM   894  C C   . PHE A 1 120 ? -15.789 -14.822 -2.387  1.00 40.30  ? 120 PHE A C   1 
ATOM   895  O O   . PHE A 1 120 ? -15.401 -13.639 -2.436  1.00 39.87  ? 120 PHE A O   1 
ATOM   896  C CB  . PHE A 1 120 ? -14.431 -16.431 -1.035  1.00 41.17  ? 120 PHE A CB  1 
ATOM   897  C CG  . PHE A 1 120 ? -13.918 -17.859 -0.947  1.00 42.51  ? 120 PHE A CG  1 
ATOM   898  C CD1 . PHE A 1 120 ? -13.019 -18.371 -1.892  1.00 43.66  ? 120 PHE A CD1 1 
ATOM   899  C CD2 . PHE A 1 120 ? -14.333 -18.684 0.109   1.00 44.12  ? 120 PHE A CD2 1 
ATOM   900  C CE1 . PHE A 1 120 ? -12.542 -19.681 -1.791  1.00 44.50  ? 120 PHE A CE1 1 
ATOM   901  C CE2 . PHE A 1 120 ? -13.871 -19.998 0.223   1.00 44.00  ? 120 PHE A CE2 1 
ATOM   902  C CZ  . PHE A 1 120 ? -12.967 -20.496 -0.726  1.00 43.95  ? 120 PHE A CZ  1 
ATOM   903  N N   . SER A 1 121 ? -17.080 -15.142 -2.280  1.00 39.69  ? 121 SER A N   1 
ATOM   904  C CA  . SER A 1 121 ? -18.090 -14.081 -2.279  1.00 39.53  ? 121 SER A CA  1 
ATOM   905  C C   . SER A 1 121 ? -18.040 -13.188 -1.021  1.00 38.43  ? 121 SER A C   1 
ATOM   906  O O   . SER A 1 121 ? -18.381 -12.010 -1.093  1.00 38.27  ? 121 SER A O   1 
ATOM   907  C CB  . SER A 1 121 ? -19.503 -14.640 -2.504  1.00 40.12  ? 121 SER A CB  1 
ATOM   908  O OG  . SER A 1 121 ? -19.813 -15.581 -1.496  1.00 42.40  ? 121 SER A OG  1 
ATOM   909  N N   . CYS A 1 122 ? -17.612 -13.727 0.118   1.00 37.74  ? 122 CYS A N   1 
ATOM   910  C CA  . CYS A 1 122 ? -17.503 -12.892 1.335   1.00 37.32  ? 122 CYS A CA  1 
ATOM   911  C C   . CYS A 1 122 ? -16.375 -11.846 1.220   1.00 36.16  ? 122 CYS A C   1 
ATOM   912  O O   . CYS A 1 122 ? -16.432 -10.793 1.852   1.00 35.98  ? 122 CYS A O   1 
ATOM   913  C CB  . CYS A 1 122 ? -17.257 -13.750 2.571   1.00 37.31  ? 122 CYS A CB  1 
ATOM   914  S SG  . CYS A 1 122 ? -15.575 -14.422 2.593   1.00 40.42  ? 122 CYS A SG  1 
ATOM   915  N N   . HIS A 1 123 ? -15.351 -12.179 0.436   1.00 34.80  ? 123 HIS A N   1 
ATOM   916  C CA  . HIS A 1 123 ? -14.231 -11.287 0.107   1.00 33.88  ? 123 HIS A CA  1 
ATOM   917  C C   . HIS A 1 123 ? -14.707 -10.262 -0.913  1.00 33.78  ? 123 HIS A C   1 
ATOM   918  O O   . HIS A 1 123 ? -14.505 -9.053  -0.752  1.00 32.65  ? 123 HIS A O   1 
ATOM   919  C CB  . HIS A 1 123 ? -13.082 -12.144 -0.451  1.00 33.61  ? 123 HIS A CB  1 
ATOM   920  C CG  . HIS A 1 123 ? -11.820 -11.392 -0.757  1.00 34.05  ? 123 HIS A CG  1 
ATOM   921  N ND1 . HIS A 1 123 ? -10.756 -11.982 -1.409  1.00 32.85  ? 123 HIS A ND1 1 
ATOM   922  C CD2 . HIS A 1 123 ? -11.443 -10.113 -0.504  1.00 32.51  ? 123 HIS A CD2 1 
ATOM   923  C CE1 . HIS A 1 123 ? -9.777  -11.100 -1.539  1.00 32.17  ? 123 HIS A CE1 1 
ATOM   924  N NE2 . HIS A 1 123 ? -10.169 -9.958  -1.002  1.00 31.50  ? 123 HIS A NE2 1 
ATOM   925  N N   . LEU A 1 124 ? -15.372 -10.739 -1.960  1.00 33.47  ? 124 LEU A N   1 
ATOM   926  C CA  . LEU A 1 124 ? -15.994 -9.834  -2.932  1.00 34.38  ? 124 LEU A CA  1 
ATOM   927  C C   . LEU A 1 124 ? -16.898 -8.789  -2.264  1.00 34.62  ? 124 LEU A C   1 
ATOM   928  O O   . LEU A 1 124 ? -16.914 -7.613  -2.662  1.00 34.71  ? 124 LEU A O   1 
ATOM   929  C CB  . LEU A 1 124 ? -16.793 -10.622 -3.990  1.00 34.17  ? 124 LEU A CB  1 
ATOM   930  C CG  . LEU A 1 124 ? -15.960 -11.444 -4.989  1.00 35.51  ? 124 LEU A CG  1 
ATOM   931  C CD1 . LEU A 1 124 ? -16.896 -12.258 -5.890  1.00 34.55  ? 124 LEU A CD1 1 
ATOM   932  C CD2 . LEU A 1 124 ? -15.040 -10.559 -5.813  1.00 35.17  ? 124 LEU A CD2 1 
ATOM   933  N N   . GLU A 1 125 ? -17.642 -9.220  -1.248  1.00 35.01  ? 125 GLU A N   1 
ATOM   934  C CA  . GLU A 1 125 ? -18.558 -8.326  -0.533  1.00 35.34  ? 125 GLU A CA  1 
ATOM   935  C C   . GLU A 1 125 ? -17.851 -7.143  0.106   1.00 34.23  ? 125 GLU A C   1 
ATOM   936  O O   . GLU A 1 125 ? -18.335 -6.004  0.038   1.00 34.32  ? 125 GLU A O   1 
ATOM   937  C CB  . GLU A 1 125 ? -19.326 -9.101  0.531   1.00 36.43  ? 125 GLU A CB  1 
ATOM   938  C CG  . GLU A 1 125 ? -20.544 -9.811  -0.042  1.00 41.53  ? 125 GLU A CG  1 
ATOM   939  C CD  . GLU A 1 125 ? -21.336 -10.577 1.012   1.00 47.09  ? 125 GLU A CD  1 
ATOM   940  O OE1 . GLU A 1 125 ? -22.302 -11.275 0.613   1.00 48.86  ? 125 GLU A OE1 1 
ATOM   941  O OE2 . GLU A 1 125 ? -20.993 -10.486 2.224   1.00 50.52  ? 125 GLU A OE2 1 
ATOM   942  N N   . ILE A 1 126 ? -16.698 -7.417  0.704   1.00 32.84  ? 126 ILE A N   1 
ATOM   943  C CA  . ILE A 1 126 ? -15.911 -6.385  1.368   1.00 31.58  ? 126 ILE A CA  1 
ATOM   944  C C   . ILE A 1 126 ? -15.265 -5.459  0.337   1.00 30.62  ? 126 ILE A C   1 
ATOM   945  O O   . ILE A 1 126 ? -15.224 -4.235  0.536   1.00 29.73  ? 126 ILE A O   1 
ATOM   946  C CB  . ILE A 1 126 ? -14.874 -6.999  2.314   1.00 31.70  ? 126 ILE A CB  1 
ATOM   947  C CG1 . ILE A 1 126 ? -15.603 -7.813  3.390   1.00 33.56  ? 126 ILE A CG1 1 
ATOM   948  C CG2 . ILE A 1 126 ? -13.957 -5.892  2.941   1.00 30.52  ? 126 ILE A CG2 1 
ATOM   949  C CD1 . ILE A 1 126 ? -14.835 -8.958  3.888   1.00 37.83  ? 126 ILE A CD1 1 
ATOM   950  N N   . LEU A 1 127 ? -14.764 -6.046  -0.756  1.00 29.20  ? 127 LEU A N   1 
ATOM   951  C CA  . LEU A 1 127 ? -14.203 -5.271  -1.866  1.00 28.80  ? 127 LEU A CA  1 
ATOM   952  C C   . LEU A 1 127 ? -15.260 -4.343  -2.447  1.00 29.64  ? 127 LEU A C   1 
ATOM   953  O O   . LEU A 1 127 ? -15.000 -3.172  -2.690  1.00 29.28  ? 127 LEU A O   1 
ATOM   954  C CB  . LEU A 1 127 ? -13.653 -6.208  -2.960  1.00 28.84  ? 127 LEU A CB  1 
ATOM   955  C CG  . LEU A 1 127 ? -12.407 -7.030  -2.630  1.00 27.09  ? 127 LEU A CG  1 
ATOM   956  C CD1 . LEU A 1 127 ? -12.164 -8.062  -3.739  1.00 27.35  ? 127 LEU A CD1 1 
ATOM   957  C CD2 . LEU A 1 127 ? -11.174 -6.091  -2.474  1.00 27.07  ? 127 LEU A CD2 1 
ATOM   958  N N   . GLU A 1 128 ? -16.464 -4.881  -2.662  1.00 29.94  ? 128 GLU A N   1 
ATOM   959  C CA  . GLU A 1 128 ? -17.595 -4.074  -3.132  1.00 31.61  ? 128 GLU A CA  1 
ATOM   960  C C   . GLU A 1 128 ? -17.972 -2.973  -2.129  1.00 31.54  ? 128 GLU A C   1 
ATOM   961  O O   . GLU A 1 128 ? -18.317 -1.867  -2.537  1.00 33.32  ? 128 GLU A O   1 
ATOM   962  C CB  . GLU A 1 128 ? -18.813 -4.958  -3.430  1.00 31.27  ? 128 GLU A CB  1 
ATOM   963  C CG  . GLU A 1 128 ? -18.672 -5.771  -4.703  1.00 33.12  ? 128 GLU A CG  1 
ATOM   964  C CD  . GLU A 1 128 ? -19.568 -7.008  -4.717  1.00 39.17  ? 128 GLU A CD  1 
ATOM   965  O OE1 . GLU A 1 128 ? -20.208 -7.311  -3.674  1.00 40.60  ? 128 GLU A OE1 1 
ATOM   966  O OE2 . GLU A 1 128 ? -19.604 -7.695  -5.765  1.00 40.87  ? 128 GLU A OE2 1 
ATOM   967  N N   . GLN A 1 129 ? -17.883 -3.257  -0.836  1.00 32.36  ? 129 GLN A N   1 
ATOM   968  C CA  . GLN A 1 129 ? -18.173 -2.241  0.174   1.00 33.23  ? 129 GLN A CA  1 
ATOM   969  C C   . GLN A 1 129 ? -17.230 -1.042  0.042   1.00 32.88  ? 129 GLN A C   1 
ATOM   970  O O   . GLN A 1 129 ? -17.653 0.117   0.155   1.00 32.42  ? 129 GLN A O   1 
ATOM   971  C CB  . GLN A 1 129 ? -18.086 -2.815  1.584   1.00 33.39  ? 129 GLN A CB  1 
ATOM   972  C CG  . GLN A 1 129 ? -18.169 -1.737  2.646   1.00 36.51  ? 129 GLN A CG  1 
ATOM   973  C CD  . GLN A 1 129 ? -18.272 -2.260  4.055   1.00 39.97  ? 129 GLN A CD  1 
ATOM   974  O OE1 . GLN A 1 129 ? -18.271 -3.469  4.303   1.00 43.25  ? 129 GLN A OE1 1 
ATOM   975  N NE2 . GLN A 1 129 ? -18.361 -1.341  4.999   1.00 42.34  ? 129 GLN A NE2 1 
ATOM   976  N N   . PHE A 1 130 ? -15.950 -1.321  -0.220  1.00 31.54  ? 130 PHE A N   1 
ATOM   977  C CA  . PHE A 1 130 ? -14.974 -0.254  -0.408  1.00 30.84  ? 130 PHE A CA  1 
ATOM   978  C C   . PHE A 1 130 ? -14.945 0.250   -1.877  1.00 30.17  ? 130 PHE A C   1 
ATOM   979  O O   . PHE A 1 130 ? -14.119 1.102   -2.252  1.00 29.00  ? 130 PHE A O   1 
ATOM   980  C CB  . PHE A 1 130 ? -13.581 -0.728  0.055   1.00 31.16  ? 130 PHE A CB  1 
ATOM   981  C CG  . PHE A 1 130 ? -13.492 -1.122  1.533   1.00 30.92  ? 130 PHE A CG  1 
ATOM   982  C CD1 . PHE A 1 130 ? -14.092 -0.354  2.530   1.00 32.52  ? 130 PHE A CD1 1 
ATOM   983  C CD2 . PHE A 1 130 ? -12.760 -2.239  1.921   1.00 31.31  ? 130 PHE A CD2 1 
ATOM   984  C CE1 . PHE A 1 130 ? -13.971 -0.706  3.875   1.00 30.25  ? 130 PHE A CE1 1 
ATOM   985  C CE2 . PHE A 1 130 ? -12.641 -2.609  3.283   1.00 31.09  ? 130 PHE A CE2 1 
ATOM   986  C CZ  . PHE A 1 130 ? -13.256 -1.846  4.252   1.00 31.27  ? 130 PHE A CZ  1 
ATOM   987  N N   . GLU A 1 131 ? -15.866 -0.271  -2.696  1.00 29.40  ? 131 GLU A N   1 
ATOM   988  C CA  . GLU A 1 131 ? -16.053 0.123   -4.098  1.00 28.89  ? 131 GLU A CA  1 
ATOM   989  C C   . GLU A 1 131 ? -14.821 -0.178  -4.989  1.00 28.32  ? 131 GLU A C   1 
ATOM   990  O O   . GLU A 1 131 ? -14.658 0.410   -6.057  1.00 28.17  ? 131 GLU A O   1 
ATOM   991  C CB  . GLU A 1 131 ? -16.469 1.594   -4.211  1.00 30.08  ? 131 GLU A CB  1 
ATOM   992  C CG  . GLU A 1 131 ? -17.733 1.953   -3.430  1.00 33.41  ? 131 GLU A CG  1 
ATOM   993  C CD  . GLU A 1 131 ? -18.368 3.212   -3.982  1.00 38.64  ? 131 GLU A CD  1 
ATOM   994  O OE1 . GLU A 1 131 ? -19.086 3.112   -5.007  1.00 41.24  ? 131 GLU A OE1 1 
ATOM   995  O OE2 . GLU A 1 131 ? -18.127 4.298   -3.407  1.00 39.96  ? 131 GLU A OE2 1 
ATOM   996  N N   . ILE A 1 132 ? -14.008 -1.135  -4.553  1.00 26.74  ? 132 ILE A N   1 
ATOM   997  C CA  . ILE A 1 132 ? -12.805 -1.553  -5.311  1.00 26.09  ? 132 ILE A CA  1 
ATOM   998  C C   . ILE A 1 132 ? -13.177 -2.363  -6.544  1.00 25.81  ? 132 ILE A C   1 
ATOM   999  O O   . ILE A 1 132 ? -14.009 -3.279  -6.452  1.00 26.53  ? 132 ILE A O   1 
ATOM   1000 C CB  . ILE A 1 132 ? -11.895 -2.381  -4.391  1.00 24.86  ? 132 ILE A CB  1 
ATOM   1001 C CG1 . ILE A 1 132 ? -11.358 -1.475  -3.277  1.00 24.72  ? 132 ILE A CG1 1 
ATOM   1002 C CG2 . ILE A 1 132 ? -10.740 -3.031  -5.209  1.00 24.32  ? 132 ILE A CG2 1 
ATOM   1003 C CD1 . ILE A 1 132 ? -10.952 -2.220  -2.015  1.00 21.42  ? 132 ILE A CD1 1 
ATOM   1004 N N   . LYS A 1 133 ? -12.616 -2.007  -7.702  1.00 25.64  ? 133 LYS A N   1 
ATOM   1005 C CA  . LYS A 1 133 ? -12.829 -2.777  -8.947  1.00 26.24  ? 133 LYS A CA  1 
ATOM   1006 C C   . LYS A 1 133 ? -11.566 -3.499  -9.427  1.00 25.24  ? 133 LYS A C   1 
ATOM   1007 O O   . LYS A 1 133 ? -11.647 -4.459  -10.205 1.00 26.05  ? 133 LYS A O   1 
ATOM   1008 C CB  . LYS A 1 133 ? -13.318 -1.863  -10.090 1.00 26.37  ? 133 LYS A CB  1 
ATOM   1009 C CG  . LYS A 1 133 ? -14.530 -0.946  -9.754  1.00 29.31  ? 133 LYS A CG  1 
ATOM   1010 C CD  . LYS A 1 133 ? -15.841 -1.708  -9.638  1.00 31.12  ? 133 LYS A CD  1 
ATOM   1011 C CE  . LYS A 1 133 ? -17.017 -0.717  -9.456  1.00 29.74  ? 133 LYS A CE  1 
ATOM   1012 N NZ  . LYS A 1 133 ? -16.910 0.052   -8.185  1.00 29.10  ? 133 LYS A NZ  1 
ATOM   1013 N N   . ALA A 1 134 ? -10.400 -2.990  -9.019  1.00 23.91  ? 134 ALA A N   1 
ATOM   1014 C CA  . ALA A 1 134 ? -9.105  -3.498  -9.520  1.00 21.79  ? 134 ALA A CA  1 
ATOM   1015 C C   . ALA A 1 134 ? -8.066  -3.002  -8.517  1.00 21.94  ? 134 ALA A C   1 
ATOM   1016 O O   . ALA A 1 134 ? -8.282  -1.966  -7.854  1.00 20.77  ? 134 ALA A O   1 
ATOM   1017 C CB  . ALA A 1 134 ? -8.805  -2.930  -10.866 1.00 21.36  ? 134 ALA A CB  1 
ATOM   1018 N N   . TYR A 1 135 ? -6.973  -3.750  -8.370  1.00 20.59  ? 135 TYR A N   1 
ATOM   1019 C CA  . TYR A 1 135 ? -5.997  -3.346  -7.384  1.00 20.27  ? 135 TYR A CA  1 
ATOM   1020 C C   . TYR A 1 135 ? -4.610  -3.888  -7.619  1.00 20.09  ? 135 TYR A C   1 
ATOM   1021 O O   . TYR A 1 135 ? -4.426  -4.837  -8.398  1.00 19.26  ? 135 TYR A O   1 
ATOM   1022 C CB  . TYR A 1 135 ? -6.455  -3.763  -5.987  1.00 20.68  ? 135 TYR A CB  1 
ATOM   1023 C CG  . TYR A 1 135 ? -6.664  -5.257  -5.748  1.00 21.39  ? 135 TYR A CG  1 
ATOM   1024 C CD1 . TYR A 1 135 ? -5.585  -6.095  -5.446  1.00 21.65  ? 135 TYR A CD1 1 
ATOM   1025 C CD2 . TYR A 1 135 ? -7.937  -5.806  -5.732  1.00 21.98  ? 135 TYR A CD2 1 
ATOM   1026 C CE1 . TYR A 1 135 ? -5.761  -7.439  -5.183  1.00 24.90  ? 135 TYR A CE1 1 
ATOM   1027 C CE2 . TYR A 1 135 ? -8.137  -7.165  -5.452  1.00 23.38  ? 135 TYR A CE2 1 
ATOM   1028 C CZ  . TYR A 1 135 ? -7.042  -7.970  -5.171  1.00 24.01  ? 135 TYR A CZ  1 
ATOM   1029 O OH  . TYR A 1 135 ? -7.191  -9.313  -4.891  1.00 26.54  ? 135 TYR A OH  1 
ATOM   1030 N N   . ILE A 1 136 ? -3.657  -3.280  -6.920  1.00 19.42  ? 136 ILE A N   1 
ATOM   1031 C CA  . ILE A 1 136 ? -2.307  -3.848  -6.771  1.00 18.86  ? 136 ILE A CA  1 
ATOM   1032 C C   . ILE A 1 136 ? -2.012  -3.830  -5.268  1.00 19.29  ? 136 ILE A C   1 
ATOM   1033 O O   . ILE A 1 136 ? -2.171  -2.784  -4.590  1.00 17.76  ? 136 ILE A O   1 
ATOM   1034 C CB  . ILE A 1 136 ? -1.214  -2.997  -7.478  1.00 18.76  ? 136 ILE A CB  1 
ATOM   1035 C CG1 . ILE A 1 136 ? -1.532  -2.760  -8.961  1.00 18.96  ? 136 ILE A CG1 1 
ATOM   1036 C CG2 . ILE A 1 136 ? 0.245   -3.597  -7.232  1.00 17.75  ? 136 ILE A CG2 1 
ATOM   1037 C CD1 . ILE A 1 136 ? -0.471  -1.864  -9.682  1.00 20.89  ? 136 ILE A CD1 1 
ATOM   1038 N N   . ILE A 1 137 ? -1.560  -4.969  -4.739  1.00 17.65  ? 137 ILE A N   1 
ATOM   1039 C CA  . ILE A 1 137 ? -1.193  -5.067  -3.324  1.00 18.55  ? 137 ILE A CA  1 
ATOM   1040 C C   . ILE A 1 137 ? 0.271   -5.551  -3.221  1.00 18.36  ? 137 ILE A C   1 
ATOM   1041 O O   . ILE A 1 137 ? 0.656   -6.497  -3.917  1.00 18.35  ? 137 ILE A O   1 
ATOM   1042 C CB  . ILE A 1 137 ? -2.116  -6.021  -2.530  1.00 20.48  ? 137 ILE A CB  1 
ATOM   1043 C CG1 . ILE A 1 137 ? -3.603  -5.557  -2.573  1.00 19.80  ? 137 ILE A CG1 1 
ATOM   1044 C CG2 . ILE A 1 137 ? -1.625  -6.189  -1.062  1.00 20.06  ? 137 ILE A CG2 1 
ATOM   1045 C CD1 . ILE A 1 137 ? -4.573  -6.647  -2.003  1.00 23.20  ? 137 ILE A CD1 1 
ATOM   1046 N N   . VAL A 1 138 ? 1.062   -4.877  -2.398  1.00 17.61  ? 138 VAL A N   1 
ATOM   1047 C CA  . VAL A 1 138 ? 2.468   -5.244  -2.190  1.00 17.98  ? 138 VAL A CA  1 
ATOM   1048 C C   . VAL A 1 138 ? 2.807   -5.382  -0.710  1.00 18.28  ? 138 VAL A C   1 
ATOM   1049 O O   . VAL A 1 138 ? 2.161   -4.761  0.148   1.00 17.53  ? 138 VAL A O   1 
ATOM   1050 C CB  . VAL A 1 138 ? 3.438   -4.210  -2.866  1.00 17.88  ? 138 VAL A CB  1 
ATOM   1051 C CG1 . VAL A 1 138 ? 3.037   -3.973  -4.323  1.00 18.98  ? 138 VAL A CG1 1 
ATOM   1052 C CG2 . VAL A 1 138 ? 3.494   -2.878  -2.102  1.00 17.89  ? 138 VAL A CG2 1 
ATOM   1053 N N   . PRO A 1 139 ? 3.849   -6.163  -0.397  1.00 17.97  ? 139 PRO A N   1 
ATOM   1054 C CA  . PRO A 1 139 ? 4.222   -6.260  1.000   1.00 18.59  ? 139 PRO A CA  1 
ATOM   1055 C C   . PRO A 1 139 ? 4.993   -5.080  1.556   1.00 19.06  ? 139 PRO A C   1 
ATOM   1056 O O   . PRO A 1 139 ? 5.729   -4.413  0.825   1.00 19.45  ? 139 PRO A O   1 
ATOM   1057 C CB  . PRO A 1 139 ? 5.083   -7.537  1.076   1.00 18.53  ? 139 PRO A CB  1 
ATOM   1058 C CG  . PRO A 1 139 ? 5.500   -7.839  -0.329  1.00 19.59  ? 139 PRO A CG  1 
ATOM   1059 C CD  . PRO A 1 139 ? 4.671   -7.009  -1.297  1.00 18.14  ? 139 PRO A CD  1 
ATOM   1060 N N   . VAL A 1 140 ? 4.836   -4.875  2.859   1.00 18.86  ? 140 VAL A N   1 
ATOM   1061 C CA  . VAL A 1 140 ? 5.710   -4.015  3.629   1.00 19.82  ? 140 VAL A CA  1 
ATOM   1062 C C   . VAL A 1 140 ? 6.361   -4.891  4.704   1.00 21.28  ? 140 VAL A C   1 
ATOM   1063 O O   . VAL A 1 140 ? 5.674   -5.328  5.633   1.00 22.37  ? 140 VAL A O   1 
ATOM   1064 C CB  . VAL A 1 140 ? 4.931   -2.841  4.271   1.00 19.57  ? 140 VAL A CB  1 
ATOM   1065 C CG1 . VAL A 1 140 ? 5.852   -1.968  5.119   1.00 19.64  ? 140 VAL A CG1 1 
ATOM   1066 C CG2 . VAL A 1 140 ? 4.248   -1.978  3.178   1.00 19.80  ? 140 VAL A CG2 1 
ATOM   1067 N N   . PHE A 1 141 ? 7.662   -5.155  4.546   1.00 23.00  ? 141 PHE A N   1 
ATOM   1068 C CA  . PHE A 1 141 ? 8.481   -5.868  5.540   1.00 25.61  ? 141 PHE A CA  1 
ATOM   1069 C C   . PHE A 1 141 ? 9.325   -4.907  6.369   1.00 27.13  ? 141 PHE A C   1 
ATOM   1070 O O   . PHE A 1 141 ? 10.029  -4.059  5.812   1.00 28.10  ? 141 PHE A O   1 
ATOM   1071 C CB  . PHE A 1 141 ? 9.422   -6.863  4.844   1.00 25.51  ? 141 PHE A CB  1 
ATOM   1072 C CG  . PHE A 1 141 ? 8.820   -8.206  4.620   1.00 26.70  ? 141 PHE A CG  1 
ATOM   1073 C CD1 . PHE A 1 141 ? 7.920   -8.406  3.596   1.00 26.45  ? 141 PHE A CD1 1 
ATOM   1074 C CD2 . PHE A 1 141 ? 9.148   -9.269  5.447   1.00 29.46  ? 141 PHE A CD2 1 
ATOM   1075 C CE1 . PHE A 1 141 ? 7.347   -9.652  3.402   1.00 29.53  ? 141 PHE A CE1 1 
ATOM   1076 C CE2 . PHE A 1 141 ? 8.594   -10.509 5.260   1.00 29.48  ? 141 PHE A CE2 1 
ATOM   1077 C CZ  . PHE A 1 141 ? 7.708   -10.713 4.243   1.00 28.20  ? 141 PHE A CZ  1 
ATOM   1078 N N   . ALA A 1 142 ? 9.269   -5.057  7.682   1.00 29.26  ? 142 ALA A N   1 
ATOM   1079 C CA  . ALA A 1 142 ? 10.151  -4.336  8.592   1.00 31.86  ? 142 ALA A CA  1 
ATOM   1080 C C   . ALA A 1 142 ? 10.990  -5.356  9.367   1.00 34.50  ? 142 ALA A C   1 
ATOM   1081 O O   . ALA A 1 142 ? 10.452  -6.257  10.022  1.00 34.72  ? 142 ALA A O   1 
ATOM   1082 C CB  . ALA A 1 142 ? 9.371   -3.468  9.516   1.00 32.07  ? 142 ALA A CB  1 
ATOM   1083 N N   . ALA A 1 143 ? 12.313  -5.210  9.264   1.00 37.74  ? 143 ALA A N   1 
ATOM   1084 C CA  . ALA A 1 143 ? 13.250  -6.305  9.595   1.00 39.95  ? 143 ALA A CA  1 
ATOM   1085 C C   . ALA A 1 143 ? 12.909  -7.513  8.697   1.00 40.54  ? 143 ALA A C   1 
ATOM   1086 O O   . ALA A 1 143 ? 12.804  -7.384  7.458   1.00 42.13  ? 143 ALA A O   1 
ATOM   1087 C CB  . ALA A 1 143 ? 13.148  -6.675  11.084  1.00 40.55  ? 143 ALA A CB  1 
ATOM   1088 N N   . GLU A 1 144 ? 12.684  -8.669  9.308   1.00 40.80  ? 144 GLU A N   1 
ATOM   1089 C CA  . GLU A 1 144 ? 12.393  -9.862  8.541   1.00 40.40  ? 144 GLU A CA  1 
ATOM   1090 C C   . GLU A 1 144 ? 10.946  -10.223 8.752   1.00 38.67  ? 144 GLU A C   1 
ATOM   1091 O O   . GLU A 1 144 ? 10.524  -11.348 8.467   1.00 39.67  ? 144 GLU A O   1 
ATOM   1092 C CB  . GLU A 1 144 ? 13.334  -11.025 8.949   1.00 41.72  ? 144 GLU A CB  1 
ATOM   1093 C CG  . GLU A 1 144 ? 13.214  -12.304 8.069   1.00 46.58  ? 144 GLU A CG  1 
ATOM   1094 C CD  . GLU A 1 144 ? 13.312  -12.027 6.552   1.00 53.34  ? 144 GLU A CD  1 
ATOM   1095 O OE1 . GLU A 1 144 ? 14.417  -11.646 6.071   1.00 56.24  ? 144 GLU A OE1 1 
ATOM   1096 O OE2 . GLU A 1 144 ? 12.284  -12.208 5.845   1.00 54.75  ? 144 GLU A OE2 1 
ATOM   1097 N N   . LYS A 1 145 ? 10.156  -9.274  9.257   1.00 36.05  ? 145 LYS A N   1 
ATOM   1098 C CA  . LYS A 1 145 ? 8.765   -9.587  9.502   1.00 32.94  ? 145 LYS A CA  1 
ATOM   1099 C C   . LYS A 1 145 ? 7.826   -8.824  8.565   1.00 30.21  ? 145 LYS A C   1 
ATOM   1100 O O   . LYS A 1 145 ? 8.051   -7.643  8.270   1.00 28.41  ? 145 LYS A O   1 
ATOM   1101 C CB  . LYS A 1 145 ? 8.395   -9.328  10.972  1.00 34.15  ? 145 LYS A CB  1 
ATOM   1102 C CG  . LYS A 1 145 ? 6.897   -9.521  11.252  1.00 38.06  ? 145 LYS A CG  1 
ATOM   1103 C CD  . LYS A 1 145 ? 6.539   -9.789  12.719  1.00 43.31  ? 145 LYS A CD  1 
ATOM   1104 C CE  . LYS A 1 145 ? 5.032   -10.090 12.821  1.00 46.56  ? 145 LYS A CE  1 
ATOM   1105 N NZ  . LYS A 1 145 ? 4.197   -9.010  12.148  1.00 48.26  ? 145 LYS A NZ  1 
ATOM   1106 N N   . LEU A 1 146 ? 6.791   -9.518  8.108   1.00 27.58  ? 146 LEU A N   1 
ATOM   1107 C CA  . LEU A 1 146 ? 5.710   -8.871  7.343   1.00 25.82  ? 146 LEU A CA  1 
ATOM   1108 C C   . LEU A 1 146 ? 4.953   -7.927  8.268   1.00 24.61  ? 146 LEU A C   1 
ATOM   1109 O O   . LEU A 1 146 ? 4.282   -8.374  9.201   1.00 25.59  ? 146 LEU A O   1 
ATOM   1110 C CB  . LEU A 1 146 ? 4.753   -9.904  6.773   1.00 25.06  ? 146 LEU A CB  1 
ATOM   1111 C CG  . LEU A 1 146 ? 3.595   -9.343  5.943   1.00 24.57  ? 146 LEU A CG  1 
ATOM   1112 C CD1 . LEU A 1 146 ? 4.110   -8.493  4.745   1.00 21.37  ? 146 LEU A CD1 1 
ATOM   1113 C CD2 . LEU A 1 146 ? 2.677   -10.485 5.489   1.00 24.81  ? 146 LEU A CD2 1 
ATOM   1114 N N   . TRP A 1 147 ? 5.081   -6.633  8.023   1.00 22.62  ? 147 TRP A N   1 
ATOM   1115 C CA  . TRP A 1 147 ? 4.501   -5.618  8.889   1.00 22.25  ? 147 TRP A CA  1 
ATOM   1116 C C   . TRP A 1 147 ? 3.112   -5.168  8.405   1.00 21.58  ? 147 TRP A C   1 
ATOM   1117 O O   . TRP A 1 147 ? 2.234   -4.848  9.217   1.00 21.87  ? 147 TRP A O   1 
ATOM   1118 C CB  . TRP A 1 147 ? 5.470   -4.442  8.968   1.00 22.64  ? 147 TRP A CB  1 
ATOM   1119 C CG  . TRP A 1 147 ? 5.009   -3.197  9.736   1.00 23.49  ? 147 TRP A CG  1 
ATOM   1120 C CD1 . TRP A 1 147 ? 5.396   -2.818  10.993  1.00 24.32  ? 147 TRP A CD1 1 
ATOM   1121 C CD2 . TRP A 1 147 ? 4.155   -2.142  9.241   1.00 23.21  ? 147 TRP A CD2 1 
ATOM   1122 N NE1 . TRP A 1 147 ? 4.814   -1.609  11.326  1.00 24.21  ? 147 TRP A NE1 1 
ATOM   1123 C CE2 . TRP A 1 147 ? 4.033   -1.182  10.279  1.00 23.88  ? 147 TRP A CE2 1 
ATOM   1124 C CE3 . TRP A 1 147 ? 3.437   -1.947  8.048   1.00 21.76  ? 147 TRP A CE3 1 
ATOM   1125 C CZ2 . TRP A 1 147 ? 3.258   -0.014  10.137  1.00 23.49  ? 147 TRP A CZ2 1 
ATOM   1126 C CZ3 . TRP A 1 147 ? 2.663   -0.785  7.903   1.00 23.67  ? 147 TRP A CZ3 1 
ATOM   1127 C CH2 . TRP A 1 147 ? 2.576   0.160   8.955   1.00 22.69  ? 147 TRP A CH2 1 
ATOM   1128 N N   . GLY A 1 148 ? 2.909   -5.126  7.090   1.00 20.67  ? 148 GLY A N   1 
ATOM   1129 C CA  . GLY A 1 148 ? 1.602   -4.719  6.546   1.00 19.67  ? 148 GLY A CA  1 
ATOM   1130 C C   . GLY A 1 148 ? 1.634   -4.786  5.043   1.00 21.21  ? 148 GLY A C   1 
ATOM   1131 O O   . GLY A 1 148 ? 2.504   -5.455  4.454   1.00 20.05  ? 148 GLY A O   1 
ATOM   1132 N N   . LEU A 1 149 ? 0.682   -4.093  4.429   1.00 20.27  ? 149 LEU A N   1 
ATOM   1133 C CA  . LEU A 1 149 ? 0.482   -4.119  3.000   1.00 19.93  ? 149 LEU A CA  1 
ATOM   1134 C C   . LEU A 1 149 ? 0.342   -2.679  2.529   1.00 20.00  ? 149 LEU A C   1 
ATOM   1135 O O   . LEU A 1 149 ? -0.133  -1.796  3.281   1.00 19.48  ? 149 LEU A O   1 
ATOM   1136 C CB  . LEU A 1 149 ? -0.788  -4.905  2.648   1.00 19.91  ? 149 LEU A CB  1 
ATOM   1137 C CG  . LEU A 1 149 ? -0.885  -6.333  3.232   1.00 21.33  ? 149 LEU A CG  1 
ATOM   1138 C CD1 . LEU A 1 149 ? -2.253  -6.874  2.948   1.00 20.95  ? 149 LEU A CD1 1 
ATOM   1139 C CD2 . LEU A 1 149 ? 0.213   -7.235  2.604   1.00 21.67  ? 149 LEU A CD2 1 
ATOM   1140 N N   . LEU A 1 150 ? 0.778   -2.455  1.293   1.00 18.36  ? 150 LEU A N   1 
ATOM   1141 C CA  . LEU A 1 150 ? 0.555   -1.163  0.618   1.00 17.93  ? 150 LEU A CA  1 
ATOM   1142 C C   . LEU A 1 150 ? -0.264  -1.491  -0.616  1.00 17.84  ? 150 LEU A C   1 
ATOM   1143 O O   . LEU A 1 150 ? 0.121   -2.330  -1.453  1.00 17.59  ? 150 LEU A O   1 
ATOM   1144 C CB  . LEU A 1 150 ? 1.894   -0.527  0.245   1.00 18.24  ? 150 LEU A CB  1 
ATOM   1145 C CG  . LEU A 1 150 ? 1.863   0.629   -0.779  1.00 16.67  ? 150 LEU A CG  1 
ATOM   1146 C CD1 . LEU A 1 150 ? 1.067   1.818   -0.175  1.00 18.16  ? 150 LEU A CD1 1 
ATOM   1147 C CD2 . LEU A 1 150 ? 3.263   1.105   -1.092  1.00 18.60  ? 150 LEU A CD2 1 
ATOM   1148 N N   . ALA A 1 151 ? -1.401  -0.813  -0.768  1.00 17.95  ? 151 ALA A N   1 
ATOM   1149 C CA  . ALA A 1 151 ? -2.341  -1.147  -1.840  1.00 16.97  ? 151 ALA A CA  1 
ATOM   1150 C C   . ALA A 1 151 ? -2.742  0.089   -2.638  1.00 17.42  ? 151 ALA A C   1 
ATOM   1151 O O   . ALA A 1 151 ? -2.882  1.183   -2.060  1.00 17.69  ? 151 ALA A O   1 
ATOM   1152 C CB  . ALA A 1 151 ? -3.602  -1.808  -1.254  1.00 18.33  ? 151 ALA A CB  1 
ATOM   1153 N N   . ALA A 1 152 ? -2.921  -0.107  -3.946  1.00 17.53  ? 152 ALA A N   1 
ATOM   1154 C CA  . ALA A 1 152 ? -3.484  0.897   -4.856  1.00 17.61  ? 152 ALA A CA  1 
ATOM   1155 C C   . ALA A 1 152 ? -4.801  0.343   -5.410  1.00 18.84  ? 152 ALA A C   1 
ATOM   1156 O O   . ALA A 1 152 ? -4.864  -0.797  -5.891  1.00 18.37  ? 152 ALA A O   1 
ATOM   1157 C CB  . ALA A 1 152 ? -2.502  1.228   -6.002  1.00 18.03  ? 152 ALA A CB  1 
ATOM   1158 N N   . TYR A 1 153 ? -5.850  1.170   -5.398  1.00 19.39  ? 153 TYR A N   1 
ATOM   1159 C CA  . TYR A 1 153 ? -7.153  0.688   -5.813  1.00 19.55  ? 153 TYR A CA  1 
ATOM   1160 C C   . TYR A 1 153 ? -7.743  1.569   -6.904  1.00 20.70  ? 153 TYR A C   1 
ATOM   1161 O O   . TYR A 1 153 ? -7.629  2.798   -6.829  1.00 20.13  ? 153 TYR A O   1 
ATOM   1162 C CB  . TYR A 1 153 ? -8.104  0.733   -4.619  1.00 20.14  ? 153 TYR A CB  1 
ATOM   1163 C CG  . TYR A 1 153 ? -7.689  -0.099  -3.429  1.00 19.43  ? 153 TYR A CG  1 
ATOM   1164 C CD1 . TYR A 1 153 ? -7.790  -1.487  -3.448  1.00 19.41  ? 153 TYR A CD1 1 
ATOM   1165 C CD2 . TYR A 1 153 ? -7.249  0.515   -2.273  1.00 18.22  ? 153 TYR A CD2 1 
ATOM   1166 C CE1 . TYR A 1 153 ? -7.440  -2.261  -2.325  1.00 19.65  ? 153 TYR A CE1 1 
ATOM   1167 C CE2 . TYR A 1 153 ? -6.885  -0.251  -1.149  1.00 22.82  ? 153 TYR A CE2 1 
ATOM   1168 C CZ  . TYR A 1 153 ? -7.003  -1.636  -1.196  1.00 19.67  ? 153 TYR A CZ  1 
ATOM   1169 O OH  . TYR A 1 153 ? -6.645  -2.350  -0.067  1.00 20.41  ? 153 TYR A OH  1 
ATOM   1170 N N   . GLN A 1 154 ? -8.368  0.937   -7.899  1.00 22.08  ? 154 GLN A N   1 
ATOM   1171 C CA  . GLN A 1 154 ? -9.207  1.661   -8.867  1.00 23.40  ? 154 GLN A CA  1 
ATOM   1172 C C   . GLN A 1 154 ? -10.646 1.338   -8.436  1.00 23.82  ? 154 GLN A C   1 
ATOM   1173 O O   . GLN A 1 154 ? -11.012 0.176   -8.330  1.00 23.50  ? 154 GLN A O   1 
ATOM   1174 C CB  . GLN A 1 154 ? -8.991  1.185   -10.301 1.00 23.59  ? 154 GLN A CB  1 
ATOM   1175 C CG  . GLN A 1 154 ? -9.522  2.154   -11.351 1.00 25.68  ? 154 GLN A CG  1 
ATOM   1176 C CD  . GLN A 1 154 ? -8.696  3.425   -11.425 1.00 30.45  ? 154 GLN A CD  1 
ATOM   1177 O OE1 . GLN A 1 154 ? -7.479  3.391   -11.271 1.00 32.41  ? 154 GLN A OE1 1 
ATOM   1178 N NE2 . GLN A 1 154 ? -9.357  4.559   -11.639 1.00 32.77  ? 154 GLN A NE2 1 
ATOM   1179 N N   . ASN A 1 155 ? -11.433 2.380   -8.201  1.00 24.99  ? 155 ASN A N   1 
ATOM   1180 C CA  . ASN A 1 155 ? -12.840 2.223   -7.826  1.00 25.93  ? 155 ASN A CA  1 
ATOM   1181 C C   . ASN A 1 155 ? -13.814 2.535   -8.960  1.00 27.27  ? 155 ASN A C   1 
ATOM   1182 O O   . ASN A 1 155 ? -14.986 2.120   -8.918  1.00 27.49  ? 155 ASN A O   1 
ATOM   1183 C CB  . ASN A 1 155 ? -13.156 3.172   -6.689  1.00 25.37  ? 155 ASN A CB  1 
ATOM   1184 C CG  . ASN A 1 155 ? -12.312 2.927   -5.457  1.00 25.44  ? 155 ASN A CG  1 
ATOM   1185 O OD1 . ASN A 1 155 ? -11.633 1.893   -5.327  1.00 23.97  ? 155 ASN A OD1 1 
ATOM   1186 N ND2 . ASN A 1 155 ? -12.390 3.871   -4.508  1.00 26.96  ? 155 ASN A ND2 1 
ATOM   1187 N N   . SER A 1 156 ? -13.353 3.303   -9.937  1.00 28.38  ? 156 SER A N   1 
ATOM   1188 C CA  . SER A 1 156 ? -14.221 3.736   -11.035 1.00 29.91  ? 156 SER A CA  1 
ATOM   1189 C C   . SER A 1 156 ? -14.496 2.637   -12.087 1.00 30.38  ? 156 SER A C   1 
ATOM   1190 O O   . SER A 1 156 ? -15.507 2.679   -12.820 1.00 30.34  ? 156 SER A O   1 
ATOM   1191 C CB  . SER A 1 156 ? -13.636 4.985   -11.680 1.00 29.43  ? 156 SER A CB  1 
ATOM   1192 O OG  . SER A 1 156 ? -12.332 4.732   -12.193 1.00 32.19  ? 156 SER A OG  1 
ATOM   1193 N N   . GLY A 1 157 ? -13.630 1.634   -12.142 1.00 30.10  ? 157 GLY A N   1 
ATOM   1194 C CA  . GLY A 1 157 ? -13.764 0.586   -13.153 1.00 29.96  ? 157 GLY A CA  1 
ATOM   1195 C C   . GLY A 1 157 ? -12.574 -0.353  -13.134 1.00 29.48  ? 157 GLY A C   1 
ATOM   1196 O O   . GLY A 1 157 ? -11.653 -0.174  -12.312 1.00 28.62  ? 157 GLY A O   1 
ATOM   1197 N N   . THR A 1 158 ? -12.613 -1.364  -14.011 1.00 28.95  ? 158 THR A N   1 
ATOM   1198 C CA  . THR A 1 158 ? -11.487 -2.293  -14.182 1.00 28.16  ? 158 THR A CA  1 
ATOM   1199 C C   . THR A 1 158 ? -10.263 -1.533  -14.711 1.00 27.33  ? 158 THR A C   1 
ATOM   1200 O O   . THR A 1 158 ? -10.384 -0.403  -15.250 1.00 27.24  ? 158 THR A O   1 
ATOM   1201 C CB  . THR A 1 158 ? -11.838 -3.467  -15.124 1.00 28.73  ? 158 THR A CB  1 
ATOM   1202 O OG1 . THR A 1 158 ? -12.176 -2.947  -16.418 1.00 29.62  ? 158 THR A OG1 1 
ATOM   1203 C CG2 . THR A 1 158 ? -13.011 -4.275  -14.565 1.00 28.70  ? 158 THR A CG2 1 
ATOM   1204 N N   . ARG A 1 159 ? -9.081  -2.125  -14.555 1.00 25.54  ? 159 ARG A N   1 
ATOM   1205 C CA  . ARG A 1 159 ? -7.874  -1.425  -14.960 1.00 26.60  ? 159 ARG A CA  1 
ATOM   1206 C C   . ARG A 1 159 ? -6.819  -2.408  -15.418 1.00 26.32  ? 159 ARG A C   1 
ATOM   1207 O O   . ARG A 1 159 ? -6.533  -3.374  -14.715 1.00 26.56  ? 159 ARG A O   1 
ATOM   1208 C CB  . ARG A 1 159 ? -7.301  -0.587  -13.823 1.00 26.58  ? 159 ARG A CB  1 
ATOM   1209 C CG  . ARG A 1 159 ? -5.997  0.094   -14.228 1.00 28.27  ? 159 ARG A CG  1 
ATOM   1210 C CD  . ARG A 1 159 ? -5.822  1.377   -13.568 1.00 29.61  ? 159 ARG A CD  1 
ATOM   1211 N NE  . ARG A 1 159 ? -4.578  2.027   -13.978 1.00 25.37  ? 159 ARG A NE  1 
ATOM   1212 C CZ  . ARG A 1 159 ? -4.188  3.185   -13.491 1.00 27.49  ? 159 ARG A CZ  1 
ATOM   1213 N NH1 . ARG A 1 159 ? -4.975  3.810   -12.601 1.00 27.81  ? 159 ARG A NH1 1 
ATOM   1214 N NH2 . ARG A 1 159 ? -3.032  3.725   -13.882 1.00 25.19  ? 159 ARG A NH2 1 
ATOM   1215 N N   . GLU A 1 160 ? -6.252  -2.158  -16.589 1.00 26.28  ? 160 GLU A N   1 
ATOM   1216 C CA  . GLU A 1 160 ? -5.203  -3.030  -17.101 1.00 26.60  ? 160 GLU A CA  1 
ATOM   1217 C C   . GLU A 1 160 ? -3.894  -2.433  -16.588 1.00 24.99  ? 160 GLU A C   1 
ATOM   1218 O O   . GLU A 1 160 ? -3.301  -1.571  -17.221 1.00 25.82  ? 160 GLU A O   1 
ATOM   1219 C CB  . GLU A 1 160 ? -5.261  -3.126  -18.632 1.00 27.96  ? 160 GLU A CB  1 
ATOM   1220 C CG  . GLU A 1 160 ? -6.257  -4.226  -19.115 1.00 34.24  ? 160 GLU A CG  1 
ATOM   1221 C CD  . GLU A 1 160 ? -6.631  -4.138  -20.603 1.00 42.95  ? 160 GLU A CD  1 
ATOM   1222 O OE1 . GLU A 1 160 ? -5.824  -3.653  -21.433 1.00 44.38  ? 160 GLU A OE1 1 
ATOM   1223 O OE2 . GLU A 1 160 ? -7.758  -4.570  -20.949 1.00 48.02  ? 160 GLU A OE2 1 
ATOM   1224 N N   . TRP A 1 161 ? -3.493  -2.852  -15.395 1.00 23.58  ? 161 TRP A N   1 
ATOM   1225 C CA  . TRP A 1 161 ? -2.274  -2.327  -14.793 1.00 22.03  ? 161 TRP A CA  1 
ATOM   1226 C C   . TRP A 1 161 ? -1.096  -2.758  -15.641 1.00 22.69  ? 161 TRP A C   1 
ATOM   1227 O O   . TRP A 1 161 ? -1.111  -3.891  -16.191 1.00 22.46  ? 161 TRP A O   1 
ATOM   1228 C CB  . TRP A 1 161 ? -2.087  -2.917  -13.406 1.00 21.67  ? 161 TRP A CB  1 
ATOM   1229 C CG  . TRP A 1 161 ? -3.211  -2.651  -12.430 1.00 20.99  ? 161 TRP A CG  1 
ATOM   1230 C CD1 . TRP A 1 161 ? -4.179  -3.547  -12.042 1.00 20.49  ? 161 TRP A CD1 1 
ATOM   1231 C CD2 . TRP A 1 161 ? -3.468  -1.432  -11.695 1.00 19.17  ? 161 TRP A CD2 1 
ATOM   1232 N NE1 . TRP A 1 161 ? -5.032  -2.962  -11.115 1.00 21.63  ? 161 TRP A NE1 1 
ATOM   1233 C CE2 . TRP A 1 161 ? -4.616  -1.674  -10.872 1.00 19.64  ? 161 TRP A CE2 1 
ATOM   1234 C CE3 . TRP A 1 161 ? -2.854  -0.172  -11.644 1.00 19.94  ? 161 TRP A CE3 1 
ATOM   1235 C CZ2 . TRP A 1 161 ? -5.149  -0.701  -9.995  1.00 19.79  ? 161 TRP A CZ2 1 
ATOM   1236 C CZ3 . TRP A 1 161 ? -3.388  0.811   -10.770 1.00 20.45  ? 161 TRP A CZ3 1 
ATOM   1237 C CH2 . TRP A 1 161 ? -4.543  0.533   -9.971  1.00 20.27  ? 161 TRP A CH2 1 
ATOM   1238 N N   . VAL A 1 162 ? -0.062  -1.922  -15.713 1.00 21.61  ? 162 VAL A N   1 
ATOM   1239 C CA  . VAL A 1 162 ? 1.155   -2.313  -16.435 1.00 21.65  ? 162 VAL A CA  1 
ATOM   1240 C C   . VAL A 1 162 ? 2.364   -2.515  -15.522 1.00 22.04  ? 162 VAL A C   1 
ATOM   1241 O O   . VAL A 1 162 ? 2.317   -2.183  -14.315 1.00 21.12  ? 162 VAL A O   1 
ATOM   1242 C CB  . VAL A 1 162 ? 1.488   -1.381  -17.646 1.00 21.93  ? 162 VAL A CB  1 
ATOM   1243 C CG1 . VAL A 1 162 ? 0.360   -1.378  -18.646 1.00 22.76  ? 162 VAL A CG1 1 
ATOM   1244 C CG2 . VAL A 1 162 ? 1.830   0.038   -17.183 1.00 21.15  ? 162 VAL A CG2 1 
ATOM   1245 N N   . GLU A 1 163 ? 3.445   -3.062  -16.092 1.00 21.63  ? 163 GLU A N   1 
ATOM   1246 C CA  . GLU A 1 163 ? 4.585   -3.488  -15.258 1.00 21.99  ? 163 GLU A CA  1 
ATOM   1247 C C   . GLU A 1 163 ? 5.216   -2.344  -14.475 1.00 20.80  ? 163 GLU A C   1 
ATOM   1248 O O   . GLU A 1 163 ? 5.603   -2.533  -13.305 1.00 20.21  ? 163 GLU A O   1 
ATOM   1249 C CB  . GLU A 1 163 ? 5.658   -4.231  -16.069 1.00 22.55  ? 163 GLU A CB  1 
ATOM   1250 C CG  . GLU A 1 163 ? 6.909   -4.602  -15.245 1.00 26.63  ? 163 GLU A CG  1 
ATOM   1251 C CD  . GLU A 1 163 ? 7.971   -3.455  -15.159 1.00 31.27  ? 163 GLU A CD  1 
ATOM   1252 O OE1 . GLU A 1 163 ? 7.944   -2.553  -16.020 1.00 36.81  ? 163 GLU A OE1 1 
ATOM   1253 O OE2 . GLU A 1 163 ? 8.831   -3.435  -14.238 1.00 30.76  ? 163 GLU A OE2 1 
ATOM   1254 N N   . TRP A 1 164 ? 5.345   -1.155  -15.071 1.00 18.71  ? 164 TRP A N   1 
ATOM   1255 C CA  . TRP A 1 164 ? 6.019   -0.095  -14.323 1.00 18.51  ? 164 TRP A CA  1 
ATOM   1256 C C   . TRP A 1 164 ? 5.230   0.266   -13.051 1.00 17.98  ? 164 TRP A C   1 
ATOM   1257 O O   . TRP A 1 164 ? 5.818   0.688   -12.064 1.00 16.65  ? 164 TRP A O   1 
ATOM   1258 C CB  . TRP A 1 164 ? 6.350   1.143   -15.182 1.00 19.67  ? 164 TRP A CB  1 
ATOM   1259 C CG  . TRP A 1 164 ? 5.198   2.072   -15.506 1.00 19.88  ? 164 TRP A CG  1 
ATOM   1260 C CD1 . TRP A 1 164 ? 4.504   2.145   -16.691 1.00 21.65  ? 164 TRP A CD1 1 
ATOM   1261 C CD2 . TRP A 1 164 ? 4.648   3.093   -14.652 1.00 20.32  ? 164 TRP A CD2 1 
ATOM   1262 N NE1 . TRP A 1 164 ? 3.541   3.131   -16.614 1.00 21.45  ? 164 TRP A NE1 1 
ATOM   1263 C CE2 . TRP A 1 164 ? 3.620   3.744   -15.387 1.00 19.78  ? 164 TRP A CE2 1 
ATOM   1264 C CE3 . TRP A 1 164 ? 4.938   3.536   -13.346 1.00 18.50  ? 164 TRP A CE3 1 
ATOM   1265 C CZ2 . TRP A 1 164 ? 2.846   4.787   -14.842 1.00 21.23  ? 164 TRP A CZ2 1 
ATOM   1266 C CZ3 . TRP A 1 164 ? 4.165   4.609   -12.798 1.00 20.49  ? 164 TRP A CZ3 1 
ATOM   1267 C CH2 . TRP A 1 164 ? 3.120   5.200   -13.561 1.00 20.67  ? 164 TRP A CH2 1 
ATOM   1268 N N   . GLU A 1 165 ? 3.908   0.116   -13.120 1.00 16.95  ? 165 GLU A N   1 
ATOM   1269 C CA  . GLU A 1 165 ? 3.007   0.513   -12.022 1.00 17.97  ? 165 GLU A CA  1 
ATOM   1270 C C   . GLU A 1 165 ? 3.145   -0.442  -10.846 1.00 17.22  ? 165 GLU A C   1 
ATOM   1271 O O   . GLU A 1 165 ? 3.233   -0.015  -9.694  1.00 17.02  ? 165 GLU A O   1 
ATOM   1272 C CB  . GLU A 1 165 ? 1.558   0.562   -12.515 1.00 17.66  ? 165 GLU A CB  1 
ATOM   1273 C CG  . GLU A 1 165 ? 1.380   1.735   -13.491 1.00 18.75  ? 165 GLU A CG  1 
ATOM   1274 C CD  . GLU A 1 165 ? 0.054   1.727   -14.264 1.00 21.61  ? 165 GLU A CD  1 
ATOM   1275 O OE1 . GLU A 1 165 ? -0.538  0.654   -14.465 1.00 21.15  ? 165 GLU A OE1 1 
ATOM   1276 O OE2 . GLU A 1 165 ? -0.377  2.831   -14.693 1.00 21.92  ? 165 GLU A OE2 1 
ATOM   1277 N N   . SER A 1 166 ? 3.112   -1.743  -11.133 1.00 16.42  ? 166 SER A N   1 
ATOM   1278 C CA  . SER A 1 166 ? 3.288   -2.721  -10.055 1.00 17.37  ? 166 SER A CA  1 
ATOM   1279 C C   . SER A 1 166 ? 4.718   -2.637  -9.487  1.00 17.56  ? 166 SER A C   1 
ATOM   1280 O O   . SER A 1 166 ? 4.885   -2.771  -8.258  1.00 17.38  ? 166 SER A O   1 
ATOM   1281 C CB  . SER A 1 166 ? 2.928   -4.144  -10.505 1.00 17.59  ? 166 SER A CB  1 
ATOM   1282 O OG  . SER A 1 166 ? 3.701   -4.500  -11.642 1.00 19.25  ? 166 SER A OG  1 
ATOM   1283 N N   . SER A 1 167 ? 5.728   -2.424  -10.352 1.00 16.95  ? 167 SER A N   1 
ATOM   1284 C CA  . SER A 1 167 ? 7.125   -2.317  -9.863  1.00 17.47  ? 167 SER A CA  1 
ATOM   1285 C C   . SER A 1 167 ? 7.300   -1.105  -8.990  1.00 16.84  ? 167 SER A C   1 
ATOM   1286 O O   . SER A 1 167 ? 7.971   -1.142  -7.959  1.00 17.01  ? 167 SER A O   1 
ATOM   1287 C CB  . SER A 1 167 ? 8.169   -2.241  -11.002 1.00 17.89  ? 167 SER A CB  1 
ATOM   1288 O OG  . SER A 1 167 ? 8.233   -3.533  -11.567 1.00 20.25  ? 167 SER A OG  1 
ATOM   1289 N N   . PHE A 1 168 ? 6.678   -0.010  -9.406  1.00 16.23  ? 168 PHE A N   1 
ATOM   1290 C CA  . PHE A 1 168 ? 6.725   1.229   -8.612  1.00 15.35  ? 168 PHE A CA  1 
ATOM   1291 C C   . PHE A 1 168 ? 6.141   0.994   -7.213  1.00 15.65  ? 168 PHE A C   1 
ATOM   1292 O O   . PHE A 1 168 ? 6.778   1.333   -6.195  1.00 15.53  ? 168 PHE A O   1 
ATOM   1293 C CB  . PHE A 1 168 ? 5.893   2.310   -9.348  1.00 16.00  ? 168 PHE A CB  1 
ATOM   1294 C CG  . PHE A 1 168 ? 5.655   3.570   -8.536  1.00 17.01  ? 168 PHE A CG  1 
ATOM   1295 C CD1 . PHE A 1 168 ? 6.705   4.239   -7.908  1.00 17.94  ? 168 PHE A CD1 1 
ATOM   1296 C CD2 . PHE A 1 168 ? 4.371   4.132   -8.486  1.00 18.75  ? 168 PHE A CD2 1 
ATOM   1297 C CE1 . PHE A 1 168 ? 6.479   5.423   -7.180  1.00 17.20  ? 168 PHE A CE1 1 
ATOM   1298 C CE2 . PHE A 1 168 ? 4.152   5.335   -7.793  1.00 17.64  ? 168 PHE A CE2 1 
ATOM   1299 C CZ  . PHE A 1 168 ? 5.235   5.991   -7.160  1.00 18.32  ? 168 PHE A CZ  1 
ATOM   1300 N N   . LEU A 1 169 ? 4.926   0.427   -7.158  1.00 15.92  ? 169 LEU A N   1 
ATOM   1301 C CA  . LEU A 1 169 ? 4.281   0.226   -5.856  1.00 16.21  ? 169 LEU A CA  1 
ATOM   1302 C C   . LEU A 1 169 ? 5.123   -0.733  -4.994  1.00 16.77  ? 169 LEU A C   1 
ATOM   1303 O O   . LEU A 1 169 ? 5.330   -0.493  -3.813  1.00 15.83  ? 169 LEU A O   1 
ATOM   1304 C CB  . LEU A 1 169 ? 2.841   -0.261  -6.009  1.00 16.51  ? 169 LEU A CB  1 
ATOM   1305 C CG  . LEU A 1 169 ? 1.969   -0.065  -4.736  1.00 17.66  ? 169 LEU A CG  1 
ATOM   1306 C CD1 . LEU A 1 169 ? 1.717   1.403   -4.449  1.00 17.16  ? 169 LEU A CD1 1 
ATOM   1307 C CD2 . LEU A 1 169 ? 0.659   -0.801  -4.937  1.00 16.78  ? 169 LEU A CD2 1 
ATOM   1308 N N   . THR A 1 170 ? 5.677   -1.780  -5.610  1.00 16.53  ? 170 THR A N   1 
ATOM   1309 C CA  . THR A 1 170 ? 6.528   -2.690  -4.843  1.00 16.31  ? 170 THR A CA  1 
ATOM   1310 C C   . THR A 1 170 ? 7.737   -1.986  -4.221  1.00 16.50  ? 170 THR A C   1 
ATOM   1311 O O   . THR A 1 170 ? 8.111   -2.239  -3.051  1.00 15.98  ? 170 THR A O   1 
ATOM   1312 C CB  . THR A 1 170 ? 6.965   -3.888  -5.750  1.00 15.87  ? 170 THR A CB  1 
ATOM   1313 O OG1 . THR A 1 170 ? 5.808   -4.615  -6.176  1.00 16.10  ? 170 THR A OG1 1 
ATOM   1314 C CG2 . THR A 1 170 ? 7.954   -4.826  -5.019  1.00 17.93  ? 170 THR A CG2 1 
ATOM   1315 N N   . GLN A 1 171 ? 8.369   -1.120  -5.010  1.00 15.78  ? 171 GLN A N   1 
ATOM   1316 C CA  . GLN A 1 171 ? 9.538   -0.390  -4.578  1.00 16.82  ? 171 GLN A CA  1 
ATOM   1317 C C   . GLN A 1 171 ? 9.196   0.562   -3.412  1.00 17.18  ? 171 GLN A C   1 
ATOM   1318 O O   . GLN A 1 171 ? 9.940   0.638   -2.420  1.00 16.37  ? 171 GLN A O   1 
ATOM   1319 C CB  . GLN A 1 171 ? 10.193  0.338   -5.757  1.00 17.02  ? 171 GLN A CB  1 
ATOM   1320 C CG  . GLN A 1 171 ? 10.864  -0.657  -6.711  1.00 22.93  ? 171 GLN A CG  1 
ATOM   1321 C CD  . GLN A 1 171 ? 11.738  0.018   -7.762  1.00 30.67  ? 171 GLN A CD  1 
ATOM   1322 O OE1 . GLN A 1 171 ? 11.221  0.552   -8.742  1.00 33.44  ? 171 GLN A OE1 1 
ATOM   1323 N NE2 . GLN A 1 171 ? 13.080  -0.030  -7.567  1.00 33.58  ? 171 GLN A NE2 1 
ATOM   1324 N N   . VAL A 1 172 ? 8.061   1.258   -3.490  1.00 16.57  ? 172 VAL A N   1 
ATOM   1325 C CA  . VAL A 1 172 ? 7.688   2.123   -2.355  1.00 16.64  ? 172 VAL A CA  1 
ATOM   1326 C C   . VAL A 1 172 ? 7.379   1.276   -1.123  1.00 17.81  ? 172 VAL A C   1 
ATOM   1327 O O   . VAL A 1 172 ? 7.700   1.696   -0.019  1.00 18.32  ? 172 VAL A O   1 
ATOM   1328 C CB  . VAL A 1 172 ? 6.481   3.040   -2.667  1.00 17.56  ? 172 VAL A CB  1 
ATOM   1329 C CG1 . VAL A 1 172 ? 6.157   3.863   -1.397  1.00 15.44  ? 172 VAL A CG1 1 
ATOM   1330 C CG2 . VAL A 1 172 ? 6.828   3.938   -3.856  1.00 16.10  ? 172 VAL A CG2 1 
ATOM   1331 N N   . GLY A 1 173 ? 6.821   0.071   -1.311  1.00 17.28  ? 173 GLY A N   1 
ATOM   1332 C CA  . GLY A 1 173 ? 6.561   -0.855  -0.165  1.00 17.78  ? 173 GLY A CA  1 
ATOM   1333 C C   . GLY A 1 173 ? 7.871   -1.203  0.539   1.00 17.78  ? 173 GLY A C   1 
ATOM   1334 O O   . GLY A 1 173 ? 7.952   -1.210  1.777   1.00 17.16  ? 173 GLY A O   1 
ATOM   1335 N N   . LEU A 1 174 ? 8.909   -1.497  -0.253  1.00 17.33  ? 174 LEU A N   1 
ATOM   1336 C CA  . LEU A 1 174 ? 10.251  -1.725  0.322   1.00 17.42  ? 174 LEU A CA  1 
ATOM   1337 C C   . LEU A 1 174 ? 10.742  -0.517  1.117   1.00 17.33  ? 174 LEU A C   1 
ATOM   1338 O O   . LEU A 1 174 ? 11.295  -0.679  2.222   1.00 17.19  ? 174 LEU A O   1 
ATOM   1339 C CB  . LEU A 1 174 ? 11.262  -2.085  -0.793  1.00 17.32  ? 174 LEU A CB  1 
ATOM   1340 C CG  . LEU A 1 174 ? 11.010  -3.427  -1.477  1.00 19.34  ? 174 LEU A CG  1 
ATOM   1341 C CD1 . LEU A 1 174 ? 11.887  -3.492  -2.787  1.00 18.51  ? 174 LEU A CD1 1 
ATOM   1342 C CD2 . LEU A 1 174 ? 11.338  -4.543  -0.505  1.00 22.24  ? 174 LEU A CD2 1 
ATOM   1343 N N   A GLN A 1 175 ? 10.507  0.684   0.587   0.50 17.22  ? 175 GLN A N   1 
ATOM   1344 N N   B GLN A 1 175 ? 10.537  0.682   0.575   0.50 16.96  ? 175 GLN A N   1 
ATOM   1345 C CA  A GLN A 1 175 ? 10.966  1.921   1.217   0.50 17.76  ? 175 GLN A CA  1 
ATOM   1346 C CA  B GLN A 1 175 ? 10.989  1.897   1.232   0.50 17.27  ? 175 GLN A CA  1 
ATOM   1347 C C   A GLN A 1 175 ? 10.224  2.223   2.519   0.50 17.32  ? 175 GLN A C   1 
ATOM   1348 C C   B GLN A 1 175 ? 10.250  2.080   2.557   0.50 16.97  ? 175 GLN A C   1 
ATOM   1349 O O   A GLN A 1 175 ? 10.823  2.746   3.468   0.50 16.88  ? 175 GLN A O   1 
ATOM   1350 O O   B GLN A 1 175 ? 10.884  2.352   3.573   0.50 16.82  ? 175 GLN A O   1 
ATOM   1351 C CB  A GLN A 1 175 ? 10.842  3.114   0.266   0.50 17.69  ? 175 GLN A CB  1 
ATOM   1352 C CB  B GLN A 1 175 ? 10.807  3.131   0.347   0.50 16.78  ? 175 GLN A CB  1 
ATOM   1353 C CG  A GLN A 1 175 ? 11.851  3.086   -0.909  0.50 19.27  ? 175 GLN A CG  1 
ATOM   1354 C CG  B GLN A 1 175 ? 11.706  3.150   -0.914  0.50 17.36  ? 175 GLN A CG  1 
ATOM   1355 C CD  A GLN A 1 175 ? 13.295  2.985   -0.435  0.50 21.05  ? 175 GLN A CD  1 
ATOM   1356 C CD  B GLN A 1 175 ? 11.538  4.413   -1.717  0.50 17.12  ? 175 GLN A CD  1 
ATOM   1357 O OE1 A GLN A 1 175 ? 14.083  2.174   -0.948  0.50 24.03  ? 175 GLN A OE1 1 
ATOM   1358 O OE1 B GLN A 1 175 ? 10.474  4.657   -2.293  0.50 16.96  ? 175 GLN A OE1 1 
ATOM   1359 N NE2 A GLN A 1 175 ? 13.648  3.794   0.540   0.50 21.47  ? 175 GLN A NE2 1 
ATOM   1360 N NE2 B GLN A 1 175 ? 12.589  5.240   -1.754  0.50 17.03  ? 175 GLN A NE2 1 
ATOM   1361 N N   . PHE A 1 176 ? 8.922   1.934   2.532   1.00 17.14  ? 176 PHE A N   1 
ATOM   1362 C CA  . PHE A 1 176 ? 8.111   2.059   3.782   1.00 18.34  ? 176 PHE A CA  1 
ATOM   1363 C C   . PHE A 1 176 ? 8.664   1.102   4.851   1.00 19.52  ? 176 PHE A C   1 
ATOM   1364 O O   . PHE A 1 176 ? 8.833   1.484   6.039   1.00 19.87  ? 176 PHE A O   1 
ATOM   1365 C CB  . PHE A 1 176 ? 6.624   1.791   3.531   1.00 18.24  ? 176 PHE A CB  1 
ATOM   1366 C CG  . PHE A 1 176 ? 5.907   2.917   2.838   1.00 18.55  ? 176 PHE A CG  1 
ATOM   1367 C CD1 . PHE A 1 176 ? 6.527   4.152   2.604   1.00 17.68  ? 176 PHE A CD1 1 
ATOM   1368 C CD2 . PHE A 1 176 ? 4.563   2.770   2.489   1.00 17.89  ? 176 PHE A CD2 1 
ATOM   1369 C CE1 . PHE A 1 176 ? 5.828   5.210   1.986   1.00 20.96  ? 176 PHE A CE1 1 
ATOM   1370 C CE2 . PHE A 1 176 ? 3.867   3.810   1.890   1.00 19.58  ? 176 PHE A CE2 1 
ATOM   1371 C CZ  . PHE A 1 176 ? 4.494   5.029   1.631   1.00 19.59  ? 176 PHE A CZ  1 
ATOM   1372 N N   . GLY A 1 177 ? 9.002   -0.109  4.419   1.00 19.75  ? 177 GLY A N   1 
ATOM   1373 C CA  . GLY A 1 177 ? 9.604   -1.120  5.300   1.00 21.07  ? 177 GLY A CA  1 
ATOM   1374 C C   . GLY A 1 177 ? 10.920  -0.662  5.932   1.00 22.52  ? 177 GLY A C   1 
ATOM   1375 O O   . GLY A 1 177 ? 11.146  -0.823  7.160   1.00 21.63  ? 177 GLY A O   1 
ATOM   1376 N N   . ILE A 1 178 ? 11.780  -0.081  5.098   1.00 22.47  ? 178 ILE A N   1 
ATOM   1377 C CA  . ILE A 1 178 ? 13.041  0.507   5.564   1.00 23.30  ? 178 ILE A CA  1 
ATOM   1378 C C   . ILE A 1 178 ? 12.795  1.672   6.540   1.00 23.51  ? 178 ILE A C   1 
ATOM   1379 O O   . ILE A 1 178 ? 13.519  1.816   7.544   1.00 23.74  ? 178 ILE A O   1 
ATOM   1380 C CB  . ILE A 1 178 ? 13.907  0.988   4.388   1.00 23.16  ? 178 ILE A CB  1 
ATOM   1381 C CG1 . ILE A 1 178 ? 14.391  -0.221  3.560   1.00 22.85  ? 178 ILE A CG1 1 
ATOM   1382 C CG2 . ILE A 1 178 ? 15.109  1.841   4.903   1.00 25.15  ? 178 ILE A CG2 1 
ATOM   1383 C CD1 . ILE A 1 178 ? 15.087  0.218   2.271   1.00 23.82  ? 178 ILE A CD1 1 
ATOM   1384 N N   . ALA A 1 179 ? 11.798  2.493   6.229   1.00 23.57  ? 179 ALA A N   1 
ATOM   1385 C CA  . ALA A 1 179 ? 11.413  3.639   7.076   1.00 23.75  ? 179 ALA A CA  1 
ATOM   1386 C C   . ALA A 1 179 ? 11.068  3.151   8.490   1.00 24.53  ? 179 ALA A C   1 
ATOM   1387 O O   . ALA A 1 179 ? 11.564  3.710   9.508   1.00 25.39  ? 179 ALA A O   1 
ATOM   1388 C CB  . ALA A 1 179 ? 10.223  4.376   6.468   1.00 22.84  ? 179 ALA A CB  1 
ATOM   1389 N N   . ILE A 1 180 ? 10.246  2.098   8.550   1.00 24.23  ? 180 ILE A N   1 
ATOM   1390 C CA  . ILE A 1 180 ? 9.793   1.542   9.822   1.00 25.79  ? 180 ILE A CA  1 
ATOM   1391 C C   . ILE A 1 180 ? 10.979  0.922   10.564  1.00 26.77  ? 180 ILE A C   1 
ATOM   1392 O O   . ILE A 1 180 ? 11.195  1.223   11.740  1.00 27.05  ? 180 ILE A O   1 
ATOM   1393 C CB  . ILE A 1 180 ? 8.699   0.495   9.604   1.00 25.11  ? 180 ILE A CB  1 
ATOM   1394 C CG1 . ILE A 1 180 ? 7.481   1.150   8.956   1.00 23.69  ? 180 ILE A CG1 1 
ATOM   1395 C CG2 . ILE A 1 180 ? 8.301   -0.223  10.926  1.00 26.01  ? 180 ILE A CG2 1 
ATOM   1396 C CD1 . ILE A 1 180 ? 6.517   0.163   8.382   1.00 25.77  ? 180 ILE A CD1 1 
ATOM   1397 N N   . SER A 1 181 ? 11.751  0.085   9.854   1.00 27.22  ? 181 SER A N   1 
ATOM   1398 C CA  . SER A 1 181 ? 12.958  -0.547  10.407  1.00 28.88  ? 181 SER A CA  1 
ATOM   1399 C C   . SER A 1 181 ? 13.947  0.471   10.957  1.00 30.02  ? 181 SER A C   1 
ATOM   1400 O O   . SER A 1 181 ? 14.484  0.291   12.057  1.00 30.64  ? 181 SER A O   1 
ATOM   1401 C CB  . SER A 1 181 ? 13.681  -1.390  9.350   1.00 28.42  ? 181 SER A CB  1 
ATOM   1402 O OG  . SER A 1 181 ? 12.883  -2.488  8.965   1.00 33.30  ? 181 SER A OG  1 
ATOM   1403 N N   . HIS A 1 182 ? 14.211  1.526   10.193  1.00 30.34  ? 182 HIS A N   1 
ATOM   1404 C CA  . HIS A 1 182 ? 15.166  2.544   10.601  1.00 31.61  ? 182 HIS A CA  1 
ATOM   1405 C C   . HIS A 1 182 ? 14.716  3.279   11.873  1.00 33.20  ? 182 HIS A C   1 
ATOM   1406 O O   . HIS A 1 182 ? 15.544  3.541   12.761  1.00 33.23  ? 182 HIS A O   1 
ATOM   1407 C CB  . HIS A 1 182 ? 15.429  3.533   9.469   1.00 30.86  ? 182 HIS A CB  1 
ATOM   1408 C CG  . HIS A 1 182 ? 16.480  4.555   9.790   1.00 31.49  ? 182 HIS A CG  1 
ATOM   1409 N ND1 . HIS A 1 182 ? 17.808  4.225   9.979   1.00 31.21  ? 182 HIS A ND1 1 
ATOM   1410 C CD2 . HIS A 1 182 ? 16.394  5.893   9.982   1.00 31.89  ? 182 HIS A CD2 1 
ATOM   1411 C CE1 . HIS A 1 182 ? 18.502  5.325   10.228  1.00 30.45  ? 182 HIS A CE1 1 
ATOM   1412 N NE2 . HIS A 1 182 ? 17.666  6.348   10.253  1.00 33.43  ? 182 HIS A NE2 1 
ATOM   1413 N N   . ALA A 1 183 ? 13.419  3.588   11.960  1.00 34.80  ? 183 ALA A N   1 
ATOM   1414 C CA  . ALA A 1 183 ? 12.844  4.258   13.123  1.00 37.79  ? 183 ALA A CA  1 
ATOM   1415 C C   . ALA A 1 183 ? 13.057  3.401   14.367  1.00 40.29  ? 183 ALA A C   1 
ATOM   1416 O O   . ALA A 1 183 ? 13.490  3.925   15.414  1.00 40.77  ? 183 ALA A O   1 
ATOM   1417 C CB  . ALA A 1 183 ? 11.375  4.549   12.915  1.00 37.57  ? 183 ALA A CB  1 
ATOM   1418 N N   . GLU A 1 184 ? 12.801  2.093   14.232  1.00 42.60  ? 184 GLU A N   1 
ATOM   1419 C CA  . GLU A 1 184 ? 13.075  1.109   15.288  1.00 46.13  ? 184 GLU A CA  1 
ATOM   1420 C C   . GLU A 1 184 ? 14.548  1.146   15.668  1.00 47.53  ? 184 GLU A C   1 
ATOM   1421 O O   . GLU A 1 184 ? 14.876  1.295   16.843  1.00 48.13  ? 184 GLU A O   1 
ATOM   1422 C CB  . GLU A 1 184 ? 12.638  -0.313  14.886  1.00 45.80  ? 184 GLU A CB  1 
ATOM   1423 C CG  . GLU A 1 184 ? 11.110  -0.476  14.755  1.00 47.56  ? 184 GLU A CG  1 
ATOM   1424 C CD  . GLU A 1 184 ? 10.629  -1.808  14.135  1.00 48.33  ? 184 GLU A CD  1 
ATOM   1425 O OE1 . GLU A 1 184 ? 11.454  -2.623  13.648  1.00 51.38  ? 184 GLU A OE1 1 
ATOM   1426 O OE2 . GLU A 1 184 ? 9.391   -2.035  14.133  1.00 51.20  ? 184 GLU A OE2 1 
ATOM   1427 N N   . TYR A 1 185 ? 15.430  1.045   14.674  1.00 49.73  ? 185 TYR A N   1 
ATOM   1428 C CA  . TYR A 1 185 ? 16.874  1.117   14.902  1.00 52.07  ? 185 TYR A CA  1 
ATOM   1429 C C   . TYR A 1 185 ? 17.303  2.358   15.678  1.00 53.52  ? 185 TYR A C   1 
ATOM   1430 O O   . TYR A 1 185 ? 18.019  2.233   16.668  1.00 53.78  ? 185 TYR A O   1 
ATOM   1431 C CB  . TYR A 1 185 ? 17.671  1.032   13.599  1.00 52.40  ? 185 TYR A CB  1 
ATOM   1432 C CG  . TYR A 1 185 ? 19.121  1.424   13.785  1.00 53.44  ? 185 TYR A CG  1 
ATOM   1433 C CD1 . TYR A 1 185 ? 20.031  0.537   14.376  1.00 53.87  ? 185 TYR A CD1 1 
ATOM   1434 C CD2 . TYR A 1 185 ? 19.580  2.691   13.399  1.00 54.34  ? 185 TYR A CD2 1 
ATOM   1435 C CE1 . TYR A 1 185 ? 21.367  0.895   14.567  1.00 54.48  ? 185 TYR A CE1 1 
ATOM   1436 C CE2 . TYR A 1 185 ? 20.913  3.067   13.590  1.00 55.01  ? 185 TYR A CE2 1 
ATOM   1437 C CZ  . TYR A 1 185 ? 21.799  2.160   14.172  1.00 54.78  ? 185 TYR A CZ  1 
ATOM   1438 O OH  . TYR A 1 185 ? 23.117  2.520   14.362  1.00 55.21  ? 185 TYR A OH  1 
ATOM   1439 N N   . LEU A 1 186 ? 16.881  3.543   15.227  1.00 55.31  ? 186 LEU A N   1 
ATOM   1440 C CA  . LEU A 1 186 ? 17.244  4.810   15.884  1.00 57.14  ? 186 LEU A CA  1 
ATOM   1441 C C   . LEU A 1 186 ? 16.865  4.825   17.369  1.00 58.89  ? 186 LEU A C   1 
ATOM   1442 O O   . LEU A 1 186 ? 17.377  5.636   18.141  1.00 59.33  ? 186 LEU A O   1 
ATOM   1443 C CB  . LEU A 1 186 ? 16.624  6.017   15.163  1.00 56.60  ? 186 LEU A CB  1 
ATOM   1444 C CG  . LEU A 1 186 ? 17.229  6.498   13.828  1.00 56.36  ? 186 LEU A CG  1 
ATOM   1445 C CD1 . LEU A 1 186 ? 16.390  7.612   13.230  1.00 55.15  ? 186 LEU A CD1 1 
ATOM   1446 C CD2 . LEU A 1 186 ? 18.688  6.948   13.954  1.00 54.55  ? 186 LEU A CD2 1 
ATOM   1447 N N   . GLU A 1 187 ? 15.995  3.902   17.764  1.00 61.06  ? 187 GLU A N   1 
ATOM   1448 C CA  . GLU A 1 187 ? 15.512  3.813   19.134  1.00 63.24  ? 187 GLU A CA  1 
ATOM   1449 C C   . GLU A 1 187 ? 15.683  2.386   19.688  1.00 64.32  ? 187 GLU A C   1 
ATOM   1450 O O   . GLU A 1 187 ? 14.696  1.652   19.694  1.00 64.92  ? 187 GLU A O   1 
ATOM   1451 C CB  . GLU A 1 187 ? 14.023  4.196   19.138  1.00 63.17  ? 187 GLU A CB  1 
ATOM   1452 C CG  . GLU A 1 187 ? 13.348  4.234   20.507  1.00 65.39  ? 187 GLU A CG  1 
ATOM   1453 C CD  . GLU A 1 187 ? 13.175  5.645   21.046  1.00 68.01  ? 187 GLU A CD  1 
ATOM   1454 O OE1 . GLU A 1 187 ? 14.019  6.520   20.737  1.00 69.63  ? 187 GLU A OE1 1 
ATOM   1455 O OE2 . GLU A 1 187 ? 12.187  5.880   21.780  1.00 69.39  ? 187 GLU A OE2 1 
ATOM   1456 N N   . GLN A 1 188 ? 16.857  1.930   20.165  1.00 65.64  ? 188 GLN A N   1 
ATOM   1457 C CA  . GLN A 1 188 ? 18.183  2.590   20.295  1.00 66.64  ? 188 GLN A CA  1 
ATOM   1458 C C   . GLN A 1 188 ? 18.299  4.026   20.827  1.00 67.34  ? 188 GLN A C   1 
ATOM   1459 O O   . GLN A 1 188 ? 19.323  4.707   20.598  1.00 67.43  ? 188 GLN A O   1 
ATOM   1460 C CB  . GLN A 1 188 ? 19.003  2.413   19.026  1.00 66.76  ? 188 GLN A CB  1 
ATOM   1461 C CG  . GLN A 1 188 ? 20.492  2.336   19.261  1.00 67.58  ? 188 GLN A CG  1 
ATOM   1462 C CD  . GLN A 1 188 ? 21.271  2.600   17.999  1.00 68.48  ? 188 GLN A CD  1 
ATOM   1463 O OE1 . GLN A 1 188 ? 21.120  3.653   17.371  1.00 69.34  ? 188 GLN A OE1 1 
ATOM   1464 N NE2 . GLN A 1 188 ? 22.117  1.646   17.615  1.00 68.77  ? 188 GLN A NE2 1 
ATOM   1465 N N   . THR A 1 189 ? 17.271  4.472   21.549  1.00 67.77  ? 189 THR A N   1 
ATOM   1466 C CA  . THR A 1 189 ? 17.336  5.707   22.345  1.00 67.89  ? 189 THR A CA  1 
ATOM   1467 C C   . THR A 1 189 ? 17.846  6.916   21.552  1.00 67.56  ? 189 THR A C   1 
ATOM   1468 O O   . THR A 1 189 ? 17.358  8.031   21.733  1.00 67.47  ? 189 THR A O   1 
ATOM   1469 C CB  . THR A 1 189 ? 18.195  5.497   23.625  1.00 67.81  ? 189 THR A CB  1 
ATOM   1470 O OG1 . THR A 1 189 ? 17.810  4.269   24.265  1.00 67.77  ? 189 THR A OG1 1 
ATOM   1471 C CG2 . THR A 1 189 ? 18.020  6.663   24.600  1.00 68.34  ? 189 THR A CG2 1 
HETATM 1472 C CHA . CYC B 2 .   ? -8.180  -13.654 0.404   1.00 30.47  ? 201 CYC A CHA 1 
HETATM 1473 N NA  . CYC B 2 .   ? -8.161  -11.342 1.407   1.00 28.02  ? 201 CYC A NA  1 
HETATM 1474 C C1A . CYC B 2 .   ? -7.703  -12.346 0.634   1.00 30.07  ? 201 CYC A C1A 1 
HETATM 1475 C C2A . CYC B 2 .   ? -6.575  -11.876 -0.048  1.00 30.12  ? 201 CYC A C2A 1 
HETATM 1476 C C3A . CYC B 2 .   ? -6.364  -10.568 0.390   1.00 30.39  ? 201 CYC A C3A 1 
HETATM 1477 C C4A . CYC B 2 .   ? -7.378  -10.248 1.307   1.00 28.04  ? 201 CYC A C4A 1 
HETATM 1478 C CMA . CYC B 2 .   ? -5.209  -9.654  -0.080  1.00 29.92  ? 201 CYC A CMA 1 
HETATM 1479 C CAA . CYC B 2 .   ? -5.724  -12.717 -1.029  1.00 30.63  ? 201 CYC A CAA 1 
HETATM 1480 C CBA . CYC B 2 .   ? -5.561  -12.241 -2.441  1.00 32.52  ? 201 CYC A CBA 1 
HETATM 1481 C CGA . CYC B 2 .   ? -4.302  -12.966 -2.948  1.00 33.79  ? 201 CYC A CGA 1 
HETATM 1482 O O1A . CYC B 2 .   ? -3.162  -12.533 -2.580  1.00 33.83  ? 201 CYC A O1A 1 
HETATM 1483 O O2A . CYC B 2 .   ? -4.526  -13.961 -3.682  1.00 35.09  ? 201 CYC A O2A 1 
HETATM 1484 C CHB . CYC B 2 .   ? -7.480  -9.042  2.017   1.00 26.69  ? 201 CYC A CHB 1 
HETATM 1485 N NB  . CYC B 2 .   ? -7.157  -7.115  0.476   1.00 23.44  ? 201 CYC A NB  1 
HETATM 1486 C C1B . CYC B 2 .   ? -7.181  -7.728  1.663   1.00 25.10  ? 201 CYC A C1B 1 
HETATM 1487 C C2B . CYC B 2 .   ? -6.867  -6.780  2.660   1.00 24.10  ? 201 CYC A C2B 1 
HETATM 1488 C C3B . CYC B 2 .   ? -6.646  -5.557  2.023   1.00 24.22  ? 201 CYC A C3B 1 
HETATM 1489 C C4B . CYC B 2 .   ? -6.857  -5.819  0.660   1.00 22.55  ? 201 CYC A C4B 1 
HETATM 1490 C CMB . CYC B 2 .   ? -6.769  -7.024  4.054   1.00 24.08  ? 201 CYC A CMB 1 
HETATM 1491 C CAB . CYC B 2 .   ? -6.237  -4.202  2.648   1.00 23.65  ? 201 CYC A CAB 1 
HETATM 1492 C CBB . CYC B 2 .   ? -4.791  -3.864  2.251   1.00 21.82  ? 201 CYC A CBB 1 
HETATM 1493 O OB  . CYC B 2 .   ? -6.790  -4.980  -0.246  1.00 21.30  ? 201 CYC A OB  1 
HETATM 1494 N NC  . CYC B 2 .   ? -12.227 -12.423 4.081   1.00 39.23  ? 201 CYC A NC  1 
HETATM 1495 C C1C . CYC B 2 .   ? -12.990 -11.744 4.938   1.00 42.40  ? 201 CYC A C1C 1 
HETATM 1496 C C2C . CYC B 2 .   ? -14.009 -12.618 5.679   1.00 43.53  ? 201 CYC A C2C 1 
HETATM 1497 C C3C . CYC B 2 .   ? -13.667 -13.997 5.137   1.00 41.52  ? 201 CYC A C3C 1 
HETATM 1498 C C4C . CYC B 2 .   ? -12.550 -13.724 4.079   1.00 40.15  ? 201 CYC A C4C 1 
HETATM 1499 C CMC . CYC B 2 .   ? -13.791 -12.554 7.200   1.00 46.65  ? 201 CYC A CMC 1 
HETATM 1500 C CAC . CYC B 2 .   ? -14.875 -14.810 4.627   1.00 41.51  ? 201 CYC A CAC 1 
HETATM 1501 C CBC . CYC B 2 .   ? -14.731 -16.297 4.973   1.00 40.96  ? 201 CYC A CBC 1 
HETATM 1502 O OC  . CYC B 2 .   ? -12.886 -10.533 5.098   1.00 42.37  ? 201 CYC A OC  1 
HETATM 1503 C CHD . CYC B 2 .   ? -12.028 -14.795 3.349   1.00 36.22  ? 201 CYC A CHD 1 
HETATM 1504 N ND  . CYC B 2 .   ? -10.091 -13.777 2.061   1.00 31.59  ? 201 CYC A ND  1 
HETATM 1505 C C1D . CYC B 2 .   ? -10.986 -14.727 2.411   1.00 35.35  ? 201 CYC A C1D 1 
HETATM 1506 C C2D . CYC B 2 .   ? -10.714 -15.861 1.637   1.00 34.43  ? 201 CYC A C2D 1 
HETATM 1507 C C3D . CYC B 2 .   ? -9.637  -15.578 0.800   1.00 32.70  ? 201 CYC A C3D 1 
HETATM 1508 C C4D . CYC B 2 .   ? -9.256  -14.246 1.100   1.00 32.81  ? 201 CYC A C4D 1 
HETATM 1509 C CMD . CYC B 2 .   ? -11.494 -17.197 1.700   1.00 34.44  ? 201 CYC A CMD 1 
HETATM 1510 C CAD . CYC B 2 .   ? -8.990  -16.537 -0.210  1.00 32.85  ? 201 CYC A CAD 1 
HETATM 1511 C CBD . CYC B 2 .   ? -9.881  -16.739 -1.416  1.00 33.09  ? 201 CYC A CBD 1 
HETATM 1512 C CGD . CYC B 2 .   ? -10.062 -15.424 -2.154  1.00 34.77  ? 201 CYC A CGD 1 
HETATM 1513 O O1D . CYC B 2 .   ? -11.149 -14.842 -1.990  1.00 36.26  ? 201 CYC A O1D 1 
HETATM 1514 O O2D . CYC B 2 .   ? -9.106  -15.023 -2.864  1.00 36.63  ? 201 CYC A O2D 1 
HETATM 1515 I I   . IOD C 3 .   ? 7.155   14.327  4.467   1.00 32.57  ? 202 IOD A I   1 
HETATM 1516 O O   . HOH D 4 .   ? -8.183  -8.399  -1.818  1.00 25.91  ? 301 HOH A O   1 
HETATM 1517 O O   . HOH D 4 .   ? -2.460  -14.549 -0.491  1.00 24.56  ? 302 HOH A O   1 
HETATM 1518 O O   . HOH D 4 .   ? -2.692  1.026   -16.008 1.00 21.89  ? 303 HOH A O   1 
HETATM 1519 O O   . HOH D 4 .   ? 13.676  -0.904  -5.013  1.00 22.18  ? 304 HOH A O   1 
HETATM 1520 O O   . HOH D 4 .   ? -0.033  -10.613 -9.897  1.00 26.95  ? 305 HOH A O   1 
HETATM 1521 O O   . HOH D 4 .   ? -6.480  -9.554  8.172   1.00 26.52  ? 306 HOH A O   1 
HETATM 1522 O O   . HOH D 4 .   ? -11.905 6.681   17.688  1.00 25.82  ? 307 HOH A O   1 
HETATM 1523 O O   . HOH D 4 .   ? -6.899  11.795  0.736   1.00 21.79  ? 308 HOH A O   1 
HETATM 1524 O O   . HOH D 4 .   ? -14.120 -5.136  -11.294 1.00 26.17  ? 309 HOH A O   1 
HETATM 1525 O O   . HOH D 4 .   ? 7.073   -8.293  -4.236  1.00 19.33  ? 310 HOH A O   1 
HETATM 1526 O O   . HOH D 4 .   ? -2.578  11.277  1.906   1.00 22.91  ? 311 HOH A O   1 
HETATM 1527 O O   . HOH D 4 .   ? 7.193   10.327  -3.919  1.00 26.68  ? 312 HOH A O   1 
HETATM 1528 O O   . HOH D 4 .   ? 8.672   12.136  -16.434 1.00 25.31  ? 313 HOH A O   1 
HETATM 1529 O O   . HOH D 4 .   ? 5.428   -0.923  -18.103 1.00 24.88  ? 314 HOH A O   1 
HETATM 1530 O O   . HOH D 4 .   ? 12.892  9.416   -23.133 1.00 23.68  ? 315 HOH A O   1 
HETATM 1531 O O   . HOH D 4 .   ? 6.372   -5.564  -10.993 1.00 22.94  ? 316 HOH A O   1 
HETATM 1532 O O   . HOH D 4 .   ? -8.497  3.513   9.594   1.00 22.83  ? 317 HOH A O   1 
HETATM 1533 O O   . HOH D 4 .   ? -3.517  -9.002  17.860  1.00 39.95  ? 318 HOH A O   1 
HETATM 1534 O O   . HOH D 4 .   ? 2.656   -4.600  11.925  1.00 23.67  ? 319 HOH A O   1 
HETATM 1535 O O   . HOH D 4 .   ? 7.059   -4.387  -1.619  1.00 19.81  ? 320 HOH A O   1 
HETATM 1536 O O   . HOH D 4 .   ? -2.758  -2.529  13.025  1.00 27.91  ? 321 HOH A O   1 
HETATM 1537 O O   . HOH D 4 .   ? -0.561  5.519   -14.313 1.00 24.30  ? 322 HOH A O   1 
HETATM 1538 O O   . HOH D 4 .   ? 12.827  6.255   9.685   1.00 33.07  ? 323 HOH A O   1 
HETATM 1539 O O   . HOH D 4 .   ? 11.909  -3.219  3.300   1.00 25.49  ? 324 HOH A O   1 
HETATM 1540 O O   . HOH D 4 .   ? -7.938  6.213   10.962  1.00 21.94  ? 325 HOH A O   1 
HETATM 1541 O O   . HOH D 4 .   ? 7.496   11.670  -9.997  1.00 23.99  ? 326 HOH A O   1 
HETATM 1542 O O   . HOH D 4 .   ? 12.770  0.409   -3.087  1.00 25.22  ? 327 HOH A O   1 
HETATM 1543 O O   . HOH D 4 .   ? -4.285  12.627  -0.212  1.00 31.91  ? 328 HOH A O   1 
HETATM 1544 O O   . HOH D 4 .   ? 10.750  -7.035  -3.663  1.00 22.67  ? 329 HOH A O   1 
HETATM 1545 O O   . HOH D 4 .   ? 3.249   -4.381  -18.629 1.00 30.94  ? 330 HOH A O   1 
HETATM 1546 O O   . HOH D 4 .   ? -8.573  9.484   4.345   1.00 27.80  ? 331 HOH A O   1 
HETATM 1547 O O   . HOH D 4 .   ? 6.751   -6.086  -8.326  1.00 25.68  ? 332 HOH A O   1 
HETATM 1548 O O   . HOH D 4 .   ? -11.452 1.884   -2.528  1.00 26.68  ? 333 HOH A O   1 
HETATM 1549 O O   . HOH D 4 .   ? 10.102  2.406   -9.387  1.00 30.54  ? 334 HOH A O   1 
HETATM 1550 O O   . HOH D 4 .   ? -12.752 12.077  11.206  1.00 33.81  ? 335 HOH A O   1 
HETATM 1551 O O   . HOH D 4 .   ? -5.539  -9.454  -13.514 1.00 34.27  ? 336 HOH A O   1 
HETATM 1552 O O   . HOH D 4 .   ? -13.306 -13.141 -8.419  1.00 35.38  ? 337 HOH A O   1 
HETATM 1553 O O   . HOH D 4 .   ? 6.639   -12.399 8.745   1.00 33.82  ? 338 HOH A O   1 
HETATM 1554 O O   . HOH D 4 .   ? 1.565   2.999   11.693  1.00 42.49  ? 339 HOH A O   1 
HETATM 1555 O O   . HOH D 4 .   ? 10.472  -6.881  -6.406  1.00 19.35  ? 340 HOH A O   1 
HETATM 1556 O O   . HOH D 4 .   ? 8.474   -6.813  -2.130  1.00 19.12  ? 341 HOH A O   1 
HETATM 1557 O O   . HOH D 4 .   ? -7.854  -10.018 -13.226 1.00 38.80  ? 342 HOH A O   1 
HETATM 1558 O O   . HOH D 4 .   ? 8.119   -8.194  -6.819  1.00 18.17  ? 343 HOH A O   1 
HETATM 1559 O O   . HOH D 4 .   ? -5.258  6.279   -16.101 1.00 61.61  ? 344 HOH A O   1 
HETATM 1560 O O   . HOH D 4 .   ? -16.011 -13.819 -8.969  1.00 58.09  ? 345 HOH A O   1 
HETATM 1561 O O   . HOH D 4 .   ? -20.849 -18.470 -0.463  1.00 56.94  ? 346 HOH A O   1 
HETATM 1562 O O   . HOH D 4 .   ? 12.747  6.285   16.220  1.00 42.54  ? 347 HOH A O   1 
HETATM 1563 O O   . HOH D 4 .   ? 12.816  13.027  -6.869  1.00 34.46  ? 348 HOH A O   1 
HETATM 1564 O O   . HOH D 4 .   ? 17.261  7.695   -5.154  1.00 42.68  ? 349 HOH A O   1 
HETATM 1565 O O   . HOH D 4 .   ? 16.983  13.936  2.231   1.00 58.02  ? 350 HOH A O   1 
HETATM 1566 O O   . HOH D 4 .   ? 15.041  11.515  9.039   1.00 70.65  ? 351 HOH A O   1 
HETATM 1567 O O   . HOH D 4 .   ? 18.912  9.844   8.508   1.00 46.68  ? 352 HOH A O   1 
HETATM 1568 O O   . HOH D 4 .   ? -1.026  11.910  8.610   1.00 62.01  ? 353 HOH A O   1 
HETATM 1569 O O   . HOH D 4 .   ? -8.376  -4.727  -17.134 1.00 78.22  ? 354 HOH A O   1 
HETATM 1570 O O   . HOH D 4 .   ? 5.885   -5.407  -19.341 1.00 49.56  ? 355 HOH A O   1 
HETATM 1571 O O   . HOH D 4 .   ? 6.698   12.373  -5.963  1.00 33.56  ? 356 HOH A O   1 
HETATM 1572 O O   . HOH D 4 .   ? 8.583   1.737   -12.021 1.00 31.25  ? 357 HOH A O   1 
HETATM 1573 O O   . HOH D 4 .   ? 2.539   -6.408  -13.539 1.00 31.09  ? 358 HOH A O   1 
HETATM 1574 O O   . HOH D 4 .   ? 12.524  7.674   -20.370 1.00 28.67  ? 359 HOH A O   1 
HETATM 1575 O O   . HOH D 4 .   ? 8.621   13.088  -7.801  1.00 37.96  ? 360 HOH A O   1 
HETATM 1576 O O   . HOH D 4 .   ? 12.621  8.547   8.464   1.00 32.74  ? 361 HOH A O   1 
HETATM 1577 O O   . HOH D 4 .   ? 9.164   15.060  10.959  1.00 48.16  ? 362 HOH A O   1 
HETATM 1578 O O   . HOH D 4 .   ? 7.206   8.098   13.370  1.00 44.10  ? 363 HOH A O   1 
HETATM 1579 O O   . HOH D 4 .   ? 8.620   12.103  14.647  1.00 46.84  ? 364 HOH A O   1 
HETATM 1580 O O   . HOH D 4 .   ? -0.599  14.966  2.056   1.00 45.75  ? 365 HOH A O   1 
HETATM 1581 O O   . HOH D 4 .   ? -0.201  14.054  6.700   1.00 50.78  ? 366 HOH A O   1 
HETATM 1582 O O   . HOH D 4 .   ? 6.864   10.962  -0.950  1.00 30.55  ? 367 HOH A O   1 
HETATM 1583 O O   . HOH D 4 .   ? 2.020   8.533   -14.216 1.00 31.90  ? 368 HOH A O   1 
HETATM 1584 O O   . HOH D 4 .   ? 2.284   6.701   -18.035 1.00 30.74  ? 369 HOH A O   1 
HETATM 1585 O O   . HOH D 4 .   ? -7.242  6.167   -14.395 1.00 40.87  ? 370 HOH A O   1 
HETATM 1586 O O   . HOH D 4 .   ? -9.700  2.163   -14.848 1.00 47.58  ? 371 HOH A O   1 
HETATM 1587 O O   . HOH D 4 .   ? -11.421 7.126   -11.272 1.00 47.43  ? 372 HOH A O   1 
HETATM 1588 O O   . HOH D 4 .   ? -10.375 9.542   -7.731  1.00 32.44  ? 373 HOH A O   1 
HETATM 1589 O O   . HOH D 4 .   ? -12.485 11.102  -7.843  1.00 37.19  ? 374 HOH A O   1 
HETATM 1590 O O   . HOH D 4 .   ? -10.010 13.747  -6.452  1.00 37.85  ? 375 HOH A O   1 
HETATM 1591 O O   . HOH D 4 .   ? 3.196   -2.935  14.275  1.00 40.12  ? 376 HOH A O   1 
HETATM 1592 O O   . HOH D 4 .   ? 5.252   -0.201  13.831  1.00 42.67  ? 377 HOH A O   1 
HETATM 1593 O O   . HOH D 4 .   ? 4.387   -6.355  12.914  1.00 40.18  ? 378 HOH A O   1 
HETATM 1594 O O   . HOH D 4 .   ? -6.800  -3.262  14.070  1.00 43.16  ? 379 HOH A O   1 
HETATM 1595 O O   . HOH D 4 .   ? 1.775   -9.718  12.932  1.00 39.43  ? 380 HOH A O   1 
HETATM 1596 O O   . HOH D 4 .   ? -2.712  -16.831 13.004  1.00 49.66  ? 381 HOH A O   1 
HETATM 1597 O O   . HOH D 4 .   ? -13.132 11.343  -0.527  1.00 35.19  ? 382 HOH A O   1 
HETATM 1598 O O   . HOH D 4 .   ? -15.247 13.324  -1.303  1.00 42.38  ? 383 HOH A O   1 
HETATM 1599 O O   . HOH D 4 .   ? -16.676 4.876   -1.382  1.00 35.50  ? 384 HOH A O   1 
HETATM 1600 O O   . HOH D 4 .   ? 2.156   8.151   -16.873 1.00 58.54  ? 385 HOH A O   1 
HETATM 1601 O O   . HOH D 4 .   ? 1.082   2.053   -20.662 1.00 38.27  ? 386 HOH A O   1 
HETATM 1602 O O   . HOH D 4 .   ? 3.781   -0.123  -20.311 1.00 33.43  ? 387 HOH A O   1 
HETATM 1603 O O   . HOH D 4 .   ? -11.882 4.538   16.273  1.00 38.54  ? 388 HOH A O   1 
HETATM 1604 O O   . HOH D 4 .   ? -14.707 2.374   8.394   1.00 29.44  ? 389 HOH A O   1 
HETATM 1605 O O   . HOH D 4 .   ? -13.795 -1.140  10.991  1.00 31.32  ? 390 HOH A O   1 
HETATM 1606 O O   . HOH D 4 .   ? -14.267 -5.104  6.869   1.00 55.63  ? 391 HOH A O   1 
HETATM 1607 O O   . HOH D 4 .   ? -13.948 -9.148  7.220   1.00 46.32  ? 392 HOH A O   1 
HETATM 1608 O O   . HOH D 4 .   ? -18.394 -10.574 3.719   1.00 45.48  ? 393 HOH A O   1 
HETATM 1609 O O   . HOH D 4 .   ? -13.284 -7.286  9.038   1.00 43.46  ? 394 HOH A O   1 
HETATM 1610 O O   . HOH D 4 .   ? -1.010  -18.772 1.199   1.00 32.38  ? 395 HOH A O   1 
HETATM 1611 O O   . HOH D 4 .   ? 4.283   -14.332 8.635   1.00 55.73  ? 396 HOH A O   1 
HETATM 1612 O O   . HOH D 4 .   ? -2.194  -6.622  -15.091 1.00 32.52  ? 397 HOH A O   1 
HETATM 1613 O O   . HOH D 4 .   ? -1.686  -5.279  -18.561 1.00 46.15  ? 398 HOH A O   1 
HETATM 1614 O O   . HOH D 4 .   ? -4.134  -14.535 -9.700  1.00 57.03  ? 399 HOH A O   1 
HETATM 1615 O O   . HOH D 4 .   ? -10.071 -2.980  -18.020 1.00 43.10  ? 400 HOH A O   1 
HETATM 1616 O O   . HOH D 4 .   ? -7.081  0.123   -18.180 1.00 39.88  ? 401 HOH A O   1 
HETATM 1617 O O   . HOH D 4 .   ? -2.918  -0.757  -19.890 1.00 33.58  ? 402 HOH A O   1 
HETATM 1618 O O   . HOH D 4 .   ? -7.459  -7.999  -17.920 1.00 42.42  ? 403 HOH A O   1 
HETATM 1619 O O   . HOH D 4 .   ? -9.020  -9.563  -16.052 1.00 55.02  ? 404 HOH A O   1 
HETATM 1620 O O   . HOH D 4 .   ? -4.504  -17.559 -8.670  1.00 50.25  ? 405 HOH A O   1 
HETATM 1621 O O   . HOH D 4 .   ? -17.441 -16.415 0.623   1.00 41.97  ? 406 HOH A O   1 
HETATM 1622 O O   . HOH D 4 .   ? -20.255 -10.841 -4.637  1.00 53.26  ? 407 HOH A O   1 
HETATM 1623 O O   . HOH D 4 .   ? -16.558 -2.379  -6.370  1.00 34.62  ? 408 HOH A O   1 
HETATM 1624 O O   . HOH D 4 .   ? -18.327 -3.903  -8.192  1.00 39.13  ? 409 HOH A O   1 
HETATM 1625 O O   . HOH D 4 .   ? -18.579 -3.160  -11.110 1.00 40.57  ? 410 HOH A O   1 
HETATM 1626 O O   . HOH D 4 .   ? -16.399 -4.015  -12.513 1.00 32.62  ? 411 HOH A O   1 
HETATM 1627 O O   . HOH D 4 .   ? -14.991 -1.112  -15.845 1.00 42.38  ? 412 HOH A O   1 
HETATM 1628 O O   . HOH D 4 .   ? -16.854 6.336   -11.002 1.00 44.69  ? 413 HOH A O   1 
HETATM 1629 O O   . HOH D 4 .   ? -12.235 3.846   -14.705 1.00 40.66  ? 414 HOH A O   1 
HETATM 1630 O O   . HOH D 4 .   ? 6.304   0.661   -22.218 1.00 58.33  ? 415 HOH A O   1 
HETATM 1631 O O   . HOH D 4 .   ? 2.074   0.854   -21.356 1.00 50.21  ? 416 HOH A O   1 
HETATM 1632 O O   . HOH D 4 .   ? 1.372   3.683   -18.333 1.00 32.61  ? 417 HOH A O   1 
HETATM 1633 O O   . HOH D 4 .   ? -0.751  3.211   -17.174 1.00 33.53  ? 418 HOH A O   1 
HETATM 1634 O O   . HOH D 4 .   ? 8.842   -6.603  0.759   1.00 35.02  ? 419 HOH A O   1 
HETATM 1635 O O   . HOH D 4 .   ? 13.003  -3.290  5.926   1.00 37.50  ? 420 HOH A O   1 
HETATM 1636 O O   . HOH D 4 .   ? -15.325 12.842  3.812   1.00 37.43  ? 421 HOH A O   1 
HETATM 1637 O O   . HOH D 4 .   ? 18.407  12.058  -27.420 1.00 41.46  ? 422 HOH A O   1 
HETATM 1638 O O   . HOH D 4 .   ? 2.491   -7.653  14.847  1.00 47.81  ? 423 HOH A O   1 
HETATM 1639 O O   . HOH D 4 .   ? -17.474 8.736   -7.139  1.00 48.51  ? 424 HOH A O   1 
HETATM 1640 O O   . HOH D 4 .   ? -15.615 10.271  3.835   1.00 33.00  ? 425 HOH A O   1 
HETATM 1641 O O   . HOH D 4 .   ? -5.582  10.482  10.670  1.00 58.01  ? 426 HOH A O   1 
HETATM 1642 O O   . HOH D 4 .   ? -2.686  -9.618  -13.156 1.00 42.10  ? 427 HOH A O   1 
HETATM 1643 O O   . HOH D 4 .   ? -3.529  -12.065 -10.242 1.00 52.59  ? 428 HOH A O   1 
HETATM 1644 O O   . HOH D 4 .   ? -10.049 -6.187  -17.270 1.00 50.17  ? 429 HOH A O   1 
HETATM 1645 O O   . HOH D 4 .   ? -12.118 -7.740  -17.093 1.00 42.75  ? 430 HOH A O   1 
HETATM 1646 O O   . HOH D 4 .   ? 9.355   2.031   -14.065 1.00 126.68 ? 431 HOH A O   1 
HETATM 1647 O O   . HOH D 4 .   ? 11.310  -2.948  -14.902 1.00 42.48  ? 432 HOH A O   1 
HETATM 1648 O O   . HOH D 4 .   ? 9.196   1.763   13.662  1.00 39.60  ? 433 HOH A O   1 
HETATM 1649 O O   . HOH D 4 .   ? 7.998   1.109   -18.900 1.00 47.35  ? 434 HOH A O   1 
HETATM 1650 O O   . HOH D 4 .   ? 17.393  13.147  -6.957  1.00 36.56  ? 435 HOH A O   1 
HETATM 1651 O O   . HOH D 4 .   ? 15.253  12.651  -5.505  1.00 52.46  ? 436 HOH A O   1 
HETATM 1652 O O   . HOH D 4 .   ? 14.876  10.746  11.164  1.00 59.12  ? 437 HOH A O   1 
HETATM 1653 O O   . HOH D 4 .   ? 12.080  15.688  11.159  1.00 50.29  ? 438 HOH A O   1 
HETATM 1654 O O   . HOH D 4 .   ? -2.528  8.872   8.572   1.00 40.86  ? 439 HOH A O   1 
HETATM 1655 O O   . HOH D 4 .   ? -3.393  6.513   11.308  1.00 35.93  ? 440 HOH A O   1 
HETATM 1656 O O   . HOH D 4 .   ? -5.241  13.422  -2.922  1.00 46.84  ? 441 HOH A O   1 
HETATM 1657 O O   . HOH D 4 .   ? 1.250   15.183  -4.304  1.00 55.72  ? 442 HOH A O   1 
HETATM 1658 O O   . HOH D 4 .   ? 1.916   14.609  -1.586  1.00 52.26  ? 443 HOH A O   1 
HETATM 1659 O O   . HOH D 4 .   ? 2.891   12.294  -7.781  1.00 37.59  ? 444 HOH A O   1 
HETATM 1660 O O   . HOH D 4 .   ? -14.423 3.744   -1.927  1.00 39.04  ? 445 HOH A O   1 
HETATM 1661 O O   . HOH D 4 .   ? 0.281   -0.752  17.863  1.00 60.35  ? 446 HOH A O   1 
HETATM 1662 O O   . HOH D 4 .   ? -1.389  -4.082  16.778  1.00 50.45  ? 447 HOH A O   1 
HETATM 1663 O O   . HOH D 4 .   ? 2.795   -15.267 13.570  1.00 44.49  ? 448 HOH A O   1 
HETATM 1664 O O   . HOH D 4 .   ? -5.573  -7.181  17.513  1.00 49.26  ? 449 HOH A O   1 
HETATM 1665 O O   . HOH D 4 .   ? -5.829  3.280   12.124  1.00 39.20  ? 450 HOH A O   1 
HETATM 1666 O O   . HOH D 4 .   ? -4.656  -15.374 13.964  1.00 53.27  ? 451 HOH A O   1 
HETATM 1667 O O   . HOH D 4 .   ? 3.166   -17.862 -1.908  1.00 58.43  ? 452 HOH A O   1 
HETATM 1668 O O   . HOH D 4 .   ? 7.657   -17.859 -3.980  1.00 46.75  ? 453 HOH A O   1 
HETATM 1669 O O   . HOH D 4 .   ? 10.141  -17.135 -4.375  1.00 35.73  ? 454 HOH A O   1 
HETATM 1670 O O   . HOH D 4 .   ? 12.927  -7.170  2.552   1.00 48.91  ? 455 HOH A O   1 
HETATM 1671 O O   . HOH D 4 .   ? 16.178  -6.858  6.432   1.00 64.67  ? 456 HOH A O   1 
HETATM 1672 O O   . HOH D 4 .   ? -6.803  -11.844 -11.877 1.00 36.17  ? 457 HOH A O   1 
HETATM 1673 O O   . HOH D 4 .   ? -13.245 -15.106 -11.208 1.00 57.53  ? 458 HOH A O   1 
HETATM 1674 O O   . HOH D 4 .   ? -9.162  -18.166 -10.708 1.00 60.84  ? 459 HOH A O   1 
HETATM 1675 O O   . HOH D 4 .   ? -19.751 -0.762  -4.750  1.00 46.61  ? 460 HOH A O   1 
HETATM 1676 O O   . HOH D 4 .   ? -19.833 -5.866  3.538   1.00 48.65  ? 461 HOH A O   1 
HETATM 1677 O O   . HOH D 4 .   ? -15.225 -1.177  7.946   1.00 46.59  ? 462 HOH A O   1 
HETATM 1678 O O   . HOH D 4 .   ? 8.724   -4.457  1.948   1.00 36.41  ? 463 HOH A O   1 
HETATM 1679 O O   . HOH D 4 .   ? 11.751  -1.909  -12.207 1.00 43.25  ? 464 HOH A O   1 
HETATM 1680 O O   . HOH D 4 .   ? 17.534  18.623  5.309   1.00 55.40  ? 465 HOH A O   1 
HETATM 1681 O O   . HOH D 4 .   ? -4.633  -2.032  16.556  1.00 59.33  ? 466 HOH A O   1 
HETATM 1682 O O   . HOH D 4 .   ? -9.110  13.342  0.876   1.00 47.45  ? 467 HOH A O   1 
HETATM 1683 O O   . HOH D 4 .   ? -10.596 13.133  -1.288  1.00 40.75  ? 468 HOH A O   1 
HETATM 1684 O O   . HOH D 4 .   ? -5.799  7.725   11.650  1.00 41.95  ? 469 HOH A O   1 
HETATM 1685 O O   . HOH D 4 .   ? -13.305 0.043   14.346  1.00 44.23  ? 470 HOH A O   1 
HETATM 1686 O O   . HOH D 4 .   ? -15.790 3.011   10.601  1.00 37.34  ? 471 HOH A O   1 
HETATM 1687 O O   . HOH D 4 .   ? 5.603   -22.112 3.156   1.00 44.77  ? 472 HOH A O   1 
HETATM 1688 O O   . HOH D 4 .   ? -20.705 -6.134  -11.325 1.00 50.42  ? 473 HOH A O   1 
HETATM 1689 O O   . HOH D 4 .   ? -20.668 -14.741 1.564   1.00 66.40  ? 474 HOH A O   1 
HETATM 1690 O O   . HOH D 4 .   ? -21.584 -6.933  1.866   1.00 94.19  ? 475 HOH A O   1 
HETATM 1691 O O   . HOH D 4 .   ? 19.349  14.412  0.134   1.00 37.42  ? 476 HOH A O   1 
HETATM 1692 O O   . HOH D 4 .   ? 11.943  7.105   -22.922 1.00 43.02  ? 477 HOH A O   1 
HETATM 1693 O O   . HOH D 4 .   ? 12.617  6.488   -19.261 1.00 37.83  ? 478 HOH A O   1 
HETATM 1694 O O   . HOH D 4 .   ? 6.023   12.886  -12.714 1.00 39.45  ? 479 HOH A O   1 
HETATM 1695 O O   . HOH D 4 .   ? 19.117  14.874  -2.320  1.00 49.37  ? 480 HOH A O   1 
HETATM 1696 O O   . HOH D 4 .   ? 19.142  13.919  1.274   1.00 29.65  ? 481 HOH A O   1 
HETATM 1697 O O   . HOH D 4 .   ? 12.771  15.786  2.227   1.00 53.38  ? 482 HOH A O   1 
HETATM 1698 O O   . HOH D 4 .   ? 10.252  16.384  3.046   1.00 58.51  ? 483 HOH A O   1 
HETATM 1699 O O   . HOH D 4 .   ? 1.847   11.064  -14.301 1.00 50.10  ? 484 HOH A O   1 
HETATM 1700 O O   . HOH D 4 .   ? -8.653  -4.287  15.697  1.00 55.40  ? 485 HOH A O   1 
# 
